data_1KZN
# 
_entry.id   1KZN 
# 
_audit_conform.dict_name       mmcif_pdbx.dic 
_audit_conform.dict_version    5.386 
_audit_conform.dict_location   http://mmcif.pdb.org/dictionaries/ascii/mmcif_pdbx.dic 
# 
loop_
_database_2.database_id 
_database_2.database_code 
_database_2.pdbx_database_accession 
_database_2.pdbx_DOI 
PDB   1KZN         pdb_00001kzn 10.2210/pdb1kzn/pdb 
RCSB  RCSB015510   ?            ?                   
WWPDB D_1000015510 ?            ?                   
# 
loop_
_pdbx_audit_revision_history.ordinal 
_pdbx_audit_revision_history.data_content_type 
_pdbx_audit_revision_history.major_revision 
_pdbx_audit_revision_history.minor_revision 
_pdbx_audit_revision_history.revision_date 
1 'Structure model' 1 0 2002-06-19 
2 'Structure model' 1 1 2008-04-28 
3 'Structure model' 1 2 2011-07-13 
4 'Structure model' 1 3 2024-02-14 
# 
_pdbx_audit_revision_details.ordinal             1 
_pdbx_audit_revision_details.revision_ordinal    1 
_pdbx_audit_revision_details.data_content_type   'Structure model' 
_pdbx_audit_revision_details.provider            repository 
_pdbx_audit_revision_details.type                'Initial release' 
_pdbx_audit_revision_details.description         ? 
_pdbx_audit_revision_details.details             ? 
# 
loop_
_pdbx_audit_revision_group.ordinal 
_pdbx_audit_revision_group.revision_ordinal 
_pdbx_audit_revision_group.data_content_type 
_pdbx_audit_revision_group.group 
1 2 'Structure model' 'Version format compliance' 
2 3 'Structure model' 'Version format compliance' 
3 4 'Structure model' 'Data collection'           
4 4 'Structure model' 'Database references'       
5 4 'Structure model' 'Derived calculations'      
# 
loop_
_pdbx_audit_revision_category.ordinal 
_pdbx_audit_revision_category.revision_ordinal 
_pdbx_audit_revision_category.data_content_type 
_pdbx_audit_revision_category.category 
1 4 'Structure model' chem_comp_atom 
2 4 'Structure model' chem_comp_bond 
3 4 'Structure model' database_2     
4 4 'Structure model' struct_site    
# 
loop_
_pdbx_audit_revision_item.ordinal 
_pdbx_audit_revision_item.revision_ordinal 
_pdbx_audit_revision_item.data_content_type 
_pdbx_audit_revision_item.item 
1 4 'Structure model' '_database_2.pdbx_DOI'                
2 4 'Structure model' '_database_2.pdbx_database_accession' 
3 4 'Structure model' '_struct_site.pdbx_auth_asym_id'      
4 4 'Structure model' '_struct_site.pdbx_auth_comp_id'      
5 4 'Structure model' '_struct_site.pdbx_auth_seq_id'       
# 
_pdbx_database_status.status_code                     REL 
_pdbx_database_status.entry_id                        1KZN 
_pdbx_database_status.recvd_initial_deposition_date   2002-02-07 
_pdbx_database_status.deposit_site                    RCSB 
_pdbx_database_status.process_site                    RCSB 
_pdbx_database_status.status_code_sf                  REL 
_pdbx_database_status.SG_entry                        . 
_pdbx_database_status.pdb_format_compatible           Y 
_pdbx_database_status.status_code_mr                  ? 
_pdbx_database_status.status_code_cs                  ? 
_pdbx_database_status.status_code_nmr_data            ? 
_pdbx_database_status.methods_development_category    ? 
# 
loop_
_audit_author.name 
_audit_author.pdbx_ordinal 
'Lafitte, D.'    1 
'Lamour, V.'     2 
'Tsvetkov, P.O.' 3 
'Makarov, A.A.'  4 
'Klich, M.'      5 
'Deprez, P.'     6 
'Moras, D.'      7 
'Briand, C.'     8 
'Gilli, R.'      9 
# 
_citation.id                        primary 
_citation.title                     
;DNA gyrase interaction with coumarin-based inhibitors: the role of the hydroxybenzoate isopentenyl moiety and the 5'-methyl group of the noviose.
;
_citation.journal_abbrev            Biochemistry 
_citation.journal_volume            41 
_citation.page_first                7217 
_citation.page_last                 7223 
_citation.year                      2002 
_citation.journal_id_ASTM           BICHAW 
_citation.country                   US 
_citation.journal_id_ISSN           0006-2960 
_citation.journal_id_CSD            0033 
_citation.book_publisher            ? 
_citation.pdbx_database_id_PubMed   12044152 
_citation.pdbx_database_id_DOI      10.1021/bi0159837 
# 
loop_
_citation_author.citation_id 
_citation_author.name 
_citation_author.ordinal 
_citation_author.identifier_ORCID 
primary 'Lafitte, D.'    1 ? 
primary 'Lamour, V.'     2 ? 
primary 'Tsvetkov, P.O.' 3 ? 
primary 'Makarov, A.A.'  4 ? 
primary 'Klich, M.'      5 ? 
primary 'Deprez, P.'     6 ? 
primary 'Moras, D.'      7 ? 
primary 'Briand, C.'     8 ? 
primary 'Gilli, R.'      9 ? 
# 
loop_
_entity.id 
_entity.type 
_entity.src_method 
_entity.pdbx_description 
_entity.formula_weight 
_entity.pdbx_number_of_molecules 
_entity.pdbx_ec 
_entity.pdbx_mutation 
_entity.pdbx_fragment 
_entity.details 
1 polymer     man 'DNA GYRASE SUBUNIT B' 22591.369 1   5.99.1.3 ? '24 kDa N-terminus domain' ? 
2 non-polymer syn CLOROBIOCIN            697.128   1   ?        ? ?                          ? 
3 water       nat water                  18.015    164 ?        ? ?                          ? 
# 
_entity_name_com.entity_id   1 
_entity_name_com.name        'gyrase B' 
# 
_entity_poly.entity_id                      1 
_entity_poly.type                           'polypeptide(L)' 
_entity_poly.nstd_linkage                   no 
_entity_poly.nstd_monomer                   no 
_entity_poly.pdbx_seq_one_letter_code       
;GLDAVRKRPGMYIGDTDDGTGLHHMVFEVVDNAIDEALAGHCKEIIVTIHADNSVSVQDDGRGIPTGIHPEEGVSAAEVI
MTVLHAGGKFDDNSYKVSGGLHGVGVSVVNALSQKLELVIQREGKIHRQIYEHGVPQAPLAVTGETEKTGTMVRFWPSLE
TFTNVTEFEYEILAKRLRELSFLNSGVSIRLRDKRDGKEDHFHYE
;
_entity_poly.pdbx_seq_one_letter_code_can   
;GLDAVRKRPGMYIGDTDDGTGLHHMVFEVVDNAIDEALAGHCKEIIVTIHADNSVSVQDDGRGIPTGIHPEEGVSAAEVI
MTVLHAGGKFDDNSYKVSGGLHGVGVSVVNALSQKLELVIQREGKIHRQIYEHGVPQAPLAVTGETEKTGTMVRFWPSLE
TFTNVTEFEYEILAKRLRELSFLNSGVSIRLRDKRDGKEDHFHYE
;
_entity_poly.pdbx_strand_id                 A 
_entity_poly.pdbx_target_identifier         ? 
# 
loop_
_pdbx_entity_nonpoly.entity_id 
_pdbx_entity_nonpoly.name 
_pdbx_entity_nonpoly.comp_id 
2 CLOROBIOCIN CBN 
3 water       HOH 
# 
loop_
_entity_poly_seq.entity_id 
_entity_poly_seq.num 
_entity_poly_seq.mon_id 
_entity_poly_seq.hetero 
1 1   GLY n 
1 2   LEU n 
1 3   ASP n 
1 4   ALA n 
1 5   VAL n 
1 6   ARG n 
1 7   LYS n 
1 8   ARG n 
1 9   PRO n 
1 10  GLY n 
1 11  MET n 
1 12  TYR n 
1 13  ILE n 
1 14  GLY n 
1 15  ASP n 
1 16  THR n 
1 17  ASP n 
1 18  ASP n 
1 19  GLY n 
1 20  THR n 
1 21  GLY n 
1 22  LEU n 
1 23  HIS n 
1 24  HIS n 
1 25  MET n 
1 26  VAL n 
1 27  PHE n 
1 28  GLU n 
1 29  VAL n 
1 30  VAL n 
1 31  ASP n 
1 32  ASN n 
1 33  ALA n 
1 34  ILE n 
1 35  ASP n 
1 36  GLU n 
1 37  ALA n 
1 38  LEU n 
1 39  ALA n 
1 40  GLY n 
1 41  HIS n 
1 42  CYS n 
1 43  LYS n 
1 44  GLU n 
1 45  ILE n 
1 46  ILE n 
1 47  VAL n 
1 48  THR n 
1 49  ILE n 
1 50  HIS n 
1 51  ALA n 
1 52  ASP n 
1 53  ASN n 
1 54  SER n 
1 55  VAL n 
1 56  SER n 
1 57  VAL n 
1 58  GLN n 
1 59  ASP n 
1 60  ASP n 
1 61  GLY n 
1 62  ARG n 
1 63  GLY n 
1 64  ILE n 
1 65  PRO n 
1 66  THR n 
1 67  GLY n 
1 68  ILE n 
1 69  HIS n 
1 70  PRO n 
1 71  GLU n 
1 72  GLU n 
1 73  GLY n 
1 74  VAL n 
1 75  SER n 
1 76  ALA n 
1 77  ALA n 
1 78  GLU n 
1 79  VAL n 
1 80  ILE n 
1 81  MET n 
1 82  THR n 
1 83  VAL n 
1 84  LEU n 
1 85  HIS n 
1 86  ALA n 
1 87  GLY n 
1 88  GLY n 
1 89  LYS n 
1 90  PHE n 
1 91  ASP n 
1 92  ASP n 
1 93  ASN n 
1 94  SER n 
1 95  TYR n 
1 96  LYS n 
1 97  VAL n 
1 98  SER n 
1 99  GLY n 
1 100 GLY n 
1 101 LEU n 
1 102 HIS n 
1 103 GLY n 
1 104 VAL n 
1 105 GLY n 
1 106 VAL n 
1 107 SER n 
1 108 VAL n 
1 109 VAL n 
1 110 ASN n 
1 111 ALA n 
1 112 LEU n 
1 113 SER n 
1 114 GLN n 
1 115 LYS n 
1 116 LEU n 
1 117 GLU n 
1 118 LEU n 
1 119 VAL n 
1 120 ILE n 
1 121 GLN n 
1 122 ARG n 
1 123 GLU n 
1 124 GLY n 
1 125 LYS n 
1 126 ILE n 
1 127 HIS n 
1 128 ARG n 
1 129 GLN n 
1 130 ILE n 
1 131 TYR n 
1 132 GLU n 
1 133 HIS n 
1 134 GLY n 
1 135 VAL n 
1 136 PRO n 
1 137 GLN n 
1 138 ALA n 
1 139 PRO n 
1 140 LEU n 
1 141 ALA n 
1 142 VAL n 
1 143 THR n 
1 144 GLY n 
1 145 GLU n 
1 146 THR n 
1 147 GLU n 
1 148 LYS n 
1 149 THR n 
1 150 GLY n 
1 151 THR n 
1 152 MET n 
1 153 VAL n 
1 154 ARG n 
1 155 PHE n 
1 156 TRP n 
1 157 PRO n 
1 158 SER n 
1 159 LEU n 
1 160 GLU n 
1 161 THR n 
1 162 PHE n 
1 163 THR n 
1 164 ASN n 
1 165 VAL n 
1 166 THR n 
1 167 GLU n 
1 168 PHE n 
1 169 GLU n 
1 170 TYR n 
1 171 GLU n 
1 172 ILE n 
1 173 LEU n 
1 174 ALA n 
1 175 LYS n 
1 176 ARG n 
1 177 LEU n 
1 178 ARG n 
1 179 GLU n 
1 180 LEU n 
1 181 SER n 
1 182 PHE n 
1 183 LEU n 
1 184 ASN n 
1 185 SER n 
1 186 GLY n 
1 187 VAL n 
1 188 SER n 
1 189 ILE n 
1 190 ARG n 
1 191 LEU n 
1 192 ARG n 
1 193 ASP n 
1 194 LYS n 
1 195 ARG n 
1 196 ASP n 
1 197 GLY n 
1 198 LYS n 
1 199 GLU n 
1 200 ASP n 
1 201 HIS n 
1 202 PHE n 
1 203 HIS n 
1 204 TYR n 
1 205 GLU n 
# 
_entity_src_gen.entity_id                          1 
_entity_src_gen.pdbx_src_id                        1 
_entity_src_gen.pdbx_alt_source_flag               sample 
_entity_src_gen.pdbx_seq_type                      ? 
_entity_src_gen.pdbx_beg_seq_num                   ? 
_entity_src_gen.pdbx_end_seq_num                   ? 
_entity_src_gen.gene_src_common_name               ? 
_entity_src_gen.gene_src_genus                     Escherichia 
_entity_src_gen.pdbx_gene_src_gene                 ? 
_entity_src_gen.gene_src_species                   ? 
_entity_src_gen.gene_src_strain                    ? 
_entity_src_gen.gene_src_tissue                    ? 
_entity_src_gen.gene_src_tissue_fraction           ? 
_entity_src_gen.gene_src_details                   ? 
_entity_src_gen.pdbx_gene_src_fragment             ? 
_entity_src_gen.pdbx_gene_src_scientific_name      'Escherichia coli' 
_entity_src_gen.pdbx_gene_src_ncbi_taxonomy_id     562 
_entity_src_gen.pdbx_gene_src_variant              ? 
_entity_src_gen.pdbx_gene_src_cell_line            ? 
_entity_src_gen.pdbx_gene_src_atcc                 ? 
_entity_src_gen.pdbx_gene_src_organ                ? 
_entity_src_gen.pdbx_gene_src_organelle            ? 
_entity_src_gen.pdbx_gene_src_cell                 ? 
_entity_src_gen.pdbx_gene_src_cellular_location    ? 
_entity_src_gen.host_org_common_name               ? 
_entity_src_gen.pdbx_host_org_scientific_name      'Escherichia coli' 
_entity_src_gen.pdbx_host_org_ncbi_taxonomy_id     562 
_entity_src_gen.host_org_genus                     Escherichia 
_entity_src_gen.pdbx_host_org_gene                 ? 
_entity_src_gen.pdbx_host_org_organ                ? 
_entity_src_gen.host_org_species                   ? 
_entity_src_gen.pdbx_host_org_tissue               ? 
_entity_src_gen.pdbx_host_org_tissue_fraction      ? 
_entity_src_gen.pdbx_host_org_strain               ? 
_entity_src_gen.pdbx_host_org_variant              ? 
_entity_src_gen.pdbx_host_org_cell_line            ? 
_entity_src_gen.pdbx_host_org_atcc                 ? 
_entity_src_gen.pdbx_host_org_culture_collection   ? 
_entity_src_gen.pdbx_host_org_cell                 ? 
_entity_src_gen.pdbx_host_org_organelle            ? 
_entity_src_gen.pdbx_host_org_cellular_location    ? 
_entity_src_gen.pdbx_host_org_vector_type          ? 
_entity_src_gen.pdbx_host_org_vector               ? 
_entity_src_gen.host_org_details                   ? 
_entity_src_gen.expression_system_id               ? 
_entity_src_gen.plasmid_name                       ? 
_entity_src_gen.plasmid_details                    ? 
_entity_src_gen.pdbx_description                   ? 
# 
loop_
_chem_comp.id 
_chem_comp.type 
_chem_comp.mon_nstd_flag 
_chem_comp.name 
_chem_comp.pdbx_synonyms 
_chem_comp.formula 
_chem_comp.formula_weight 
ALA 'L-peptide linking' y ALANINE         ? 'C3 H7 N O2'        89.093  
ARG 'L-peptide linking' y ARGININE        ? 'C6 H15 N4 O2 1'    175.209 
ASN 'L-peptide linking' y ASPARAGINE      ? 'C4 H8 N2 O3'       132.118 
ASP 'L-peptide linking' y 'ASPARTIC ACID' ? 'C4 H7 N O4'        133.103 
CBN non-polymer         . CLOROBIOCIN     ? 'C35 H37 Cl N2 O11' 697.128 
CYS 'L-peptide linking' y CYSTEINE        ? 'C3 H7 N O2 S'      121.158 
GLN 'L-peptide linking' y GLUTAMINE       ? 'C5 H10 N2 O3'      146.144 
GLU 'L-peptide linking' y 'GLUTAMIC ACID' ? 'C5 H9 N O4'        147.129 
GLY 'peptide linking'   y GLYCINE         ? 'C2 H5 N O2'        75.067  
HIS 'L-peptide linking' y HISTIDINE       ? 'C6 H10 N3 O2 1'    156.162 
HOH non-polymer         . WATER           ? 'H2 O'              18.015  
ILE 'L-peptide linking' y ISOLEUCINE      ? 'C6 H13 N O2'       131.173 
LEU 'L-peptide linking' y LEUCINE         ? 'C6 H13 N O2'       131.173 
LYS 'L-peptide linking' y LYSINE          ? 'C6 H15 N2 O2 1'    147.195 
MET 'L-peptide linking' y METHIONINE      ? 'C5 H11 N O2 S'     149.211 
PHE 'L-peptide linking' y PHENYLALANINE   ? 'C9 H11 N O2'       165.189 
PRO 'L-peptide linking' y PROLINE         ? 'C5 H9 N O2'        115.130 
SER 'L-peptide linking' y SERINE          ? 'C3 H7 N O3'        105.093 
THR 'L-peptide linking' y THREONINE       ? 'C4 H9 N O3'        119.119 
TRP 'L-peptide linking' y TRYPTOPHAN      ? 'C11 H12 N2 O2'     204.225 
TYR 'L-peptide linking' y TYROSINE        ? 'C9 H11 N O3'       181.189 
VAL 'L-peptide linking' y VALINE          ? 'C5 H11 N O2'       117.146 
# 
loop_
_pdbx_poly_seq_scheme.asym_id 
_pdbx_poly_seq_scheme.entity_id 
_pdbx_poly_seq_scheme.seq_id 
_pdbx_poly_seq_scheme.mon_id 
_pdbx_poly_seq_scheme.ndb_seq_num 
_pdbx_poly_seq_scheme.pdb_seq_num 
_pdbx_poly_seq_scheme.auth_seq_num 
_pdbx_poly_seq_scheme.pdb_mon_id 
_pdbx_poly_seq_scheme.auth_mon_id 
_pdbx_poly_seq_scheme.pdb_strand_id 
_pdbx_poly_seq_scheme.pdb_ins_code 
_pdbx_poly_seq_scheme.hetero 
A 1 1   GLY 1   15  15  GLY GLY A . n 
A 1 2   LEU 2   16  16  LEU LEU A . n 
A 1 3   ASP 3   17  17  ASP ASP A . n 
A 1 4   ALA 4   18  18  ALA ALA A . n 
A 1 5   VAL 5   19  19  VAL VAL A . n 
A 1 6   ARG 6   20  20  ARG ARG A . n 
A 1 7   LYS 7   21  21  LYS LYS A . n 
A 1 8   ARG 8   22  22  ARG ARG A . n 
A 1 9   PRO 9   23  23  PRO PRO A . n 
A 1 10  GLY 10  24  24  GLY GLY A . n 
A 1 11  MET 11  25  25  MET MET A . n 
A 1 12  TYR 12  26  26  TYR TYR A . n 
A 1 13  ILE 13  27  27  ILE ILE A . n 
A 1 14  GLY 14  28  28  GLY GLY A . n 
A 1 15  ASP 15  29  29  ASP ASP A . n 
A 1 16  THR 16  30  30  THR THR A . n 
A 1 17  ASP 17  31  31  ASP ASP A . n 
A 1 18  ASP 18  32  32  ASP ASP A . n 
A 1 19  GLY 19  33  33  GLY GLY A . n 
A 1 20  THR 20  34  34  THR THR A . n 
A 1 21  GLY 21  35  35  GLY GLY A . n 
A 1 22  LEU 22  36  36  LEU LEU A . n 
A 1 23  HIS 23  37  37  HIS HIS A . n 
A 1 24  HIS 24  38  38  HIS HIS A . n 
A 1 25  MET 25  39  39  MET MET A . n 
A 1 26  VAL 26  40  40  VAL VAL A . n 
A 1 27  PHE 27  41  41  PHE PHE A . n 
A 1 28  GLU 28  42  42  GLU GLU A . n 
A 1 29  VAL 29  43  43  VAL VAL A . n 
A 1 30  VAL 30  44  44  VAL VAL A . n 
A 1 31  ASP 31  45  45  ASP ASP A . n 
A 1 32  ASN 32  46  46  ASN ASN A . n 
A 1 33  ALA 33  47  47  ALA ALA A . n 
A 1 34  ILE 34  48  48  ILE ILE A . n 
A 1 35  ASP 35  49  49  ASP ASP A . n 
A 1 36  GLU 36  50  50  GLU GLU A . n 
A 1 37  ALA 37  51  51  ALA ALA A . n 
A 1 38  LEU 38  52  52  LEU LEU A . n 
A 1 39  ALA 39  53  53  ALA ALA A . n 
A 1 40  GLY 40  54  54  GLY GLY A . n 
A 1 41  HIS 41  55  55  HIS HIS A . n 
A 1 42  CYS 42  56  56  CYS CYS A . n 
A 1 43  LYS 43  57  57  LYS LYS A . n 
A 1 44  GLU 44  58  58  GLU GLU A . n 
A 1 45  ILE 45  59  59  ILE ILE A . n 
A 1 46  ILE 46  60  60  ILE ILE A . n 
A 1 47  VAL 47  61  61  VAL VAL A . n 
A 1 48  THR 48  62  62  THR THR A . n 
A 1 49  ILE 49  63  63  ILE ILE A . n 
A 1 50  HIS 50  64  64  HIS HIS A . n 
A 1 51  ALA 51  65  65  ALA ALA A . n 
A 1 52  ASP 52  66  66  ASP ASP A . n 
A 1 53  ASN 53  67  67  ASN ASN A . n 
A 1 54  SER 54  68  68  SER SER A . n 
A 1 55  VAL 55  69  69  VAL VAL A . n 
A 1 56  SER 56  70  70  SER SER A . n 
A 1 57  VAL 57  71  71  VAL VAL A . n 
A 1 58  GLN 58  72  72  GLN GLN A . n 
A 1 59  ASP 59  73  73  ASP ASP A . n 
A 1 60  ASP 60  74  74  ASP ASP A . n 
A 1 61  GLY 61  75  75  GLY GLY A . n 
A 1 62  ARG 62  76  76  ARG ARG A . n 
A 1 63  GLY 63  77  77  GLY GLY A . n 
A 1 64  ILE 64  78  78  ILE ILE A . n 
A 1 65  PRO 65  79  79  PRO PRO A . n 
A 1 66  THR 66  80  80  THR THR A . n 
A 1 67  GLY 67  81  81  GLY GLY A . n 
A 1 68  ILE 68  82  82  ILE ILE A . n 
A 1 69  HIS 69  82  ?   ?   ?   A A n 
A 1 70  PRO 70  82  ?   ?   ?   A B n 
A 1 71  GLU 71  82  ?   ?   ?   A C n 
A 1 72  GLU 72  82  ?   ?   ?   A D n 
A 1 73  GLY 73  83  83  GLY GLY A . n 
A 1 74  VAL 74  84  84  VAL VAL A . n 
A 1 75  SER 75  85  85  SER SER A . n 
A 1 76  ALA 76  86  86  ALA ALA A . n 
A 1 77  ALA 77  87  87  ALA ALA A . n 
A 1 78  GLU 78  88  88  GLU GLU A . n 
A 1 79  VAL 79  89  89  VAL VAL A . n 
A 1 80  ILE 80  90  90  ILE ILE A . n 
A 1 81  MET 81  91  91  MET MET A . n 
A 1 82  THR 82  92  92  THR THR A . n 
A 1 83  VAL 83  93  93  VAL VAL A . n 
A 1 84  LEU 84  94  94  LEU LEU A . n 
A 1 85  HIS 85  95  95  HIS HIS A . n 
A 1 86  ALA 86  96  96  ALA ALA A . n 
A 1 87  GLY 87  101 ?   ?   ?   A . n 
A 1 88  GLY 88  102 ?   ?   ?   A . n 
A 1 89  LYS 89  103 ?   ?   ?   A . n 
A 1 90  PHE 90  104 ?   ?   ?   A . n 
A 1 91  ASP 91  105 ?   ?   ?   A . n 
A 1 92  ASP 92  106 ?   ?   ?   A . n 
A 1 93  ASN 93  107 ?   ?   ?   A . n 
A 1 94  SER 94  108 ?   ?   ?   A . n 
A 1 95  TYR 95  109 ?   ?   ?   A . n 
A 1 96  LYS 96  110 ?   ?   ?   A . n 
A 1 97  VAL 97  111 ?   ?   ?   A . n 
A 1 98  SER 98  112 ?   ?   ?   A . n 
A 1 99  GLY 99  113 ?   ?   ?   A . n 
A 1 100 GLY 100 114 ?   ?   ?   A . n 
A 1 101 LEU 101 115 ?   ?   ?   A . n 
A 1 102 HIS 102 116 116 HIS HIS A . n 
A 1 103 GLY 103 117 117 GLY GLY A . n 
A 1 104 VAL 104 118 118 VAL VAL A . n 
A 1 105 GLY 105 119 119 GLY GLY A . n 
A 1 106 VAL 106 120 120 VAL VAL A . n 
A 1 107 SER 107 121 121 SER SER A . n 
A 1 108 VAL 108 122 122 VAL VAL A . n 
A 1 109 VAL 109 123 123 VAL VAL A . n 
A 1 110 ASN 110 124 124 ASN ASN A . n 
A 1 111 ALA 111 125 125 ALA ALA A . n 
A 1 112 LEU 112 126 126 LEU LEU A . n 
A 1 113 SER 113 127 127 SER SER A . n 
A 1 114 GLN 114 128 128 GLN GLN A . n 
A 1 115 LYS 115 129 129 LYS LYS A . n 
A 1 116 LEU 116 130 130 LEU LEU A . n 
A 1 117 GLU 117 131 131 GLU GLU A . n 
A 1 118 LEU 118 132 132 LEU LEU A . n 
A 1 119 VAL 119 133 133 VAL VAL A . n 
A 1 120 ILE 120 134 134 ILE ILE A . n 
A 1 121 GLN 121 135 135 GLN GLN A . n 
A 1 122 ARG 122 136 136 ARG ARG A . n 
A 1 123 GLU 123 137 137 GLU GLU A . n 
A 1 124 GLY 124 138 138 GLY GLY A . n 
A 1 125 LYS 125 139 139 LYS LYS A . n 
A 1 126 ILE 126 140 140 ILE ILE A . n 
A 1 127 HIS 127 141 141 HIS HIS A . n 
A 1 128 ARG 128 142 142 ARG ARG A . n 
A 1 129 GLN 129 143 143 GLN GLN A . n 
A 1 130 ILE 130 144 144 ILE ILE A . n 
A 1 131 TYR 131 145 145 TYR TYR A . n 
A 1 132 GLU 132 146 146 GLU GLU A . n 
A 1 133 HIS 133 147 147 HIS HIS A . n 
A 1 134 GLY 134 148 148 GLY GLY A . n 
A 1 135 VAL 135 149 149 VAL VAL A . n 
A 1 136 PRO 136 150 150 PRO PRO A . n 
A 1 137 GLN 137 151 151 GLN GLN A . n 
A 1 138 ALA 138 152 152 ALA ALA A . n 
A 1 139 PRO 139 153 153 PRO PRO A . n 
A 1 140 LEU 140 154 154 LEU LEU A . n 
A 1 141 ALA 141 155 155 ALA ALA A . n 
A 1 142 VAL 142 156 156 VAL VAL A . n 
A 1 143 THR 143 157 157 THR THR A . n 
A 1 144 GLY 144 158 158 GLY GLY A . n 
A 1 145 GLU 145 159 159 GLU GLU A . n 
A 1 146 THR 146 160 160 THR THR A . n 
A 1 147 GLU 147 161 161 GLU GLU A . n 
A 1 148 LYS 148 162 162 LYS LYS A . n 
A 1 149 THR 149 163 163 THR THR A . n 
A 1 150 GLY 150 164 164 GLY GLY A . n 
A 1 151 THR 151 165 165 THR THR A . n 
A 1 152 MET 152 166 166 MET MET A . n 
A 1 153 VAL 153 167 167 VAL VAL A . n 
A 1 154 ARG 154 168 168 ARG ARG A . n 
A 1 155 PHE 155 169 169 PHE PHE A . n 
A 1 156 TRP 156 170 170 TRP TRP A . n 
A 1 157 PRO 157 171 171 PRO PRO A . n 
A 1 158 SER 158 172 172 SER SER A . n 
A 1 159 LEU 159 173 173 LEU LEU A . n 
A 1 160 GLU 160 174 174 GLU GLU A . n 
A 1 161 THR 161 175 175 THR THR A . n 
A 1 162 PHE 162 176 176 PHE PHE A . n 
A 1 163 THR 163 177 177 THR THR A . n 
A 1 164 ASN 164 178 178 ASN ASN A . n 
A 1 165 VAL 165 179 179 VAL VAL A . n 
A 1 166 THR 166 180 180 THR THR A . n 
A 1 167 GLU 167 181 181 GLU GLU A . n 
A 1 168 PHE 168 182 182 PHE PHE A . n 
A 1 169 GLU 169 183 183 GLU GLU A . n 
A 1 170 TYR 170 184 184 TYR TYR A . n 
A 1 171 GLU 171 185 185 GLU GLU A . n 
A 1 172 ILE 172 186 186 ILE ILE A . n 
A 1 173 LEU 173 187 187 LEU LEU A . n 
A 1 174 ALA 174 188 188 ALA ALA A . n 
A 1 175 LYS 175 189 189 LYS LYS A . n 
A 1 176 ARG 176 190 190 ARG ARG A . n 
A 1 177 LEU 177 191 191 LEU LEU A . n 
A 1 178 ARG 178 192 192 ARG ARG A . n 
A 1 179 GLU 179 193 193 GLU GLU A . n 
A 1 180 LEU 180 194 194 LEU LEU A . n 
A 1 181 SER 181 195 195 SER SER A . n 
A 1 182 PHE 182 196 196 PHE PHE A . n 
A 1 183 LEU 183 197 197 LEU LEU A . n 
A 1 184 ASN 184 198 198 ASN ASP A . n 
A 1 185 SER 185 199 199 SER SER A . n 
A 1 186 GLY 186 200 200 GLY GLY A . n 
A 1 187 VAL 187 201 201 VAL VAL A . n 
A 1 188 SER 188 202 202 SER SER A . n 
A 1 189 ILE 189 203 203 ILE ILE A . n 
A 1 190 ARG 190 204 204 ARG ARG A . n 
A 1 191 LEU 191 205 205 LEU LEU A . n 
A 1 192 ARG 192 206 206 ARG ARG A . n 
A 1 193 ASP 193 207 207 ASP ASP A . n 
A 1 194 LYS 194 208 208 LYS LYS A . n 
A 1 195 ARG 195 209 209 ARG ARG A . n 
A 1 196 ASP 196 210 210 ASP ASP A . n 
A 1 197 GLY 197 211 211 GLY GLY A . n 
A 1 198 LYS 198 212 212 LYS LYS A . n 
A 1 199 GLU 199 213 213 GLU GLU A . n 
A 1 200 ASP 200 214 214 ASP ASP A . n 
A 1 201 HIS 201 215 215 HIS HIS A . n 
A 1 202 PHE 202 216 216 PHE PHE A . n 
A 1 203 HIS 203 217 217 HIS HIS A . n 
A 1 204 TYR 204 218 218 TYR TYR A . n 
A 1 205 GLU 205 219 219 GLU GLU A . n 
# 
loop_
_pdbx_nonpoly_scheme.asym_id 
_pdbx_nonpoly_scheme.entity_id 
_pdbx_nonpoly_scheme.mon_id 
_pdbx_nonpoly_scheme.ndb_seq_num 
_pdbx_nonpoly_scheme.pdb_seq_num 
_pdbx_nonpoly_scheme.auth_seq_num 
_pdbx_nonpoly_scheme.pdb_mon_id 
_pdbx_nonpoly_scheme.auth_mon_id 
_pdbx_nonpoly_scheme.pdb_strand_id 
_pdbx_nonpoly_scheme.pdb_ins_code 
B 2 CBN 1   1    1    CBN CLO A . 
C 3 HOH 1   1001 1001 HOH WAT A . 
C 3 HOH 2   1002 1002 HOH WAT A . 
C 3 HOH 3   1003 1003 HOH WAT A . 
C 3 HOH 4   1004 1004 HOH WAT A . 
C 3 HOH 5   1006 1006 HOH WAT A . 
C 3 HOH 6   1007 1007 HOH WAT A . 
C 3 HOH 7   1008 1008 HOH WAT A . 
C 3 HOH 8   1009 1009 HOH WAT A . 
C 3 HOH 9   1010 1010 HOH WAT A . 
C 3 HOH 10  1011 1011 HOH WAT A . 
C 3 HOH 11  1012 1012 HOH WAT A . 
C 3 HOH 12  1013 1013 HOH WAT A . 
C 3 HOH 13  1014 1014 HOH WAT A . 
C 3 HOH 14  1015 1015 HOH WAT A . 
C 3 HOH 15  1016 1016 HOH WAT A . 
C 3 HOH 16  1017 1017 HOH WAT A . 
C 3 HOH 17  1018 1018 HOH WAT A . 
C 3 HOH 18  1019 1019 HOH WAT A . 
C 3 HOH 19  1020 1020 HOH WAT A . 
C 3 HOH 20  1021 1021 HOH WAT A . 
C 3 HOH 21  1022 1022 HOH WAT A . 
C 3 HOH 22  1023 1023 HOH WAT A . 
C 3 HOH 23  1024 1024 HOH WAT A . 
C 3 HOH 24  1025 1025 HOH WAT A . 
C 3 HOH 25  1026 1026 HOH WAT A . 
C 3 HOH 26  1027 1027 HOH WAT A . 
C 3 HOH 27  1028 1028 HOH WAT A . 
C 3 HOH 28  1029 1029 HOH WAT A . 
C 3 HOH 29  1030 1030 HOH WAT A . 
C 3 HOH 30  1031 1031 HOH WAT A . 
C 3 HOH 31  1032 1032 HOH WAT A . 
C 3 HOH 32  1033 1033 HOH WAT A . 
C 3 HOH 33  1034 1034 HOH WAT A . 
C 3 HOH 34  1036 1036 HOH WAT A . 
C 3 HOH 35  1037 1037 HOH WAT A . 
C 3 HOH 36  1039 1039 HOH WAT A . 
C 3 HOH 37  1040 1040 HOH WAT A . 
C 3 HOH 38  1041 1041 HOH WAT A . 
C 3 HOH 39  1043 1043 HOH WAT A . 
C 3 HOH 40  1044 1044 HOH WAT A . 
C 3 HOH 41  1046 1046 HOH WAT A . 
C 3 HOH 42  1047 1047 HOH WAT A . 
C 3 HOH 43  1049 1049 HOH WAT A . 
C 3 HOH 44  1050 1050 HOH WAT A . 
C 3 HOH 45  1053 1053 HOH WAT A . 
C 3 HOH 46  1054 1054 HOH WAT A . 
C 3 HOH 47  1057 1057 HOH WAT A . 
C 3 HOH 48  1058 1058 HOH WAT A . 
C 3 HOH 49  1059 1059 HOH WAT A . 
C 3 HOH 50  1061 1061 HOH WAT A . 
C 3 HOH 51  1063 1063 HOH WAT A . 
C 3 HOH 52  1064 1064 HOH WAT A . 
C 3 HOH 53  1065 1065 HOH WAT A . 
C 3 HOH 54  1066 1066 HOH WAT A . 
C 3 HOH 55  1068 1068 HOH WAT A . 
C 3 HOH 56  1070 1070 HOH WAT A . 
C 3 HOH 57  1071 1071 HOH WAT A . 
C 3 HOH 58  1072 1072 HOH WAT A . 
C 3 HOH 59  1073 1073 HOH WAT A . 
C 3 HOH 60  1074 1074 HOH WAT A . 
C 3 HOH 61  1075 1075 HOH WAT A . 
C 3 HOH 62  1076 1076 HOH WAT A . 
C 3 HOH 63  1078 1078 HOH WAT A . 
C 3 HOH 64  1081 1081 HOH WAT A . 
C 3 HOH 65  1082 1082 HOH WAT A . 
C 3 HOH 66  1084 1084 HOH WAT A . 
C 3 HOH 67  1087 1087 HOH WAT A . 
C 3 HOH 68  1088 1088 HOH WAT A . 
C 3 HOH 69  1089 1089 HOH WAT A . 
C 3 HOH 70  1090 1090 HOH WAT A . 
C 3 HOH 71  1092 1092 HOH WAT A . 
C 3 HOH 72  1093 1093 HOH WAT A . 
C 3 HOH 73  1097 1097 HOH WAT A . 
C 3 HOH 74  1099 1099 HOH WAT A . 
C 3 HOH 75  1100 1100 HOH WAT A . 
C 3 HOH 76  1101 1101 HOH WAT A . 
C 3 HOH 77  1102 1102 HOH WAT A . 
C 3 HOH 78  1103 1103 HOH WAT A . 
C 3 HOH 79  1104 1104 HOH WAT A . 
C 3 HOH 80  1105 1105 HOH WAT A . 
C 3 HOH 81  1106 1106 HOH WAT A . 
C 3 HOH 82  1107 1107 HOH WAT A . 
C 3 HOH 83  1108 1108 HOH WAT A . 
C 3 HOH 84  1109 1109 HOH WAT A . 
C 3 HOH 85  1110 1110 HOH WAT A . 
C 3 HOH 86  1111 1111 HOH WAT A . 
C 3 HOH 87  1113 1113 HOH WAT A . 
C 3 HOH 88  1114 1114 HOH WAT A . 
C 3 HOH 89  1118 1118 HOH WAT A . 
C 3 HOH 90  1119 1119 HOH WAT A . 
C 3 HOH 91  1121 1121 HOH WAT A . 
C 3 HOH 92  1122 1122 HOH WAT A . 
C 3 HOH 93  1123 1123 HOH WAT A . 
C 3 HOH 94  1124 1124 HOH WAT A . 
C 3 HOH 95  1126 1126 HOH WAT A . 
C 3 HOH 96  1127 1127 HOH WAT A . 
C 3 HOH 97  1128 1128 HOH WAT A . 
C 3 HOH 98  1129 1129 HOH WAT A . 
C 3 HOH 99  1130 1130 HOH WAT A . 
C 3 HOH 100 1131 1131 HOH WAT A . 
C 3 HOH 101 1132 1132 HOH WAT A . 
C 3 HOH 102 1134 1134 HOH WAT A . 
C 3 HOH 103 1135 1135 HOH WAT A . 
C 3 HOH 104 1136 1136 HOH WAT A . 
C 3 HOH 105 1137 1137 HOH WAT A . 
C 3 HOH 106 1138 1138 HOH WAT A . 
C 3 HOH 107 1139 1139 HOH WAT A . 
C 3 HOH 108 1140 1140 HOH WAT A . 
C 3 HOH 109 1141 1141 HOH WAT A . 
C 3 HOH 110 1142 1142 HOH WAT A . 
C 3 HOH 111 1143 1143 HOH WAT A . 
C 3 HOH 112 1144 1144 HOH WAT A . 
C 3 HOH 113 1145 1145 HOH WAT A . 
C 3 HOH 114 1146 1146 HOH WAT A . 
C 3 HOH 115 1147 1147 HOH WAT A . 
C 3 HOH 116 1148 1148 HOH WAT A . 
C 3 HOH 117 1149 1149 HOH WAT A . 
C 3 HOH 118 1150 1150 HOH WAT A . 
C 3 HOH 119 1151 1151 HOH WAT A . 
C 3 HOH 120 1152 1152 HOH WAT A . 
C 3 HOH 121 1154 1154 HOH WAT A . 
C 3 HOH 122 1155 1155 HOH WAT A . 
C 3 HOH 123 1156 1156 HOH WAT A . 
C 3 HOH 124 1157 1157 HOH WAT A . 
C 3 HOH 125 1158 1158 HOH WAT A . 
C 3 HOH 126 1159 1159 HOH WAT A . 
C 3 HOH 127 1160 1160 HOH WAT A . 
C 3 HOH 128 1161 1161 HOH WAT A . 
C 3 HOH 129 1162 1162 HOH WAT A . 
C 3 HOH 130 1164 1164 HOH WAT A . 
C 3 HOH 131 1165 1165 HOH WAT A . 
C 3 HOH 132 1166 1166 HOH WAT A . 
C 3 HOH 133 1167 1167 HOH WAT A . 
C 3 HOH 134 1168 1168 HOH WAT A . 
C 3 HOH 135 1169 1169 HOH WAT A . 
C 3 HOH 136 1171 1171 HOH WAT A . 
C 3 HOH 137 1172 1172 HOH WAT A . 
C 3 HOH 138 1173 1173 HOH WAT A . 
C 3 HOH 139 1174 1174 HOH WAT A . 
C 3 HOH 140 1175 1175 HOH WAT A . 
C 3 HOH 141 1176 1176 HOH WAT A . 
C 3 HOH 142 1177 1177 HOH WAT A . 
C 3 HOH 143 1178 1178 HOH WAT A . 
C 3 HOH 144 1179 1179 HOH WAT A . 
C 3 HOH 145 1180 1180 HOH WAT A . 
C 3 HOH 146 1181 1181 HOH WAT A . 
C 3 HOH 147 1182 1182 HOH WAT A . 
C 3 HOH 148 1183 1183 HOH WAT A . 
C 3 HOH 149 1184 1184 HOH WAT A . 
C 3 HOH 150 1185 1185 HOH WAT A . 
C 3 HOH 151 1186 1186 HOH WAT A . 
C 3 HOH 152 1187 1187 HOH WAT A . 
C 3 HOH 153 1188 1188 HOH WAT A . 
C 3 HOH 154 1189 1189 HOH WAT A . 
C 3 HOH 155 1190 1190 HOH WAT A . 
C 3 HOH 156 1191 1191 HOH WAT A . 
C 3 HOH 157 1192 1192 HOH WAT A . 
C 3 HOH 158 1193 1193 HOH WAT A . 
C 3 HOH 159 1194 1194 HOH WAT A . 
C 3 HOH 160 1195 1195 HOH WAT A . 
C 3 HOH 161 1196 1196 HOH WAT A . 
C 3 HOH 162 1197 1197 HOH WAT A . 
C 3 HOH 163 1198 1198 HOH WAT A . 
C 3 HOH 164 1199 1199 HOH WAT A . 
# 
loop_
_software.name 
_software.classification 
_software.version 
_software.citation_id 
_software.pdbx_ordinal 
AMoRE     phasing          .   ? 1 
CNS       refinement       1.1 ? 2 
DENZO     'data reduction' .   ? 3 
SCALEPACK 'data scaling'   .   ? 4 
# 
_cell.entry_id           1KZN 
_cell.length_a           40.714 
_cell.length_b           47.629 
_cell.length_c           111.599 
_cell.angle_alpha        90.00 
_cell.angle_beta         90.00 
_cell.angle_gamma        90.00 
_cell.Z_PDB              4 
_cell.pdbx_unique_axis   ? 
# 
_symmetry.entry_id                         1KZN 
_symmetry.space_group_name_H-M             'P 21 21 21' 
_symmetry.pdbx_full_space_group_name_H-M   ? 
_symmetry.cell_setting                     ? 
_symmetry.Int_Tables_number                19 
# 
_exptl.entry_id          1KZN 
_exptl.method            'X-RAY DIFFRACTION' 
_exptl.crystals_number   1 
# 
_exptl_crystal.id                    1 
_exptl_crystal.density_meas          ? 
_exptl_crystal.density_percent_sol   48.63 
_exptl_crystal.density_Matthews      2.39 
_exptl_crystal.description           ? 
# 
_exptl_crystal_grow.crystal_id      1 
_exptl_crystal_grow.method          'VAPOR DIFFUSION, HANGING DROP' 
_exptl_crystal_grow.temp            297 
_exptl_crystal_grow.temp_details    ? 
_exptl_crystal_grow.pH              7.5 
_exptl_crystal_grow.pdbx_details    'PEG 20000,propanol-2,HEPES, pH 7.5, VAPOR DIFFUSION, HANGING DROP, temperature 297K' 
_exptl_crystal_grow.pdbx_pH_range   . 
# 
_diffrn.id                     1 
_diffrn.ambient_temp           140 
_diffrn.ambient_temp_details   ? 
_diffrn.crystal_id             1 
# 
_diffrn_detector.diffrn_id              1 
_diffrn_detector.detector               'IMAGE PLATE' 
_diffrn_detector.type                   ? 
_diffrn_detector.pdbx_collection_date   1996-10-09 
_diffrn_detector.details                ? 
# 
_diffrn_radiation.diffrn_id                        1 
_diffrn_radiation.wavelength_id                    1 
_diffrn_radiation.monochromator                    ? 
_diffrn_radiation.pdbx_monochromatic_or_laue_m_l   M 
_diffrn_radiation.pdbx_diffrn_protocol             'SINGLE WAVELENGTH' 
_diffrn_radiation.pdbx_scattering_type             x-ray 
# 
_diffrn_radiation_wavelength.id           1 
_diffrn_radiation_wavelength.wavelength   0.938 
_diffrn_radiation_wavelength.wt           1.0 
# 
_diffrn_source.diffrn_id                   1 
_diffrn_source.source                      SYNCHROTRON 
_diffrn_source.type                        'LURE BEAMLINE DW32' 
_diffrn_source.pdbx_synchrotron_site       LURE 
_diffrn_source.pdbx_synchrotron_beamline   DW32 
_diffrn_source.pdbx_wavelength             ? 
_diffrn_source.pdbx_wavelength_list        0.938 
# 
_reflns.entry_id                     1KZN 
_reflns.observed_criterion_sigma_I   0 
_reflns.observed_criterion_sigma_F   0 
_reflns.d_resolution_low             30.0 
_reflns.d_resolution_high            2.0 
_reflns.number_obs                   16938 
_reflns.number_all                   ? 
_reflns.percent_possible_obs         85.0 
_reflns.pdbx_Rmerge_I_obs            ? 
_reflns.pdbx_Rsym_value              ? 
_reflns.pdbx_netI_over_sigmaI        ? 
_reflns.B_iso_Wilson_estimate        12.8 
_reflns.pdbx_redundancy              ? 
_reflns.R_free_details               ? 
_reflns.limit_h_max                  ? 
_reflns.limit_h_min                  ? 
_reflns.limit_k_max                  ? 
_reflns.limit_k_min                  ? 
_reflns.limit_l_max                  ? 
_reflns.limit_l_min                  ? 
_reflns.observed_criterion_F_max     ? 
_reflns.observed_criterion_F_min     ? 
_reflns.pdbx_diffrn_id               1 
_reflns.pdbx_ordinal                 1 
# 
_reflns_shell.d_res_high             2.30 
_reflns_shell.d_res_low              2.44 
_reflns_shell.percent_possible_all   90.0 
_reflns_shell.Rmerge_I_obs           ? 
_reflns_shell.pdbx_Rsym_value        ? 
_reflns_shell.meanI_over_sigI_obs    ? 
_reflns_shell.pdbx_redundancy        ? 
_reflns_shell.percent_possible_obs   ? 
_reflns_shell.number_unique_all      ? 
_reflns_shell.pdbx_diffrn_id         ? 
_reflns_shell.pdbx_ordinal           1 
# 
_refine.entry_id                                 1KZN 
_refine.ls_number_reflns_obs                     9166 
_refine.ls_number_reflns_all                     11826 
_refine.pdbx_ls_sigma_I                          ? 
_refine.pdbx_ls_sigma_F                          0.0 
_refine.pdbx_data_cutoff_high_absF               1321043.85 
_refine.pdbx_data_cutoff_low_absF                0.000000 
_refine.ls_d_res_low                             14.79 
_refine.ls_d_res_high                            2.30 
_refine.ls_percent_reflns_obs                    90.6 
_refine.ls_R_factor_obs                          0.2390000 
_refine.ls_R_factor_all                          ? 
_refine.ls_R_factor_R_work                       0.2390000 
_refine.ls_R_factor_R_free                       0.2670000 
_refine.ls_R_factor_R_free_error                 0.013 
_refine.ls_R_factor_R_free_error_details         ? 
_refine.ls_percent_reflns_R_free                 5.0 
_refine.ls_number_reflns_R_free                  454 
_refine.ls_number_parameters                     ? 
_refine.ls_number_restraints                     ? 
_refine.occupancy_min                            ? 
_refine.occupancy_max                            ? 
_refine.B_iso_mean                               21.0 
_refine.aniso_B[1][1]                            2.45 
_refine.aniso_B[2][2]                            -0.67 
_refine.aniso_B[3][3]                            -1.78 
_refine.aniso_B[1][2]                            0.00 
_refine.aniso_B[1][3]                            0.00 
_refine.aniso_B[2][3]                            0.00 
_refine.solvent_model_details                    'FLAT MODEL' 
_refine.solvent_model_param_ksol                 0.479534 
_refine.solvent_model_param_bsol                 110.201 
_refine.pdbx_ls_cross_valid_method               THROUGHOUT 
_refine.details                                  ? 
_refine.pdbx_starting_model                      ? 
_refine.pdbx_method_to_determine_struct          'MOLECULAR REPLACEMENT' 
_refine.pdbx_isotropic_thermal_model             RESTRAINED 
_refine.pdbx_stereochemistry_target_values       ? 
_refine.pdbx_stereochem_target_val_spec_case     ? 
_refine.pdbx_R_Free_selection_details            'RANDOM 5%' 
_refine.pdbx_overall_ESU_R_Free                  ? 
_refine.overall_SU_B                             ? 
_refine.ls_redundancy_reflns_obs                 ? 
_refine.B_iso_min                                ? 
_refine.B_iso_max                                ? 
_refine.correlation_coeff_Fo_to_Fc               ? 
_refine.overall_SU_R_Cruickshank_DPI             ? 
_refine.overall_SU_R_free                        ? 
_refine.overall_SU_ML                            ? 
_refine.pdbx_overall_ESU_R                       ? 
_refine.pdbx_data_cutoff_high_rms_absF           ? 
_refine.correlation_coeff_Fo_to_Fc_free          ? 
_refine.pdbx_solvent_vdw_probe_radii             ? 
_refine.pdbx_solvent_ion_probe_radii             ? 
_refine.pdbx_solvent_shrinkage_radii             ? 
_refine.pdbx_refine_id                           'X-RAY DIFFRACTION' 
_refine.pdbx_diffrn_id                           1 
_refine.pdbx_TLS_residual_ADP_flag               ? 
_refine.pdbx_overall_phase_error                 ? 
_refine.pdbx_overall_SU_R_free_Cruickshank_DPI   ? 
_refine.pdbx_overall_SU_R_Blow_DPI               ? 
_refine.pdbx_overall_SU_R_free_Blow_DPI          ? 
# 
_refine_analyze.entry_id                        1KZN 
_refine_analyze.Luzzati_coordinate_error_obs    0.30 
_refine_analyze.Luzzati_sigma_a_obs             0.27 
_refine_analyze.Luzzati_d_res_low_obs           5.00 
_refine_analyze.Luzzati_coordinate_error_free   0.35 
_refine_analyze.Luzzati_sigma_a_free            0.24 
_refine_analyze.Luzzati_d_res_low_free          ? 
_refine_analyze.number_disordered_residues      ? 
_refine_analyze.occupancy_sum_hydrogen          ? 
_refine_analyze.occupancy_sum_non_hydrogen      ? 
_refine_analyze.pdbx_Luzzati_d_res_high_obs     ? 
_refine_analyze.pdbx_refine_id                  'X-RAY DIFFRACTION' 
# 
_refine_hist.pdbx_refine_id                   'X-RAY DIFFRACTION' 
_refine_hist.cycle_id                         LAST 
_refine_hist.pdbx_number_atoms_protein        1446 
_refine_hist.pdbx_number_atoms_nucleic_acid   0 
_refine_hist.pdbx_number_atoms_ligand         49 
_refine_hist.number_atoms_solvent             164 
_refine_hist.number_atoms_total               1659 
_refine_hist.d_res_high                       2.30 
_refine_hist.d_res_low                        14.79 
# 
loop_
_refine_ls_restr.type 
_refine_ls_restr.dev_ideal 
_refine_ls_restr.dev_ideal_target 
_refine_ls_restr.weight 
_refine_ls_restr.number 
_refine_ls_restr.pdbx_refine_id 
_refine_ls_restr.pdbx_restraint_function 
c_bond_d           0.009 ?    ? ? 'X-RAY DIFFRACTION' ? 
c_angle_deg        1.3   ?    ? ? 'X-RAY DIFFRACTION' ? 
c_dihedral_angle_d 25.2  ?    ? ? 'X-RAY DIFFRACTION' ? 
c_improper_angle_d 0.96  ?    ? ? 'X-RAY DIFFRACTION' ? 
c_mcbond_it        1.06  1.50 ? ? 'X-RAY DIFFRACTION' ? 
c_mcangle_it       1.78  2.00 ? ? 'X-RAY DIFFRACTION' ? 
c_scbond_it        1.78  2.00 ? ? 'X-RAY DIFFRACTION' ? 
c_scangle_it       2.59  2.50 ? ? 'X-RAY DIFFRACTION' ? 
# 
_refine_ls_shell.pdbx_total_number_of_bins_used   6 
_refine_ls_shell.d_res_high                       2.30 
_refine_ls_shell.d_res_low                        2.44 
_refine_ls_shell.number_reflns_R_work             1394 
_refine_ls_shell.R_factor_R_work                  0.2850000 
_refine_ls_shell.percent_reflns_obs               90.0 
_refine_ls_shell.R_factor_R_free                  0.2800000 
_refine_ls_shell.R_factor_R_free_error            0.033 
_refine_ls_shell.percent_reflns_R_free            4.9 
_refine_ls_shell.number_reflns_R_free             72 
_refine_ls_shell.number_reflns_obs                ? 
_refine_ls_shell.redundancy_reflns_obs            ? 
_refine_ls_shell.number_reflns_all                ? 
_refine_ls_shell.pdbx_refine_id                   'X-RAY DIFFRACTION' 
_refine_ls_shell.R_factor_all                     ? 
# 
loop_
_pdbx_xplor_file.serial_no 
_pdbx_xplor_file.param_file 
_pdbx_xplor_file.topol_file 
_pdbx_xplor_file.pdbx_refine_id 
1 PROTEIN_REP.PARAM PROTEIN.TOP   'X-RAY DIFFRACTION' 
2 CLO.PAR           CLO.TOP       'X-RAY DIFFRACTION' 
3 WATER_REP.PARAM   WATER_REP.TOP 'X-RAY DIFFRACTION' 
# 
_struct.entry_id                  1KZN 
_struct.title                     'Crystal Structure of E. coli 24kDa Domain in Complex with Clorobiocin' 
_struct.pdbx_model_details        ? 
_struct.pdbx_CASP_flag            ? 
_struct.pdbx_model_type_details   ? 
# 
_struct_keywords.entry_id        1KZN 
_struct_keywords.pdbx_keywords   ISOMERASE 
_struct_keywords.text            'topoisomerase, gyrase B, clorobiocin, ISOMERASE' 
# 
loop_
_struct_asym.id 
_struct_asym.pdbx_blank_PDB_chainid_flag 
_struct_asym.pdbx_modified 
_struct_asym.entity_id 
_struct_asym.details 
A N N 1 ? 
B N N 2 ? 
C N N 3 ? 
# 
_struct_ref.id                         1 
_struct_ref.db_name                    UNP 
_struct_ref.db_code                    GYRB_ECOLI 
_struct_ref.entity_id                  1 
_struct_ref.pdbx_seq_one_letter_code   
;GLDAVRKRPGMYIGDTDDGTGLHHMVFEVVDNAIDEALAGHCKEIIVTIHADNSVSVQDDGRGIPTGIHPEEGVSAAEVI
MTVLHAGGKFDDNSYKVSGGLHGVGVSVVNALSQKLELVIQREGKIHRQIYEHGVPQAPLAVTGETEKTGTMVRFWPSLE
TFTNVTEFEYEILAKRLRELSFLNSGVSIRLRDKRDGKEDHFHYE
;
_struct_ref.pdbx_align_begin           14 
_struct_ref.pdbx_db_accession          P06982 
_struct_ref.pdbx_db_isoform            ? 
# 
_struct_ref_seq.align_id                      1 
_struct_ref_seq.ref_id                        1 
_struct_ref_seq.pdbx_PDB_id_code              1KZN 
_struct_ref_seq.pdbx_strand_id                A 
_struct_ref_seq.seq_align_beg                 1 
_struct_ref_seq.pdbx_seq_align_beg_ins_code   ? 
_struct_ref_seq.seq_align_end                 205 
_struct_ref_seq.pdbx_seq_align_end_ins_code   ? 
_struct_ref_seq.pdbx_db_accession             P06982 
_struct_ref_seq.db_align_beg                  14 
_struct_ref_seq.pdbx_db_align_beg_ins_code    ? 
_struct_ref_seq.db_align_end                  218 
_struct_ref_seq.pdbx_db_align_end_ins_code    ? 
_struct_ref_seq.pdbx_auth_seq_align_beg       15 
_struct_ref_seq.pdbx_auth_seq_align_end       219 
# 
_pdbx_struct_assembly.id                   1 
_pdbx_struct_assembly.details              author_defined_assembly 
_pdbx_struct_assembly.method_details       ? 
_pdbx_struct_assembly.oligomeric_details   monomeric 
_pdbx_struct_assembly.oligomeric_count     1 
# 
_pdbx_struct_assembly_gen.assembly_id       1 
_pdbx_struct_assembly_gen.oper_expression   1 
_pdbx_struct_assembly_gen.asym_id_list      A,B,C 
# 
_pdbx_struct_oper_list.id                   1 
_pdbx_struct_oper_list.type                 'identity operation' 
_pdbx_struct_oper_list.name                 1_555 
_pdbx_struct_oper_list.symmetry_operation   x,y,z 
_pdbx_struct_oper_list.matrix[1][1]         1.0000000000 
_pdbx_struct_oper_list.matrix[1][2]         0.0000000000 
_pdbx_struct_oper_list.matrix[1][3]         0.0000000000 
_pdbx_struct_oper_list.vector[1]            0.0000000000 
_pdbx_struct_oper_list.matrix[2][1]         0.0000000000 
_pdbx_struct_oper_list.matrix[2][2]         1.0000000000 
_pdbx_struct_oper_list.matrix[2][3]         0.0000000000 
_pdbx_struct_oper_list.vector[2]            0.0000000000 
_pdbx_struct_oper_list.matrix[3][1]         0.0000000000 
_pdbx_struct_oper_list.matrix[3][2]         0.0000000000 
_pdbx_struct_oper_list.matrix[3][3]         1.0000000000 
_pdbx_struct_oper_list.vector[3]            0.0000000000 
# 
loop_
_struct_conf.conf_type_id 
_struct_conf.id 
_struct_conf.pdbx_PDB_helix_id 
_struct_conf.beg_label_comp_id 
_struct_conf.beg_label_asym_id 
_struct_conf.beg_label_seq_id 
_struct_conf.pdbx_beg_PDB_ins_code 
_struct_conf.end_label_comp_id 
_struct_conf.end_label_asym_id 
_struct_conf.end_label_seq_id 
_struct_conf.pdbx_end_PDB_ins_code 
_struct_conf.beg_auth_comp_id 
_struct_conf.beg_auth_asym_id 
_struct_conf.beg_auth_seq_id 
_struct_conf.end_auth_comp_id 
_struct_conf.end_auth_asym_id 
_struct_conf.end_auth_seq_id 
_struct_conf.pdbx_PDB_helix_class 
_struct_conf.details 
_struct_conf.pdbx_PDB_helix_length 
HELX_P HELX_P1 1 GLY A 1   ? ARG A 8   ? GLY A 15  ARG A 22  1 ? 8  
HELX_P HELX_P2 2 ARG A 8   ? GLY A 14  ? ARG A 22  GLY A 28  1 ? 7  
HELX_P HELX_P3 3 GLY A 19  ? ALA A 39  ? GLY A 33  ALA A 53  1 ? 21 
HELX_P HELX_P4 4 SER A 75  ? VAL A 83  ? SER A 85  VAL A 93  1 ? 9  
HELX_P HELX_P5 5 GLY A 105 ? LEU A 112 ? GLY A 119 LEU A 126 1 ? 8  
HELX_P HELX_P6 6 GLU A 169 ? ASN A 184 ? GLU A 183 ASN A 198 1 ? 16 
# 
_struct_conf_type.id          HELX_P 
_struct_conf_type.criteria    ? 
_struct_conf_type.reference   ? 
# 
loop_
_struct_sheet.id 
_struct_sheet.type 
_struct_sheet.number_strands 
_struct_sheet.details 
A ? 8 ? 
B ? 8 ? 
# 
loop_
_struct_sheet_order.sheet_id 
_struct_sheet_order.range_id_1 
_struct_sheet_order.range_id_2 
_struct_sheet_order.offset 
_struct_sheet_order.sense 
A 1 2 ? anti-parallel 
A 2 3 ? parallel      
A 3 4 ? anti-parallel 
A 4 5 ? anti-parallel 
A 5 6 ? anti-parallel 
A 6 7 ? anti-parallel 
A 7 8 ? anti-parallel 
B 1 2 ? anti-parallel 
B 2 3 ? parallel      
B 3 4 ? anti-parallel 
B 4 5 ? anti-parallel 
B 5 6 ? anti-parallel 
B 6 7 ? anti-parallel 
B 7 8 ? anti-parallel 
# 
loop_
_struct_sheet_range.sheet_id 
_struct_sheet_range.id 
_struct_sheet_range.beg_label_comp_id 
_struct_sheet_range.beg_label_asym_id 
_struct_sheet_range.beg_label_seq_id 
_struct_sheet_range.pdbx_beg_PDB_ins_code 
_struct_sheet_range.end_label_comp_id 
_struct_sheet_range.end_label_asym_id 
_struct_sheet_range.end_label_seq_id 
_struct_sheet_range.pdbx_end_PDB_ins_code 
_struct_sheet_range.beg_auth_comp_id 
_struct_sheet_range.beg_auth_asym_id 
_struct_sheet_range.beg_auth_seq_id 
_struct_sheet_range.end_auth_comp_id 
_struct_sheet_range.end_auth_asym_id 
_struct_sheet_range.end_auth_seq_id 
A 1 GLU A 199 ? PHE A 202 ? GLU A 213 PHE A 216 
A 2 SER A 188 ? ASP A 193 ? SER A 202 ASP A 207 
A 3 GLU A 44  ? HIS A 50  ? GLU A 58  HIS A 64  
A 4 SER A 54  ? ASP A 59  ? SER A 68  ASP A 73  
A 5 GLY A 150 ? PRO A 157 ? GLY A 164 PRO A 171 
A 6 SER A 113 ? ARG A 122 ? SER A 127 ARG A 136 
A 7 LYS A 125 ? GLU A 132 ? LYS A 139 GLU A 146 
A 8 VAL A 135 ? PRO A 136 ? VAL A 149 PRO A 150 
B 1 GLU A 199 ? PHE A 202 ? GLU A 213 PHE A 216 
B 2 SER A 188 ? ASP A 193 ? SER A 202 ASP A 207 
B 3 GLU A 44  ? HIS A 50  ? GLU A 58  HIS A 64  
B 4 SER A 54  ? ASP A 59  ? SER A 68  ASP A 73  
B 5 GLY A 150 ? PRO A 157 ? GLY A 164 PRO A 171 
B 6 SER A 113 ? ARG A 122 ? SER A 127 ARG A 136 
B 7 LYS A 125 ? GLU A 132 ? LYS A 139 GLU A 146 
B 8 ALA A 141 ? GLU A 145 ? ALA A 155 GLU A 159 
# 
loop_
_pdbx_struct_sheet_hbond.sheet_id 
_pdbx_struct_sheet_hbond.range_id_1 
_pdbx_struct_sheet_hbond.range_id_2 
_pdbx_struct_sheet_hbond.range_1_label_atom_id 
_pdbx_struct_sheet_hbond.range_1_label_comp_id 
_pdbx_struct_sheet_hbond.range_1_label_asym_id 
_pdbx_struct_sheet_hbond.range_1_label_seq_id 
_pdbx_struct_sheet_hbond.range_1_PDB_ins_code 
_pdbx_struct_sheet_hbond.range_1_auth_atom_id 
_pdbx_struct_sheet_hbond.range_1_auth_comp_id 
_pdbx_struct_sheet_hbond.range_1_auth_asym_id 
_pdbx_struct_sheet_hbond.range_1_auth_seq_id 
_pdbx_struct_sheet_hbond.range_2_label_atom_id 
_pdbx_struct_sheet_hbond.range_2_label_comp_id 
_pdbx_struct_sheet_hbond.range_2_label_asym_id 
_pdbx_struct_sheet_hbond.range_2_label_seq_id 
_pdbx_struct_sheet_hbond.range_2_PDB_ins_code 
_pdbx_struct_sheet_hbond.range_2_auth_atom_id 
_pdbx_struct_sheet_hbond.range_2_auth_comp_id 
_pdbx_struct_sheet_hbond.range_2_auth_asym_id 
_pdbx_struct_sheet_hbond.range_2_auth_seq_id 
A 1 2 O PHE A 202 ? O PHE A 216 N ILE A 189 ? N ILE A 203 
A 2 3 O ARG A 190 ? O ARG A 204 N VAL A 47  ? N VAL A 61  
A 3 4 N ILE A 46  ? N ILE A 60  O GLN A 58  ? O GLN A 72  
A 4 5 N VAL A 57  ? N VAL A 71  O VAL A 153 ? O VAL A 167 
A 5 6 O ARG A 154 ? O ARG A 168 N GLU A 117 ? N GLU A 131 
A 6 7 N LEU A 118 ? N LEU A 132 O GLN A 129 ? O GLN A 143 
A 7 8 N GLU A 132 ? N GLU A 146 O VAL A 135 ? O VAL A 149 
B 1 2 O PHE A 202 ? O PHE A 216 N ILE A 189 ? N ILE A 203 
B 2 3 O ARG A 190 ? O ARG A 204 N VAL A 47  ? N VAL A 61  
B 3 4 N ILE A 46  ? N ILE A 60  O GLN A 58  ? O GLN A 72  
B 4 5 N VAL A 57  ? N VAL A 71  O VAL A 153 ? O VAL A 167 
B 5 6 O ARG A 154 ? O ARG A 168 N GLU A 117 ? N GLU A 131 
B 6 7 N LEU A 118 ? N LEU A 132 O GLN A 129 ? O GLN A 143 
B 7 8 N ARG A 128 ? N ARG A 142 O ALA A 141 ? O ALA A 155 
# 
_struct_site.id                   AC1 
_struct_site.pdbx_evidence_code   Software 
_struct_site.pdbx_auth_asym_id    A 
_struct_site.pdbx_auth_comp_id    CBN 
_struct_site.pdbx_auth_seq_id     1 
_struct_site.pdbx_auth_ins_code   ? 
_struct_site.pdbx_num_residues    19 
_struct_site.details              'BINDING SITE FOR RESIDUE CBN A 1' 
# 
loop_
_struct_site_gen.id 
_struct_site_gen.site_id 
_struct_site_gen.pdbx_num_res 
_struct_site_gen.label_comp_id 
_struct_site_gen.label_asym_id 
_struct_site_gen.label_seq_id 
_struct_site_gen.pdbx_auth_ins_code 
_struct_site_gen.auth_comp_id 
_struct_site_gen.auth_asym_id 
_struct_site_gen.auth_seq_id 
_struct_site_gen.label_atom_id 
_struct_site_gen.label_alt_id 
_struct_site_gen.symmetry 
_struct_site_gen.details 
1  AC1 19 ARG A 8   ? ARG A 22   . ? 3_655 ? 
2  AC1 19 TYR A 12  ? TYR A 26   . ? 3_655 ? 
3  AC1 19 ASN A 32  ? ASN A 46   . ? 1_555 ? 
4  AC1 19 GLU A 36  ? GLU A 50   . ? 1_555 ? 
5  AC1 19 VAL A 57  ? VAL A 71   . ? 1_555 ? 
6  AC1 19 ASP A 59  ? ASP A 73   . ? 1_555 ? 
7  AC1 19 ARG A 62  ? ARG A 76   . ? 1_555 ? 
8  AC1 19 GLY A 63  ? GLY A 77   . ? 1_555 ? 
9  AC1 19 ILE A 64  ? ILE A 78   . ? 1_555 ? 
10 AC1 19 PRO A 65  ? PRO A 79   . ? 1_555 ? 
11 AC1 19 ILE A 80  ? ILE A 90   . ? 1_555 ? 
12 AC1 19 HIS A 85  ? HIS A 95   . ? 3_655 ? 
13 AC1 19 ARG A 122 ? ARG A 136  . ? 1_555 ? 
14 AC1 19 THR A 151 ? THR A 165  . ? 1_555 ? 
15 AC1 19 HOH C .   ? HOH A 1122 . ? 3_655 ? 
16 AC1 19 HOH C .   ? HOH A 1154 . ? 1_555 ? 
17 AC1 19 HOH C .   ? HOH A 1160 . ? 1_555 ? 
18 AC1 19 HOH C .   ? HOH A 1172 . ? 1_555 ? 
19 AC1 19 HOH C .   ? HOH A 1176 . ? 1_555 ? 
# 
loop_
_pdbx_validate_close_contact.id 
_pdbx_validate_close_contact.PDB_model_num 
_pdbx_validate_close_contact.auth_atom_id_1 
_pdbx_validate_close_contact.auth_asym_id_1 
_pdbx_validate_close_contact.auth_comp_id_1 
_pdbx_validate_close_contact.auth_seq_id_1 
_pdbx_validate_close_contact.PDB_ins_code_1 
_pdbx_validate_close_contact.label_alt_id_1 
_pdbx_validate_close_contact.auth_atom_id_2 
_pdbx_validate_close_contact.auth_asym_id_2 
_pdbx_validate_close_contact.auth_comp_id_2 
_pdbx_validate_close_contact.auth_seq_id_2 
_pdbx_validate_close_contact.PDB_ins_code_2 
_pdbx_validate_close_contact.label_alt_id_2 
_pdbx_validate_close_contact.dist 
1 1 NE2 A GLN 151 ? ? O A HOH 1031 ? ? 0.79 
2 1 CD  A GLN 151 ? ? O A HOH 1031 ? ? 0.92 
3 1 OE1 A GLN 151 ? ? O A HOH 1031 ? ? 1.46 
4 1 OE2 A GLU 88  ? ? O A HOH 1033 ? ? 2.15 
# 
loop_
_pdbx_validate_torsion.id 
_pdbx_validate_torsion.PDB_model_num 
_pdbx_validate_torsion.auth_comp_id 
_pdbx_validate_torsion.auth_asym_id 
_pdbx_validate_torsion.auth_seq_id 
_pdbx_validate_torsion.PDB_ins_code 
_pdbx_validate_torsion.label_alt_id 
_pdbx_validate_torsion.phi 
_pdbx_validate_torsion.psi 
1 1 LEU A 16  ? ? -6.67   -82.50 
2 1 HIS A 95  ? ? 37.29   42.33  
3 1 ASN A 178 ? ? 63.12   -86.53 
4 1 ASP A 210 ? ? -150.52 8.80   
5 1 HIS A 217 ? ? -164.00 58.96  
# 
loop_
_pdbx_unobs_or_zero_occ_residues.id 
_pdbx_unobs_or_zero_occ_residues.PDB_model_num 
_pdbx_unobs_or_zero_occ_residues.polymer_flag 
_pdbx_unobs_or_zero_occ_residues.occupancy_flag 
_pdbx_unobs_or_zero_occ_residues.auth_asym_id 
_pdbx_unobs_or_zero_occ_residues.auth_comp_id 
_pdbx_unobs_or_zero_occ_residues.auth_seq_id 
_pdbx_unobs_or_zero_occ_residues.PDB_ins_code 
_pdbx_unobs_or_zero_occ_residues.label_asym_id 
_pdbx_unobs_or_zero_occ_residues.label_comp_id 
_pdbx_unobs_or_zero_occ_residues.label_seq_id 
1  1 Y 1 A HIS 82  A A HIS 69  
2  1 Y 1 A PRO 82  B A PRO 70  
3  1 Y 1 A GLU 82  C A GLU 71  
4  1 Y 1 A GLU 82  D A GLU 72  
5  1 Y 1 A GLY 101 ? A GLY 87  
6  1 Y 1 A GLY 102 ? A GLY 88  
7  1 Y 1 A LYS 103 ? A LYS 89  
8  1 Y 1 A PHE 104 ? A PHE 90  
9  1 Y 1 A ASP 105 ? A ASP 91  
10 1 Y 1 A ASP 106 ? A ASP 92  
11 1 Y 1 A ASN 107 ? A ASN 93  
12 1 Y 1 A SER 108 ? A SER 94  
13 1 Y 1 A TYR 109 ? A TYR 95  
14 1 Y 1 A LYS 110 ? A LYS 96  
15 1 Y 1 A VAL 111 ? A VAL 97  
16 1 Y 1 A SER 112 ? A SER 98  
17 1 Y 1 A GLY 113 ? A GLY 99  
18 1 Y 1 A GLY 114 ? A GLY 100 
19 1 Y 1 A LEU 115 ? A LEU 101 
# 
loop_
_chem_comp_atom.comp_id 
_chem_comp_atom.atom_id 
_chem_comp_atom.type_symbol 
_chem_comp_atom.pdbx_aromatic_flag 
_chem_comp_atom.pdbx_stereo_config 
_chem_comp_atom.pdbx_ordinal 
ALA N    N  N N 1   
ALA CA   C  N S 2   
ALA C    C  N N 3   
ALA O    O  N N 4   
ALA CB   C  N N 5   
ALA OXT  O  N N 6   
ALA H    H  N N 7   
ALA H2   H  N N 8   
ALA HA   H  N N 9   
ALA HB1  H  N N 10  
ALA HB2  H  N N 11  
ALA HB3  H  N N 12  
ALA HXT  H  N N 13  
ARG N    N  N N 14  
ARG CA   C  N S 15  
ARG C    C  N N 16  
ARG O    O  N N 17  
ARG CB   C  N N 18  
ARG CG   C  N N 19  
ARG CD   C  N N 20  
ARG NE   N  N N 21  
ARG CZ   C  N N 22  
ARG NH1  N  N N 23  
ARG NH2  N  N N 24  
ARG OXT  O  N N 25  
ARG H    H  N N 26  
ARG H2   H  N N 27  
ARG HA   H  N N 28  
ARG HB2  H  N N 29  
ARG HB3  H  N N 30  
ARG HG2  H  N N 31  
ARG HG3  H  N N 32  
ARG HD2  H  N N 33  
ARG HD3  H  N N 34  
ARG HE   H  N N 35  
ARG HH11 H  N N 36  
ARG HH12 H  N N 37  
ARG HH21 H  N N 38  
ARG HH22 H  N N 39  
ARG HXT  H  N N 40  
ASN N    N  N N 41  
ASN CA   C  N S 42  
ASN C    C  N N 43  
ASN O    O  N N 44  
ASN CB   C  N N 45  
ASN CG   C  N N 46  
ASN OD1  O  N N 47  
ASN ND2  N  N N 48  
ASN OXT  O  N N 49  
ASN H    H  N N 50  
ASN H2   H  N N 51  
ASN HA   H  N N 52  
ASN HB2  H  N N 53  
ASN HB3  H  N N 54  
ASN HD21 H  N N 55  
ASN HD22 H  N N 56  
ASN HXT  H  N N 57  
ASP N    N  N N 58  
ASP CA   C  N S 59  
ASP C    C  N N 60  
ASP O    O  N N 61  
ASP CB   C  N N 62  
ASP CG   C  N N 63  
ASP OD1  O  N N 64  
ASP OD2  O  N N 65  
ASP OXT  O  N N 66  
ASP H    H  N N 67  
ASP H2   H  N N 68  
ASP HA   H  N N 69  
ASP HB2  H  N N 70  
ASP HB3  H  N N 71  
ASP HD2  H  N N 72  
ASP HXT  H  N N 73  
CBN C7   C  N N 74  
CBN C8   C  N N 75  
CBN C12  C  N N 76  
CBN C13  C  N R 77  
CBN C21  C  N S 78  
CBN C22  C  N R 79  
CBN C23  C  N S 80  
CBN C24  C  N N 81  
CBN CL1  CL N N 82  
CBN C27  C  Y N 83  
CBN C28  C  Y N 84  
CBN C4   C  Y N 85  
CBN C11  C  Y N 86  
CBN C31  C  Y N 87  
CBN C9   C  Y N 88  
CBN C32  C  Y N 89  
CBN C33  C  Y N 90  
CBN C35  C  Y N 91  
CBN C14  C  N N 92  
CBN C15  C  Y N 93  
CBN C16  C  Y N 94  
CBN C17  C  Y N 95  
CBN C18  C  Y N 96  
CBN C19  C  Y N 97  
CBN C20  C  Y N 98  
CBN C25  C  N N 99  
CBN C26  C  N N 100 
CBN C29  C  N N 101 
CBN C30  C  N N 102 
CBN C34  C  N N 103 
CBN N1   N  N N 104 
CBN O1   O  N N 105 
CBN O2   O  N N 106 
CBN O3   O  N N 107 
CBN O4   O  N N 108 
CBN O5   O  N N 109 
CBN O6   O  Y N 110 
CBN O7   O  N N 111 
CBN O8   O  N N 112 
CBN O9   O  N N 113 
CBN C1   C  Y N 114 
CBN C2   C  Y N 115 
CBN C3   C  Y N 116 
CBN N2   N  Y N 117 
CBN C5   C  Y N 118 
CBN C6   C  N N 119 
CBN C10  C  N N 120 
CBN O10  O  N N 121 
CBN O11  O  N N 122 
CBN H71  H  N N 123 
CBN H72  H  N N 124 
CBN H73  H  N N 125 
CBN H81  H  N N 126 
CBN H82  H  N N 127 
CBN H83  H  N N 128 
CBN H121 H  N N 129 
CBN H122 H  N N 130 
CBN H123 H  N N 131 
CBN H13  H  N N 132 
CBN H21  H  N N 133 
CBN H22  H  N N 134 
CBN H23  H  N N 135 
CBN H33  H  N N 136 
CBN H35  H  N N 137 
CBN H16  H  N N 138 
CBN H19  H  N N 139 
CBN H20  H  N N 140 
CBN H251 H  N N 141 
CBN H252 H  N N 142 
CBN H26  H  N N 143 
CBN H301 H  N N 144 
CBN H302 H  N N 145 
CBN H303 H  N N 146 
CBN H341 H  N N 147 
CBN H342 H  N N 148 
CBN H343 H  N N 149 
CBN HN1  H  N N 150 
CBN H5   H  N N 151 
CBN H9   H  N N 152 
CBN H1   H  N N 153 
CBN H2   H  N N 154 
CBN HN2  H  N N 155 
CBN H61  H  N N 156 
CBN H62  H  N N 157 
CBN H63  H  N N 158 
CBN H11  H  N N 159 
CYS N    N  N N 160 
CYS CA   C  N R 161 
CYS C    C  N N 162 
CYS O    O  N N 163 
CYS CB   C  N N 164 
CYS SG   S  N N 165 
CYS OXT  O  N N 166 
CYS H    H  N N 167 
CYS H2   H  N N 168 
CYS HA   H  N N 169 
CYS HB2  H  N N 170 
CYS HB3  H  N N 171 
CYS HG   H  N N 172 
CYS HXT  H  N N 173 
GLN N    N  N N 174 
GLN CA   C  N S 175 
GLN C    C  N N 176 
GLN O    O  N N 177 
GLN CB   C  N N 178 
GLN CG   C  N N 179 
GLN CD   C  N N 180 
GLN OE1  O  N N 181 
GLN NE2  N  N N 182 
GLN OXT  O  N N 183 
GLN H    H  N N 184 
GLN H2   H  N N 185 
GLN HA   H  N N 186 
GLN HB2  H  N N 187 
GLN HB3  H  N N 188 
GLN HG2  H  N N 189 
GLN HG3  H  N N 190 
GLN HE21 H  N N 191 
GLN HE22 H  N N 192 
GLN HXT  H  N N 193 
GLU N    N  N N 194 
GLU CA   C  N S 195 
GLU C    C  N N 196 
GLU O    O  N N 197 
GLU CB   C  N N 198 
GLU CG   C  N N 199 
GLU CD   C  N N 200 
GLU OE1  O  N N 201 
GLU OE2  O  N N 202 
GLU OXT  O  N N 203 
GLU H    H  N N 204 
GLU H2   H  N N 205 
GLU HA   H  N N 206 
GLU HB2  H  N N 207 
GLU HB3  H  N N 208 
GLU HG2  H  N N 209 
GLU HG3  H  N N 210 
GLU HE2  H  N N 211 
GLU HXT  H  N N 212 
GLY N    N  N N 213 
GLY CA   C  N N 214 
GLY C    C  N N 215 
GLY O    O  N N 216 
GLY OXT  O  N N 217 
GLY H    H  N N 218 
GLY H2   H  N N 219 
GLY HA2  H  N N 220 
GLY HA3  H  N N 221 
GLY HXT  H  N N 222 
HIS N    N  N N 223 
HIS CA   C  N S 224 
HIS C    C  N N 225 
HIS O    O  N N 226 
HIS CB   C  N N 227 
HIS CG   C  Y N 228 
HIS ND1  N  Y N 229 
HIS CD2  C  Y N 230 
HIS CE1  C  Y N 231 
HIS NE2  N  Y N 232 
HIS OXT  O  N N 233 
HIS H    H  N N 234 
HIS H2   H  N N 235 
HIS HA   H  N N 236 
HIS HB2  H  N N 237 
HIS HB3  H  N N 238 
HIS HD1  H  N N 239 
HIS HD2  H  N N 240 
HIS HE1  H  N N 241 
HIS HE2  H  N N 242 
HIS HXT  H  N N 243 
HOH O    O  N N 244 
HOH H1   H  N N 245 
HOH H2   H  N N 246 
ILE N    N  N N 247 
ILE CA   C  N S 248 
ILE C    C  N N 249 
ILE O    O  N N 250 
ILE CB   C  N S 251 
ILE CG1  C  N N 252 
ILE CG2  C  N N 253 
ILE CD1  C  N N 254 
ILE OXT  O  N N 255 
ILE H    H  N N 256 
ILE H2   H  N N 257 
ILE HA   H  N N 258 
ILE HB   H  N N 259 
ILE HG12 H  N N 260 
ILE HG13 H  N N 261 
ILE HG21 H  N N 262 
ILE HG22 H  N N 263 
ILE HG23 H  N N 264 
ILE HD11 H  N N 265 
ILE HD12 H  N N 266 
ILE HD13 H  N N 267 
ILE HXT  H  N N 268 
LEU N    N  N N 269 
LEU CA   C  N S 270 
LEU C    C  N N 271 
LEU O    O  N N 272 
LEU CB   C  N N 273 
LEU CG   C  N N 274 
LEU CD1  C  N N 275 
LEU CD2  C  N N 276 
LEU OXT  O  N N 277 
LEU H    H  N N 278 
LEU H2   H  N N 279 
LEU HA   H  N N 280 
LEU HB2  H  N N 281 
LEU HB3  H  N N 282 
LEU HG   H  N N 283 
LEU HD11 H  N N 284 
LEU HD12 H  N N 285 
LEU HD13 H  N N 286 
LEU HD21 H  N N 287 
LEU HD22 H  N N 288 
LEU HD23 H  N N 289 
LEU HXT  H  N N 290 
LYS N    N  N N 291 
LYS CA   C  N S 292 
LYS C    C  N N 293 
LYS O    O  N N 294 
LYS CB   C  N N 295 
LYS CG   C  N N 296 
LYS CD   C  N N 297 
LYS CE   C  N N 298 
LYS NZ   N  N N 299 
LYS OXT  O  N N 300 
LYS H    H  N N 301 
LYS H2   H  N N 302 
LYS HA   H  N N 303 
LYS HB2  H  N N 304 
LYS HB3  H  N N 305 
LYS HG2  H  N N 306 
LYS HG3  H  N N 307 
LYS HD2  H  N N 308 
LYS HD3  H  N N 309 
LYS HE2  H  N N 310 
LYS HE3  H  N N 311 
LYS HZ1  H  N N 312 
LYS HZ2  H  N N 313 
LYS HZ3  H  N N 314 
LYS HXT  H  N N 315 
MET N    N  N N 316 
MET CA   C  N S 317 
MET C    C  N N 318 
MET O    O  N N 319 
MET CB   C  N N 320 
MET CG   C  N N 321 
MET SD   S  N N 322 
MET CE   C  N N 323 
MET OXT  O  N N 324 
MET H    H  N N 325 
MET H2   H  N N 326 
MET HA   H  N N 327 
MET HB2  H  N N 328 
MET HB3  H  N N 329 
MET HG2  H  N N 330 
MET HG3  H  N N 331 
MET HE1  H  N N 332 
MET HE2  H  N N 333 
MET HE3  H  N N 334 
MET HXT  H  N N 335 
PHE N    N  N N 336 
PHE CA   C  N S 337 
PHE C    C  N N 338 
PHE O    O  N N 339 
PHE CB   C  N N 340 
PHE CG   C  Y N 341 
PHE CD1  C  Y N 342 
PHE CD2  C  Y N 343 
PHE CE1  C  Y N 344 
PHE CE2  C  Y N 345 
PHE CZ   C  Y N 346 
PHE OXT  O  N N 347 
PHE H    H  N N 348 
PHE H2   H  N N 349 
PHE HA   H  N N 350 
PHE HB2  H  N N 351 
PHE HB3  H  N N 352 
PHE HD1  H  N N 353 
PHE HD2  H  N N 354 
PHE HE1  H  N N 355 
PHE HE2  H  N N 356 
PHE HZ   H  N N 357 
PHE HXT  H  N N 358 
PRO N    N  N N 359 
PRO CA   C  N S 360 
PRO C    C  N N 361 
PRO O    O  N N 362 
PRO CB   C  N N 363 
PRO CG   C  N N 364 
PRO CD   C  N N 365 
PRO OXT  O  N N 366 
PRO H    H  N N 367 
PRO HA   H  N N 368 
PRO HB2  H  N N 369 
PRO HB3  H  N N 370 
PRO HG2  H  N N 371 
PRO HG3  H  N N 372 
PRO HD2  H  N N 373 
PRO HD3  H  N N 374 
PRO HXT  H  N N 375 
SER N    N  N N 376 
SER CA   C  N S 377 
SER C    C  N N 378 
SER O    O  N N 379 
SER CB   C  N N 380 
SER OG   O  N N 381 
SER OXT  O  N N 382 
SER H    H  N N 383 
SER H2   H  N N 384 
SER HA   H  N N 385 
SER HB2  H  N N 386 
SER HB3  H  N N 387 
SER HG   H  N N 388 
SER HXT  H  N N 389 
THR N    N  N N 390 
THR CA   C  N S 391 
THR C    C  N N 392 
THR O    O  N N 393 
THR CB   C  N R 394 
THR OG1  O  N N 395 
THR CG2  C  N N 396 
THR OXT  O  N N 397 
THR H    H  N N 398 
THR H2   H  N N 399 
THR HA   H  N N 400 
THR HB   H  N N 401 
THR HG1  H  N N 402 
THR HG21 H  N N 403 
THR HG22 H  N N 404 
THR HG23 H  N N 405 
THR HXT  H  N N 406 
TRP N    N  N N 407 
TRP CA   C  N S 408 
TRP C    C  N N 409 
TRP O    O  N N 410 
TRP CB   C  N N 411 
TRP CG   C  Y N 412 
TRP CD1  C  Y N 413 
TRP CD2  C  Y N 414 
TRP NE1  N  Y N 415 
TRP CE2  C  Y N 416 
TRP CE3  C  Y N 417 
TRP CZ2  C  Y N 418 
TRP CZ3  C  Y N 419 
TRP CH2  C  Y N 420 
TRP OXT  O  N N 421 
TRP H    H  N N 422 
TRP H2   H  N N 423 
TRP HA   H  N N 424 
TRP HB2  H  N N 425 
TRP HB3  H  N N 426 
TRP HD1  H  N N 427 
TRP HE1  H  N N 428 
TRP HE3  H  N N 429 
TRP HZ2  H  N N 430 
TRP HZ3  H  N N 431 
TRP HH2  H  N N 432 
TRP HXT  H  N N 433 
TYR N    N  N N 434 
TYR CA   C  N S 435 
TYR C    C  N N 436 
TYR O    O  N N 437 
TYR CB   C  N N 438 
TYR CG   C  Y N 439 
TYR CD1  C  Y N 440 
TYR CD2  C  Y N 441 
TYR CE1  C  Y N 442 
TYR CE2  C  Y N 443 
TYR CZ   C  Y N 444 
TYR OH   O  N N 445 
TYR OXT  O  N N 446 
TYR H    H  N N 447 
TYR H2   H  N N 448 
TYR HA   H  N N 449 
TYR HB2  H  N N 450 
TYR HB3  H  N N 451 
TYR HD1  H  N N 452 
TYR HD2  H  N N 453 
TYR HE1  H  N N 454 
TYR HE2  H  N N 455 
TYR HH   H  N N 456 
TYR HXT  H  N N 457 
VAL N    N  N N 458 
VAL CA   C  N S 459 
VAL C    C  N N 460 
VAL O    O  N N 461 
VAL CB   C  N N 462 
VAL CG1  C  N N 463 
VAL CG2  C  N N 464 
VAL OXT  O  N N 465 
VAL H    H  N N 466 
VAL H2   H  N N 467 
VAL HA   H  N N 468 
VAL HB   H  N N 469 
VAL HG11 H  N N 470 
VAL HG12 H  N N 471 
VAL HG13 H  N N 472 
VAL HG21 H  N N 473 
VAL HG22 H  N N 474 
VAL HG23 H  N N 475 
VAL HXT  H  N N 476 
# 
loop_
_chem_comp_bond.comp_id 
_chem_comp_bond.atom_id_1 
_chem_comp_bond.atom_id_2 
_chem_comp_bond.value_order 
_chem_comp_bond.pdbx_aromatic_flag 
_chem_comp_bond.pdbx_stereo_config 
_chem_comp_bond.pdbx_ordinal 
ALA N   CA   sing N N 1   
ALA N   H    sing N N 2   
ALA N   H2   sing N N 3   
ALA CA  C    sing N N 4   
ALA CA  CB   sing N N 5   
ALA CA  HA   sing N N 6   
ALA C   O    doub N N 7   
ALA C   OXT  sing N N 8   
ALA CB  HB1  sing N N 9   
ALA CB  HB2  sing N N 10  
ALA CB  HB3  sing N N 11  
ALA OXT HXT  sing N N 12  
ARG N   CA   sing N N 13  
ARG N   H    sing N N 14  
ARG N   H2   sing N N 15  
ARG CA  C    sing N N 16  
ARG CA  CB   sing N N 17  
ARG CA  HA   sing N N 18  
ARG C   O    doub N N 19  
ARG C   OXT  sing N N 20  
ARG CB  CG   sing N N 21  
ARG CB  HB2  sing N N 22  
ARG CB  HB3  sing N N 23  
ARG CG  CD   sing N N 24  
ARG CG  HG2  sing N N 25  
ARG CG  HG3  sing N N 26  
ARG CD  NE   sing N N 27  
ARG CD  HD2  sing N N 28  
ARG CD  HD3  sing N N 29  
ARG NE  CZ   sing N N 30  
ARG NE  HE   sing N N 31  
ARG CZ  NH1  sing N N 32  
ARG CZ  NH2  doub N N 33  
ARG NH1 HH11 sing N N 34  
ARG NH1 HH12 sing N N 35  
ARG NH2 HH21 sing N N 36  
ARG NH2 HH22 sing N N 37  
ARG OXT HXT  sing N N 38  
ASN N   CA   sing N N 39  
ASN N   H    sing N N 40  
ASN N   H2   sing N N 41  
ASN CA  C    sing N N 42  
ASN CA  CB   sing N N 43  
ASN CA  HA   sing N N 44  
ASN C   O    doub N N 45  
ASN C   OXT  sing N N 46  
ASN CB  CG   sing N N 47  
ASN CB  HB2  sing N N 48  
ASN CB  HB3  sing N N 49  
ASN CG  OD1  doub N N 50  
ASN CG  ND2  sing N N 51  
ASN ND2 HD21 sing N N 52  
ASN ND2 HD22 sing N N 53  
ASN OXT HXT  sing N N 54  
ASP N   CA   sing N N 55  
ASP N   H    sing N N 56  
ASP N   H2   sing N N 57  
ASP CA  C    sing N N 58  
ASP CA  CB   sing N N 59  
ASP CA  HA   sing N N 60  
ASP C   O    doub N N 61  
ASP C   OXT  sing N N 62  
ASP CB  CG   sing N N 63  
ASP CB  HB2  sing N N 64  
ASP CB  HB3  sing N N 65  
ASP CG  OD1  doub N N 66  
ASP CG  OD2  sing N N 67  
ASP OD2 HD2  sing N N 68  
ASP OXT HXT  sing N N 69  
CBN C7  O1   sing N N 70  
CBN C7  H71  sing N N 71  
CBN C7  H72  sing N N 72  
CBN C7  H73  sing N N 73  
CBN C8  C24  sing N N 74  
CBN C8  H81  sing N N 75  
CBN C8  H82  sing N N 76  
CBN C8  H83  sing N N 77  
CBN C12 C24  sing N N 78  
CBN C12 H121 sing N N 79  
CBN C12 H122 sing N N 80  
CBN C12 H123 sing N N 81  
CBN C13 C21  sing N N 82  
CBN C13 C24  sing N N 83  
CBN C13 O1   sing N N 84  
CBN C13 H13  sing N N 85  
CBN C21 C22  sing N N 86  
CBN C21 O2   sing N N 87  
CBN C21 H21  sing N N 88  
CBN C22 C23  sing N N 89  
CBN C22 O11  sing N N 90  
CBN C22 H22  sing N N 91  
CBN C23 O3   sing N N 92  
CBN C23 O4   sing N N 93  
CBN C23 H23  sing N N 94  
CBN C24 O3   sing N N 95  
CBN CL1 C28  sing N N 96  
CBN C27 C28  doub Y N 97  
CBN C27 C35  sing Y N 98  
CBN C27 O4   sing N N 99  
CBN C28 C4   sing Y N 100 
CBN C4  C32  doub Y N 101 
CBN C4  O6   sing Y N 102 
CBN C11 C31  sing Y N 103 
CBN C11 O6   sing Y N 104 
CBN C11 O7   doub N N 105 
CBN C31 C9   doub Y N 106 
CBN C31 N1   sing N N 107 
CBN C9  C32  sing Y N 108 
CBN C9  O5   sing N N 109 
CBN C32 C33  sing Y N 110 
CBN C33 C35  doub Y N 111 
CBN C33 H33  sing N N 112 
CBN C35 H35  sing N N 113 
CBN C14 C15  sing N N 114 
CBN C14 N1   sing N N 115 
CBN C14 O8   doub N N 116 
CBN C15 C16  doub Y N 117 
CBN C15 C20  sing Y N 118 
CBN C16 C17  sing Y N 119 
CBN C16 H16  sing N N 120 
CBN C17 C18  doub Y N 121 
CBN C17 C25  sing N N 122 
CBN C18 C19  sing Y N 123 
CBN C18 O9   sing N N 124 
CBN C19 C20  doub Y N 125 
CBN C19 H19  sing N N 126 
CBN C20 H20  sing N N 127 
CBN C25 C26  sing N N 128 
CBN C25 H251 sing N N 129 
CBN C25 H252 sing N N 130 
CBN C26 C29  doub N N 131 
CBN C26 H26  sing N N 132 
CBN C29 C30  sing N N 133 
CBN C29 C34  sing N N 134 
CBN C30 H301 sing N N 135 
CBN C30 H302 sing N N 136 
CBN C30 H303 sing N N 137 
CBN C34 H341 sing N N 138 
CBN C34 H342 sing N N 139 
CBN C34 H343 sing N N 140 
CBN N1  HN1  sing N N 141 
CBN O2  C10  sing N N 142 
CBN O5  H5   sing N N 143 
CBN O9  H9   sing N N 144 
CBN C1  C2   sing Y N 145 
CBN C1  C5   doub Y N 146 
CBN C1  H1   sing N N 147 
CBN C2  C3   doub Y N 148 
CBN C2  H2   sing N N 149 
CBN C3  N2   sing Y N 150 
CBN C3  C10  sing N N 151 
CBN N2  C5   sing Y N 152 
CBN N2  HN2  sing N N 153 
CBN C5  C6   sing N N 154 
CBN C6  H61  sing N N 155 
CBN C6  H62  sing N N 156 
CBN C6  H63  sing N N 157 
CBN C10 O10  doub N N 158 
CBN O11 H11  sing N N 159 
CYS N   CA   sing N N 160 
CYS N   H    sing N N 161 
CYS N   H2   sing N N 162 
CYS CA  C    sing N N 163 
CYS CA  CB   sing N N 164 
CYS CA  HA   sing N N 165 
CYS C   O    doub N N 166 
CYS C   OXT  sing N N 167 
CYS CB  SG   sing N N 168 
CYS CB  HB2  sing N N 169 
CYS CB  HB3  sing N N 170 
CYS SG  HG   sing N N 171 
CYS OXT HXT  sing N N 172 
GLN N   CA   sing N N 173 
GLN N   H    sing N N 174 
GLN N   H2   sing N N 175 
GLN CA  C    sing N N 176 
GLN CA  CB   sing N N 177 
GLN CA  HA   sing N N 178 
GLN C   O    doub N N 179 
GLN C   OXT  sing N N 180 
GLN CB  CG   sing N N 181 
GLN CB  HB2  sing N N 182 
GLN CB  HB3  sing N N 183 
GLN CG  CD   sing N N 184 
GLN CG  HG2  sing N N 185 
GLN CG  HG3  sing N N 186 
GLN CD  OE1  doub N N 187 
GLN CD  NE2  sing N N 188 
GLN NE2 HE21 sing N N 189 
GLN NE2 HE22 sing N N 190 
GLN OXT HXT  sing N N 191 
GLU N   CA   sing N N 192 
GLU N   H    sing N N 193 
GLU N   H2   sing N N 194 
GLU CA  C    sing N N 195 
GLU CA  CB   sing N N 196 
GLU CA  HA   sing N N 197 
GLU C   O    doub N N 198 
GLU C   OXT  sing N N 199 
GLU CB  CG   sing N N 200 
GLU CB  HB2  sing N N 201 
GLU CB  HB3  sing N N 202 
GLU CG  CD   sing N N 203 
GLU CG  HG2  sing N N 204 
GLU CG  HG3  sing N N 205 
GLU CD  OE1  doub N N 206 
GLU CD  OE2  sing N N 207 
GLU OE2 HE2  sing N N 208 
GLU OXT HXT  sing N N 209 
GLY N   CA   sing N N 210 
GLY N   H    sing N N 211 
GLY N   H2   sing N N 212 
GLY CA  C    sing N N 213 
GLY CA  HA2  sing N N 214 
GLY CA  HA3  sing N N 215 
GLY C   O    doub N N 216 
GLY C   OXT  sing N N 217 
GLY OXT HXT  sing N N 218 
HIS N   CA   sing N N 219 
HIS N   H    sing N N 220 
HIS N   H2   sing N N 221 
HIS CA  C    sing N N 222 
HIS CA  CB   sing N N 223 
HIS CA  HA   sing N N 224 
HIS C   O    doub N N 225 
HIS C   OXT  sing N N 226 
HIS CB  CG   sing N N 227 
HIS CB  HB2  sing N N 228 
HIS CB  HB3  sing N N 229 
HIS CG  ND1  sing Y N 230 
HIS CG  CD2  doub Y N 231 
HIS ND1 CE1  doub Y N 232 
HIS ND1 HD1  sing N N 233 
HIS CD2 NE2  sing Y N 234 
HIS CD2 HD2  sing N N 235 
HIS CE1 NE2  sing Y N 236 
HIS CE1 HE1  sing N N 237 
HIS NE2 HE2  sing N N 238 
HIS OXT HXT  sing N N 239 
HOH O   H1   sing N N 240 
HOH O   H2   sing N N 241 
ILE N   CA   sing N N 242 
ILE N   H    sing N N 243 
ILE N   H2   sing N N 244 
ILE CA  C    sing N N 245 
ILE CA  CB   sing N N 246 
ILE CA  HA   sing N N 247 
ILE C   O    doub N N 248 
ILE C   OXT  sing N N 249 
ILE CB  CG1  sing N N 250 
ILE CB  CG2  sing N N 251 
ILE CB  HB   sing N N 252 
ILE CG1 CD1  sing N N 253 
ILE CG1 HG12 sing N N 254 
ILE CG1 HG13 sing N N 255 
ILE CG2 HG21 sing N N 256 
ILE CG2 HG22 sing N N 257 
ILE CG2 HG23 sing N N 258 
ILE CD1 HD11 sing N N 259 
ILE CD1 HD12 sing N N 260 
ILE CD1 HD13 sing N N 261 
ILE OXT HXT  sing N N 262 
LEU N   CA   sing N N 263 
LEU N   H    sing N N 264 
LEU N   H2   sing N N 265 
LEU CA  C    sing N N 266 
LEU CA  CB   sing N N 267 
LEU CA  HA   sing N N 268 
LEU C   O    doub N N 269 
LEU C   OXT  sing N N 270 
LEU CB  CG   sing N N 271 
LEU CB  HB2  sing N N 272 
LEU CB  HB3  sing N N 273 
LEU CG  CD1  sing N N 274 
LEU CG  CD2  sing N N 275 
LEU CG  HG   sing N N 276 
LEU CD1 HD11 sing N N 277 
LEU CD1 HD12 sing N N 278 
LEU CD1 HD13 sing N N 279 
LEU CD2 HD21 sing N N 280 
LEU CD2 HD22 sing N N 281 
LEU CD2 HD23 sing N N 282 
LEU OXT HXT  sing N N 283 
LYS N   CA   sing N N 284 
LYS N   H    sing N N 285 
LYS N   H2   sing N N 286 
LYS CA  C    sing N N 287 
LYS CA  CB   sing N N 288 
LYS CA  HA   sing N N 289 
LYS C   O    doub N N 290 
LYS C   OXT  sing N N 291 
LYS CB  CG   sing N N 292 
LYS CB  HB2  sing N N 293 
LYS CB  HB3  sing N N 294 
LYS CG  CD   sing N N 295 
LYS CG  HG2  sing N N 296 
LYS CG  HG3  sing N N 297 
LYS CD  CE   sing N N 298 
LYS CD  HD2  sing N N 299 
LYS CD  HD3  sing N N 300 
LYS CE  NZ   sing N N 301 
LYS CE  HE2  sing N N 302 
LYS CE  HE3  sing N N 303 
LYS NZ  HZ1  sing N N 304 
LYS NZ  HZ2  sing N N 305 
LYS NZ  HZ3  sing N N 306 
LYS OXT HXT  sing N N 307 
MET N   CA   sing N N 308 
MET N   H    sing N N 309 
MET N   H2   sing N N 310 
MET CA  C    sing N N 311 
MET CA  CB   sing N N 312 
MET CA  HA   sing N N 313 
MET C   O    doub N N 314 
MET C   OXT  sing N N 315 
MET CB  CG   sing N N 316 
MET CB  HB2  sing N N 317 
MET CB  HB3  sing N N 318 
MET CG  SD   sing N N 319 
MET CG  HG2  sing N N 320 
MET CG  HG3  sing N N 321 
MET SD  CE   sing N N 322 
MET CE  HE1  sing N N 323 
MET CE  HE2  sing N N 324 
MET CE  HE3  sing N N 325 
MET OXT HXT  sing N N 326 
PHE N   CA   sing N N 327 
PHE N   H    sing N N 328 
PHE N   H2   sing N N 329 
PHE CA  C    sing N N 330 
PHE CA  CB   sing N N 331 
PHE CA  HA   sing N N 332 
PHE C   O    doub N N 333 
PHE C   OXT  sing N N 334 
PHE CB  CG   sing N N 335 
PHE CB  HB2  sing N N 336 
PHE CB  HB3  sing N N 337 
PHE CG  CD1  doub Y N 338 
PHE CG  CD2  sing Y N 339 
PHE CD1 CE1  sing Y N 340 
PHE CD1 HD1  sing N N 341 
PHE CD2 CE2  doub Y N 342 
PHE CD2 HD2  sing N N 343 
PHE CE1 CZ   doub Y N 344 
PHE CE1 HE1  sing N N 345 
PHE CE2 CZ   sing Y N 346 
PHE CE2 HE2  sing N N 347 
PHE CZ  HZ   sing N N 348 
PHE OXT HXT  sing N N 349 
PRO N   CA   sing N N 350 
PRO N   CD   sing N N 351 
PRO N   H    sing N N 352 
PRO CA  C    sing N N 353 
PRO CA  CB   sing N N 354 
PRO CA  HA   sing N N 355 
PRO C   O    doub N N 356 
PRO C   OXT  sing N N 357 
PRO CB  CG   sing N N 358 
PRO CB  HB2  sing N N 359 
PRO CB  HB3  sing N N 360 
PRO CG  CD   sing N N 361 
PRO CG  HG2  sing N N 362 
PRO CG  HG3  sing N N 363 
PRO CD  HD2  sing N N 364 
PRO CD  HD3  sing N N 365 
PRO OXT HXT  sing N N 366 
SER N   CA   sing N N 367 
SER N   H    sing N N 368 
SER N   H2   sing N N 369 
SER CA  C    sing N N 370 
SER CA  CB   sing N N 371 
SER CA  HA   sing N N 372 
SER C   O    doub N N 373 
SER C   OXT  sing N N 374 
SER CB  OG   sing N N 375 
SER CB  HB2  sing N N 376 
SER CB  HB3  sing N N 377 
SER OG  HG   sing N N 378 
SER OXT HXT  sing N N 379 
THR N   CA   sing N N 380 
THR N   H    sing N N 381 
THR N   H2   sing N N 382 
THR CA  C    sing N N 383 
THR CA  CB   sing N N 384 
THR CA  HA   sing N N 385 
THR C   O    doub N N 386 
THR C   OXT  sing N N 387 
THR CB  OG1  sing N N 388 
THR CB  CG2  sing N N 389 
THR CB  HB   sing N N 390 
THR OG1 HG1  sing N N 391 
THR CG2 HG21 sing N N 392 
THR CG2 HG22 sing N N 393 
THR CG2 HG23 sing N N 394 
THR OXT HXT  sing N N 395 
TRP N   CA   sing N N 396 
TRP N   H    sing N N 397 
TRP N   H2   sing N N 398 
TRP CA  C    sing N N 399 
TRP CA  CB   sing N N 400 
TRP CA  HA   sing N N 401 
TRP C   O    doub N N 402 
TRP C   OXT  sing N N 403 
TRP CB  CG   sing N N 404 
TRP CB  HB2  sing N N 405 
TRP CB  HB3  sing N N 406 
TRP CG  CD1  doub Y N 407 
TRP CG  CD2  sing Y N 408 
TRP CD1 NE1  sing Y N 409 
TRP CD1 HD1  sing N N 410 
TRP CD2 CE2  doub Y N 411 
TRP CD2 CE3  sing Y N 412 
TRP NE1 CE2  sing Y N 413 
TRP NE1 HE1  sing N N 414 
TRP CE2 CZ2  sing Y N 415 
TRP CE3 CZ3  doub Y N 416 
TRP CE3 HE3  sing N N 417 
TRP CZ2 CH2  doub Y N 418 
TRP CZ2 HZ2  sing N N 419 
TRP CZ3 CH2  sing Y N 420 
TRP CZ3 HZ3  sing N N 421 
TRP CH2 HH2  sing N N 422 
TRP OXT HXT  sing N N 423 
TYR N   CA   sing N N 424 
TYR N   H    sing N N 425 
TYR N   H2   sing N N 426 
TYR CA  C    sing N N 427 
TYR CA  CB   sing N N 428 
TYR CA  HA   sing N N 429 
TYR C   O    doub N N 430 
TYR C   OXT  sing N N 431 
TYR CB  CG   sing N N 432 
TYR CB  HB2  sing N N 433 
TYR CB  HB3  sing N N 434 
TYR CG  CD1  doub Y N 435 
TYR CG  CD2  sing Y N 436 
TYR CD1 CE1  sing Y N 437 
TYR CD1 HD1  sing N N 438 
TYR CD2 CE2  doub Y N 439 
TYR CD2 HD2  sing N N 440 
TYR CE1 CZ   doub Y N 441 
TYR CE1 HE1  sing N N 442 
TYR CE2 CZ   sing Y N 443 
TYR CE2 HE2  sing N N 444 
TYR CZ  OH   sing N N 445 
TYR OH  HH   sing N N 446 
TYR OXT HXT  sing N N 447 
VAL N   CA   sing N N 448 
VAL N   H    sing N N 449 
VAL N   H2   sing N N 450 
VAL CA  C    sing N N 451 
VAL CA  CB   sing N N 452 
VAL CA  HA   sing N N 453 
VAL C   O    doub N N 454 
VAL C   OXT  sing N N 455 
VAL CB  CG1  sing N N 456 
VAL CB  CG2  sing N N 457 
VAL CB  HB   sing N N 458 
VAL CG1 HG11 sing N N 459 
VAL CG1 HG12 sing N N 460 
VAL CG1 HG13 sing N N 461 
VAL CG2 HG21 sing N N 462 
VAL CG2 HG22 sing N N 463 
VAL CG2 HG23 sing N N 464 
VAL OXT HXT  sing N N 465 
# 
_atom_sites.entry_id                    1KZN 
_atom_sites.fract_transf_matrix[1][1]   0.01428192 
_atom_sites.fract_transf_matrix[1][2]   0.00110740 
_atom_sites.fract_transf_matrix[1][3]   0.01995225 
_atom_sites.fract_transf_matrix[2][1]   -0.01185449 
_atom_sites.fract_transf_matrix[2][2]   0.01556319 
_atom_sites.fract_transf_matrix[2][3]   0.00762170 
_atom_sites.fract_transf_matrix[3][1]   -0.00524902 
_atom_sites.fract_transf_matrix[3][2]   -0.00600135 
_atom_sites.fract_transf_matrix[3][3]   0.00409037 
_atom_sites.fract_transf_vector[1]      0.472983 
_atom_sites.fract_transf_vector[2]      0.406807 
_atom_sites.fract_transf_vector[3]      0.383333 
# 
loop_
_atom_type.symbol 
C  
CL 
N  
O  
S  
# 
loop_
_atom_site.group_PDB 
_atom_site.id 
_atom_site.type_symbol 
_atom_site.label_atom_id 
_atom_site.label_alt_id 
_atom_site.label_comp_id 
_atom_site.label_asym_id 
_atom_site.label_entity_id 
_atom_site.label_seq_id 
_atom_site.pdbx_PDB_ins_code 
_atom_site.Cartn_x 
_atom_site.Cartn_y 
_atom_site.Cartn_z 
_atom_site.occupancy 
_atom_site.B_iso_or_equiv 
_atom_site.pdbx_formal_charge 
_atom_site.auth_seq_id 
_atom_site.auth_comp_id 
_atom_site.auth_asym_id 
_atom_site.auth_atom_id 
_atom_site.pdbx_PDB_model_num 
ATOM   1    N  N   . GLY A 1 1   ? 11.595  6.487   -15.014 1.00 39.78 ? 15   GLY A N   1 
ATOM   2    C  CA  . GLY A 1 1   ? 10.750  5.905   -13.928 1.00 38.67 ? 15   GLY A CA  1 
ATOM   3    C  C   . GLY A 1 1   ? 10.258  4.505   -14.236 1.00 37.66 ? 15   GLY A C   1 
ATOM   4    O  O   . GLY A 1 1   ? 11.042  3.635   -14.599 1.00 38.70 ? 15   GLY A O   1 
ATOM   5    N  N   . LEU A 1 2   ? 8.954   4.297   -14.084 1.00 36.87 ? 16   LEU A N   1 
ATOM   6    C  CA  . LEU A 1 2   ? 8.300   3.011   -14.330 1.00 35.01 ? 16   LEU A CA  1 
ATOM   7    C  C   . LEU A 1 2   ? 9.218   1.945   -14.938 1.00 33.83 ? 16   LEU A C   1 
ATOM   8    O  O   . LEU A 1 2   ? 9.764   1.098   -14.228 1.00 32.30 ? 16   LEU A O   1 
ATOM   9    C  CB  . LEU A 1 2   ? 7.088   3.231   -15.241 1.00 34.90 ? 16   LEU A CB  1 
ATOM   10   C  CG  . LEU A 1 2   ? 5.895   2.284   -15.121 1.00 35.03 ? 16   LEU A CG  1 
ATOM   11   C  CD1 . LEU A 1 2   ? 4.822   2.712   -16.105 1.00 35.68 ? 16   LEU A CD1 1 
ATOM   12   C  CD2 . LEU A 1 2   ? 6.323   0.860   -15.388 1.00 34.31 ? 16   LEU A CD2 1 
ATOM   13   N  N   . ASP A 1 3   ? 9.383   2.004   -16.256 1.00 33.42 ? 17   ASP A N   1 
ATOM   14   C  CA  . ASP A 1 3   ? 10.213  1.051   -16.997 1.00 31.70 ? 17   ASP A CA  1 
ATOM   15   C  C   . ASP A 1 3   ? 11.568  0.740   -16.365 1.00 28.19 ? 17   ASP A C   1 
ATOM   16   O  O   . ASP A 1 3   ? 11.987  -0.416  -16.323 1.00 26.82 ? 17   ASP A O   1 
ATOM   17   C  CB  . ASP A 1 3   ? 10.428  1.557   -18.422 1.00 35.29 ? 17   ASP A CB  1 
ATOM   18   C  CG  . ASP A 1 3   ? 9.128   1.766   -19.162 1.00 38.02 ? 17   ASP A CG  1 
ATOM   19   O  OD1 . ASP A 1 3   ? 8.365   0.784   -19.313 1.00 40.30 ? 17   ASP A OD1 1 
ATOM   20   O  OD2 . ASP A 1 3   ? 8.869   2.912   -19.588 1.00 39.64 ? 17   ASP A OD2 1 
ATOM   21   N  N   . ALA A 1 4   ? 12.251  1.771   -15.882 1.00 24.44 ? 18   ALA A N   1 
ATOM   22   C  CA  . ALA A 1 4   ? 13.559  1.590   -15.267 1.00 21.82 ? 18   ALA A CA  1 
ATOM   23   C  C   . ALA A 1 4   ? 13.502  0.814   -13.949 1.00 19.54 ? 18   ALA A C   1 
ATOM   24   O  O   . ALA A 1 4   ? 14.415  0.041   -13.650 1.00 17.34 ? 18   ALA A O   1 
ATOM   25   C  CB  . ALA A 1 4   ? 14.227  2.944   -15.052 1.00 21.94 ? 18   ALA A CB  1 
ATOM   26   N  N   . VAL A 1 5   ? 12.446  1.016   -13.154 1.00 18.09 ? 19   VAL A N   1 
ATOM   27   C  CA  . VAL A 1 5   ? 12.352  0.284   -11.897 1.00 16.18 ? 19   VAL A CA  1 
ATOM   28   C  C   . VAL A 1 5   ? 12.073  -1.172  -12.244 1.00 15.62 ? 19   VAL A C   1 
ATOM   29   O  O   . VAL A 1 5   ? 12.561  -2.081  -11.574 1.00 14.24 ? 19   VAL A O   1 
ATOM   30   C  CB  . VAL A 1 5   ? 11.244  0.850   -10.944 1.00 14.91 ? 19   VAL A CB  1 
ATOM   31   C  CG1 . VAL A 1 5   ? 11.148  2.364   -11.104 1.00 13.78 ? 19   VAL A CG1 1 
ATOM   32   C  CG2 . VAL A 1 5   ? 9.912   0.164   -11.181 1.00 13.16 ? 19   VAL A CG2 1 
ATOM   33   N  N   . ARG A 1 6   ? 11.311  -1.381  -13.316 1.00 16.11 ? 20   ARG A N   1 
ATOM   34   C  CA  . ARG A 1 6   ? 10.978  -2.725  -13.796 1.00 17.73 ? 20   ARG A CA  1 
ATOM   35   C  C   . ARG A 1 6   ? 12.208  -3.470  -14.292 1.00 17.33 ? 20   ARG A C   1 
ATOM   36   O  O   . ARG A 1 6   ? 12.285  -4.690  -14.185 1.00 16.88 ? 20   ARG A O   1 
ATOM   37   C  CB  . ARG A 1 6   ? 10.011  -2.673  -14.977 1.00 19.51 ? 20   ARG A CB  1 
ATOM   38   C  CG  . ARG A 1 6   ? 8.562   -2.453  -14.694 1.00 23.69 ? 20   ARG A CG  1 
ATOM   39   C  CD  . ARG A 1 6   ? 7.858   -2.632  -16.011 1.00 27.92 ? 20   ARG A CD  1 
ATOM   40   N  NE  . ARG A 1 6   ? 6.588   -1.930  -16.114 1.00 31.17 ? 20   ARG A NE  1 
ATOM   41   C  CZ  . ARG A 1 6   ? 6.037   -1.587  -17.275 1.00 34.53 ? 20   ARG A CZ  1 
ATOM   42   N  NH1 . ARG A 1 6   ? 6.657   -1.883  -18.414 1.00 35.42 ? 20   ARG A NH1 1 
ATOM   43   N  NH2 . ARG A 1 6   ? 4.872   -0.949  -17.304 1.00 34.96 ? 20   ARG A NH2 1 
ATOM   44   N  N   . LYS A 1 7   ? 13.154  -2.734  -14.866 1.00 17.58 ? 21   LYS A N   1 
ATOM   45   C  CA  . LYS A 1 7   ? 14.362  -3.345  -15.409 1.00 18.53 ? 21   LYS A CA  1 
ATOM   46   C  C   . LYS A 1 7   ? 15.388  -3.723  -14.353 1.00 18.12 ? 21   LYS A C   1 
ATOM   47   O  O   . LYS A 1 7   ? 16.117  -4.695  -14.527 1.00 18.24 ? 21   LYS A O   1 
ATOM   48   C  CB  . LYS A 1 7   ? 14.995  -2.418  -16.448 1.00 19.63 ? 21   LYS A CB  1 
ATOM   49   C  CG  . LYS A 1 7   ? 16.150  -3.029  -17.207 1.00 22.59 ? 21   LYS A CG  1 
ATOM   50   C  CD  . LYS A 1 7   ? 16.405  -2.303  -18.528 1.00 26.46 ? 21   LYS A CD  1 
ATOM   51   C  CE  . LYS A 1 7   ? 16.655  -0.823  -18.325 1.00 29.53 ? 21   LYS A CE  1 
ATOM   52   N  NZ  . LYS A 1 7   ? 16.732  -0.058  -19.613 1.00 33.35 ? 21   LYS A NZ  1 
ATOM   53   N  N   . ARG A 1 8   ? 15.441  -2.964  -13.260 1.00 17.31 ? 22   ARG A N   1 
ATOM   54   C  CA  . ARG A 1 8   ? 16.387  -3.240  -12.180 1.00 17.94 ? 22   ARG A CA  1 
ATOM   55   C  C   . ARG A 1 8   ? 15.680  -3.126  -10.835 1.00 17.59 ? 22   ARG A C   1 
ATOM   56   O  O   . ARG A 1 8   ? 16.093  -2.351  -9.979  1.00 17.25 ? 22   ARG A O   1 
ATOM   57   C  CB  . ARG A 1 8   ? 17.547  -2.244  -12.207 1.00 20.13 ? 22   ARG A CB  1 
ATOM   58   C  CG  . ARG A 1 8   ? 18.252  -2.116  -13.542 1.00 24.57 ? 22   ARG A CG  1 
ATOM   59   C  CD  . ARG A 1 8   ? 19.435  -1.169  -13.445 1.00 26.64 ? 22   ARG A CD  1 
ATOM   60   N  NE  . ARG A 1 8   ? 19.906  -0.738  -14.761 1.00 28.96 ? 22   ARG A NE  1 
ATOM   61   C  CZ  . ARG A 1 8   ? 19.237  0.089   -15.561 1.00 27.40 ? 22   ARG A CZ  1 
ATOM   62   N  NH1 . ARG A 1 8   ? 19.735  0.426   -16.741 1.00 28.89 ? 22   ARG A NH1 1 
ATOM   63   N  NH2 . ARG A 1 8   ? 18.073  0.587   -15.178 1.00 27.47 ? 22   ARG A NH2 1 
ATOM   64   N  N   . PRO A 1 9   ? 14.617  -3.920  -10.623 1.00 16.82 ? 23   PRO A N   1 
ATOM   65   C  CA  . PRO A 1 9   ? 13.832  -3.913  -9.380  1.00 16.23 ? 23   PRO A CA  1 
ATOM   66   C  C   . PRO A 1 9   ? 14.643  -3.972  -8.083  1.00 15.15 ? 23   PRO A C   1 
ATOM   67   O  O   . PRO A 1 9   ? 14.353  -3.250  -7.125  1.00 13.50 ? 23   PRO A O   1 
ATOM   68   C  CB  . PRO A 1 9   ? 12.919  -5.128  -9.546  1.00 16.97 ? 23   PRO A CB  1 
ATOM   69   C  CG  . PRO A 1 9   ? 13.753  -6.061  -10.369 1.00 17.23 ? 23   PRO A CG  1 
ATOM   70   C  CD  . PRO A 1 9   ? 14.311  -5.121  -11.420 1.00 17.15 ? 23   PRO A CD  1 
ATOM   71   N  N   . GLY A 1 10  ? 15.658  -4.829  -8.062  1.00 14.81 ? 24   GLY A N   1 
ATOM   72   C  CA  . GLY A 1 10  ? 16.488  -4.982  -6.877  1.00 13.34 ? 24   GLY A CA  1 
ATOM   73   C  C   . GLY A 1 10  ? 17.102  -3.716  -6.316  1.00 13.70 ? 24   GLY A C   1 
ATOM   74   O  O   . GLY A 1 10  ? 17.195  -3.551  -5.096  1.00 12.88 ? 24   GLY A O   1 
ATOM   75   N  N   . MET A 1 11  ? 17.530  -2.817  -7.193  1.00 13.47 ? 25   MET A N   1 
ATOM   76   C  CA  . MET A 1 11  ? 18.141  -1.573  -6.739  1.00 14.79 ? 25   MET A CA  1 
ATOM   77   C  C   . MET A 1 11  ? 17.187  -0.686  -5.945  1.00 15.13 ? 25   MET A C   1 
ATOM   78   O  O   . MET A 1 11  ? 17.623  0.097   -5.102  1.00 15.92 ? 25   MET A O   1 
ATOM   79   C  CB  . MET A 1 11  ? 18.679  -0.777  -7.930  1.00 13.38 ? 25   MET A CB  1 
ATOM   80   C  CG  . MET A 1 11  ? 19.689  -1.530  -8.777  1.00 13.74 ? 25   MET A CG  1 
ATOM   81   S  SD  . MET A 1 11  ? 21.011  -2.289  -7.829  1.00 15.04 ? 25   MET A SD  1 
ATOM   82   C  CE  . MET A 1 11  ? 22.000  -0.874  -7.430  1.00 13.77 ? 25   MET A CE  1 
ATOM   83   N  N   . TYR A 1 12  ? 15.889  -0.805  -6.206  1.00 15.64 ? 26   TYR A N   1 
ATOM   84   C  CA  . TYR A 1 12  ? 14.912  0.025   -5.512  1.00 15.74 ? 26   TYR A CA  1 
ATOM   85   C  C   . TYR A 1 12  ? 14.227  -0.631  -4.314  1.00 16.33 ? 26   TYR A C   1 
ATOM   86   O  O   . TYR A 1 12  ? 14.102  -0.012  -3.251  1.00 16.56 ? 26   TYR A O   1 
ATOM   87   C  CB  . TYR A 1 12  ? 13.827  0.505   -6.488  1.00 16.33 ? 26   TYR A CB  1 
ATOM   88   C  CG  . TYR A 1 12  ? 14.343  1.201   -7.728  1.00 17.59 ? 26   TYR A CG  1 
ATOM   89   C  CD1 . TYR A 1 12  ? 14.658  0.475   -8.880  1.00 16.99 ? 26   TYR A CD1 1 
ATOM   90   C  CD2 . TYR A 1 12  ? 14.539  2.587   -7.747  1.00 18.32 ? 26   TYR A CD2 1 
ATOM   91   C  CE1 . TYR A 1 12  ? 15.159  1.108   -10.022 1.00 19.05 ? 26   TYR A CE1 1 
ATOM   92   C  CE2 . TYR A 1 12  ? 15.038  3.231   -8.885  1.00 18.74 ? 26   TYR A CE2 1 
ATOM   93   C  CZ  . TYR A 1 12  ? 15.347  2.483   -10.016 1.00 18.90 ? 26   TYR A CZ  1 
ATOM   94   O  OH  . TYR A 1 12  ? 15.863  3.098   -11.136 1.00 19.17 ? 26   TYR A OH  1 
ATOM   95   N  N   . ILE A 1 13  ? 13.800  -1.882  -4.480  1.00 15.30 ? 27   ILE A N   1 
ATOM   96   C  CA  . ILE A 1 13  ? 13.060  -2.588  -3.433  1.00 14.46 ? 27   ILE A CA  1 
ATOM   97   C  C   . ILE A 1 13  ? 13.823  -3.635  -2.610  1.00 14.18 ? 27   ILE A C   1 
ATOM   98   O  O   . ILE A 1 13  ? 13.322  -4.108  -1.587  1.00 12.58 ? 27   ILE A O   1 
ATOM   99   C  CB  . ILE A 1 13  ? 11.804  -3.264  -4.056  1.00 15.62 ? 27   ILE A CB  1 
ATOM   100  C  CG1 . ILE A 1 13  ? 10.759  -3.564  -2.977  1.00 15.03 ? 27   ILE A CG1 1 
ATOM   101  C  CG2 . ILE A 1 13  ? 12.206  -4.538  -4.790  1.00 13.62 ? 27   ILE A CG2 1 
ATOM   102  C  CD1 . ILE A 1 13  ? 9.947   -2.368  -2.548  1.00 13.29 ? 27   ILE A CD1 1 
ATOM   103  N  N   . GLY A 1 14  ? 15.018  -4.010  -3.053  1.00 13.74 ? 28   GLY A N   1 
ATOM   104  C  CA  . GLY A 1 14  ? 15.782  -5.000  -2.316  1.00 13.66 ? 28   GLY A CA  1 
ATOM   105  C  C   . GLY A 1 14  ? 15.748  -6.389  -2.935  1.00 13.76 ? 28   GLY A C   1 
ATOM   106  O  O   . GLY A 1 14  ? 15.137  -6.600  -3.988  1.00 14.00 ? 28   GLY A O   1 
ATOM   107  N  N   . ASP A 1 15  ? 16.404  -7.336  -2.266  1.00 15.04 ? 29   ASP A N   1 
ATOM   108  C  CA  . ASP A 1 15  ? 16.499  -8.725  -2.716  1.00 16.05 ? 29   ASP A CA  1 
ATOM   109  C  C   . ASP A 1 15  ? 15.157  -9.300  -3.178  1.00 15.19 ? 29   ASP A C   1 
ATOM   110  O  O   . ASP A 1 15  ? 14.260  -9.545  -2.372  1.00 15.84 ? 29   ASP A O   1 
ATOM   111  C  CB  . ASP A 1 15  ? 17.074  -9.580  -1.583  1.00 18.13 ? 29   ASP A CB  1 
ATOM   112  C  CG  . ASP A 1 15  ? 17.531  -10.954 -2.051  1.00 21.44 ? 29   ASP A CG  1 
ATOM   113  O  OD1 . ASP A 1 15  ? 16.743  -11.668 -2.715  1.00 21.10 ? 29   ASP A OD1 1 
ATOM   114  O  OD2 . ASP A 1 15  ? 18.685  -11.324 -1.740  1.00 22.78 ? 29   ASP A OD2 1 
ATOM   115  N  N   . THR A 1 16  ? 15.039  -9.530  -4.480  1.00 14.63 ? 30   THR A N   1 
ATOM   116  C  CA  . THR A 1 16  ? 13.812  -10.058 -5.071  1.00 15.95 ? 30   THR A CA  1 
ATOM   117  C  C   . THR A 1 16  ? 13.670  -11.580 -5.018  1.00 16.22 ? 30   THR A C   1 
ATOM   118  O  O   . THR A 1 16  ? 12.726  -12.131 -5.581  1.00 14.66 ? 30   THR A O   1 
ATOM   119  C  CB  . THR A 1 16  ? 13.691  -9.629  -6.541  1.00 17.57 ? 30   THR A CB  1 
ATOM   120  O  OG1 . THR A 1 16  ? 14.850  -10.070 -7.261  1.00 20.41 ? 30   THR A OG1 1 
ATOM   121  C  CG2 . THR A 1 16  ? 13.588  -8.118  -6.648  1.00 19.43 ? 30   THR A CG2 1 
ATOM   122  N  N   . ASP A 1 17  ? 14.583  -12.260 -4.335  1.00 17.66 ? 31   ASP A N   1 
ATOM   123  C  CA  . ASP A 1 17  ? 14.520  -13.719 -4.271  1.00 19.66 ? 31   ASP A CA  1 
ATOM   124  C  C   . ASP A 1 17  ? 14.428  -14.298 -2.862  1.00 19.38 ? 31   ASP A C   1 
ATOM   125  O  O   . ASP A 1 17  ? 13.981  -15.427 -2.690  1.00 19.28 ? 31   ASP A O   1 
ATOM   126  C  CB  . ASP A 1 17  ? 15.747  -14.323 -4.968  1.00 20.57 ? 31   ASP A CB  1 
ATOM   127  C  CG  . ASP A 1 17  ? 15.630  -15.831 -5.167  1.00 22.57 ? 31   ASP A CG  1 
ATOM   128  O  OD1 . ASP A 1 17  ? 15.078  -16.259 -6.203  1.00 22.59 ? 31   ASP A OD1 1 
ATOM   129  O  OD2 . ASP A 1 17  ? 16.084  -16.592 -4.286  1.00 23.45 ? 31   ASP A OD2 1 
ATOM   130  N  N   . ASP A 1 18  ? 14.834  -13.537 -1.853  1.00 19.16 ? 32   ASP A N   1 
ATOM   131  C  CA  . ASP A 1 18  ? 14.812  -14.066 -0.493  1.00 19.84 ? 32   ASP A CA  1 
ATOM   132  C  C   . ASP A 1 18  ? 13.670  -13.562 0.382   1.00 18.36 ? 32   ASP A C   1 
ATOM   133  O  O   . ASP A 1 18  ? 13.633  -13.852 1.579   1.00 17.81 ? 32   ASP A O   1 
ATOM   134  C  CB  . ASP A 1 18  ? 16.155  -13.786 0.190   1.00 22.72 ? 32   ASP A CB  1 
ATOM   135  C  CG  . ASP A 1 18  ? 16.222  -12.403 0.811   1.00 24.20 ? 32   ASP A CG  1 
ATOM   136  O  OD1 . ASP A 1 18  ? 15.781  -11.430 0.165   1.00 24.19 ? 32   ASP A OD1 1 
ATOM   137  O  OD2 . ASP A 1 18  ? 16.727  -12.291 1.948   1.00 26.20 ? 32   ASP A OD2 1 
ATOM   138  N  N   . GLY A 1 19  ? 12.741  -12.813 -0.215  1.00 18.19 ? 33   GLY A N   1 
ATOM   139  C  CA  . GLY A 1 19  ? 11.603  -12.302 0.533   1.00 16.90 ? 33   GLY A CA  1 
ATOM   140  C  C   . GLY A 1 19  ? 11.779  -10.929 1.164   1.00 16.83 ? 33   GLY A C   1 
ATOM   141  O  O   . GLY A 1 19  ? 10.819  -10.353 1.689   1.00 15.79 ? 33   GLY A O   1 
ATOM   142  N  N   . THR A 1 20  ? 12.998  -10.399 1.126   1.00 16.02 ? 34   THR A N   1 
ATOM   143  C  CA  . THR A 1 20  ? 13.262  -9.088  1.705   1.00 15.22 ? 34   THR A CA  1 
ATOM   144  C  C   . THR A 1 20  ? 12.474  -8.022  0.952   1.00 15.27 ? 34   THR A C   1 
ATOM   145  O  O   . THR A 1 20  ? 11.770  -7.210  1.560   1.00 15.49 ? 34   THR A O   1 
ATOM   146  C  CB  . THR A 1 20  ? 14.769  -8.731  1.639   1.00 17.09 ? 34   THR A CB  1 
ATOM   147  O  OG1 . THR A 1 20  ? 15.531  -9.724  2.334   1.00 19.10 ? 34   THR A OG1 1 
ATOM   148  C  CG2 . THR A 1 20  ? 15.022  -7.368  2.283   1.00 16.74 ? 34   THR A CG2 1 
ATOM   149  N  N   . GLY A 1 21  ? 12.597  -8.032  -0.373  1.00 13.31 ? 35   GLY A N   1 
ATOM   150  C  CA  . GLY A 1 21  ? 11.890  -7.068  -1.198  1.00 12.89 ? 35   GLY A CA  1 
ATOM   151  C  C   . GLY A 1 21  ? 10.387  -7.262  -1.179  1.00 13.22 ? 35   GLY A C   1 
ATOM   152  O  O   . GLY A 1 21  ? 9.630   -6.292  -1.145  1.00 11.61 ? 35   GLY A O   1 
ATOM   153  N  N   . LEU A 1 22  ? 9.949   -8.518  -1.204  1.00 13.79 ? 36   LEU A N   1 
ATOM   154  C  CA  . LEU A 1 22  ? 8.525   -8.832  -1.190  1.00 13.77 ? 36   LEU A CA  1 
ATOM   155  C  C   . LEU A 1 22  ? 7.827   -8.135  -0.029  1.00 13.02 ? 36   LEU A C   1 
ATOM   156  O  O   . LEU A 1 22  ? 6.857   -7.409  -0.231  1.00 12.58 ? 36   LEU A O   1 
ATOM   157  C  CB  . LEU A 1 22  ? 8.297   -10.344 -1.072  1.00 13.87 ? 36   LEU A CB  1 
ATOM   158  C  CG  . LEU A 1 22  ? 6.828   -10.779 -1.183  1.00 12.86 ? 36   LEU A CG  1 
ATOM   159  C  CD1 . LEU A 1 22  ? 6.374   -10.657 -2.617  1.00 13.42 ? 36   LEU A CD1 1 
ATOM   160  C  CD2 . LEU A 1 22  ? 6.667   -12.203 -0.707  1.00 13.14 ? 36   LEU A CD2 1 
ATOM   161  N  N   . HIS A 1 23  ? 8.319   -8.360  1.186   1.00 13.79 ? 37   HIS A N   1 
ATOM   162  C  CA  . HIS A 1 23  ? 7.717   -7.745  2.359   1.00 14.35 ? 37   HIS A CA  1 
ATOM   163  C  C   . HIS A 1 23  ? 7.917   -6.240  2.442   1.00 14.61 ? 37   HIS A C   1 
ATOM   164  O  O   . HIS A 1 23  ? 7.109   -5.545  3.054   1.00 13.86 ? 37   HIS A O   1 
ATOM   165  C  CB  . HIS A 1 23  ? 8.228   -8.411  3.636   1.00 15.40 ? 37   HIS A CB  1 
ATOM   166  C  CG  . HIS A 1 23  ? 7.790   -9.836  3.778   1.00 17.25 ? 37   HIS A CG  1 
ATOM   167  N  ND1 . HIS A 1 23  ? 8.518   -10.892 3.273   1.00 17.67 ? 37   HIS A ND1 1 
ATOM   168  C  CD2 . HIS A 1 23  ? 6.661   -10.372 4.300   1.00 17.62 ? 37   HIS A CD2 1 
ATOM   169  C  CE1 . HIS A 1 23  ? 7.855   -12.017 3.474   1.00 17.34 ? 37   HIS A CE1 1 
ATOM   170  N  NE2 . HIS A 1 23  ? 6.725   -11.729 4.093   1.00 17.99 ? 37   HIS A NE2 1 
ATOM   171  N  N   . HIS A 1 24  ? 8.975   -5.722  1.827   1.00 15.03 ? 38   HIS A N   1 
ATOM   172  C  CA  . HIS A 1 24  ? 9.176   -4.286  1.883   1.00 16.84 ? 38   HIS A CA  1 
ATOM   173  C  C   . HIS A 1 24  ? 8.231   -3.536  0.966   1.00 14.78 ? 38   HIS A C   1 
ATOM   174  O  O   . HIS A 1 24  ? 8.123   -2.317  1.040   1.00 14.31 ? 38   HIS A O   1 
ATOM   175  C  CB  . HIS A 1 24  ? 10.638  -3.924  1.628   1.00 20.64 ? 38   HIS A CB  1 
ATOM   176  C  CG  . HIS A 1 24  ? 11.478  -4.034  2.863   1.00 27.22 ? 38   HIS A CG  1 
ATOM   177  N  ND1 . HIS A 1 24  ? 11.694  -5.235  3.505   1.00 30.38 ? 38   HIS A ND1 1 
ATOM   178  C  CD2 . HIS A 1 24  ? 12.059  -3.085  3.633   1.00 28.94 ? 38   HIS A CD2 1 
ATOM   179  C  CE1 . HIS A 1 24  ? 12.369  -5.020  4.621   1.00 31.66 ? 38   HIS A CE1 1 
ATOM   180  N  NE2 . HIS A 1 24  ? 12.602  -3.724  4.723   1.00 30.94 ? 38   HIS A NE2 1 
ATOM   181  N  N   . MET A 1 25  ? 7.526   -4.278  0.118   1.00 14.36 ? 39   MET A N   1 
ATOM   182  C  CA  . MET A 1 25  ? 6.526   -3.684  -0.755  1.00 12.55 ? 39   MET A CA  1 
ATOM   183  C  C   . MET A 1 25  ? 5.429   -3.220  0.199   1.00 12.20 ? 39   MET A C   1 
ATOM   184  O  O   . MET A 1 25  ? 4.917   -2.107  0.094   1.00 11.89 ? 39   MET A O   1 
ATOM   185  C  CB  . MET A 1 25  ? 5.953   -4.736  -1.705  1.00 11.79 ? 39   MET A CB  1 
ATOM   186  C  CG  . MET A 1 25  ? 6.900   -5.206  -2.770  1.00 10.79 ? 39   MET A CG  1 
ATOM   187  S  SD  . MET A 1 25  ? 6.859   -4.184  -4.251  1.00 13.38 ? 39   MET A SD  1 
ATOM   188  C  CE  . MET A 1 25  ? 5.332   -4.802  -5.022  1.00 8.72  ? 39   MET A CE  1 
ATOM   189  N  N   . VAL A 1 26  ? 5.096   -4.095  1.146   1.00 12.17 ? 40   VAL A N   1 
ATOM   190  C  CA  . VAL A 1 26  ? 4.064   -3.820  2.141   1.00 11.11 ? 40   VAL A CA  1 
ATOM   191  C  C   . VAL A 1 26  ? 4.476   -2.674  3.057   1.00 10.96 ? 40   VAL A C   1 
ATOM   192  O  O   . VAL A 1 26  ? 3.681   -1.775  3.344   1.00 10.96 ? 40   VAL A O   1 
ATOM   193  C  CB  . VAL A 1 26  ? 3.791   -5.061  3.040   1.00 11.56 ? 40   VAL A CB  1 
ATOM   194  C  CG1 . VAL A 1 26  ? 2.721   -4.733  4.068   1.00 11.30 ? 40   VAL A CG1 1 
ATOM   195  C  CG2 . VAL A 1 26  ? 3.360   -6.250  2.194   1.00 11.21 ? 40   VAL A CG2 1 
ATOM   196  N  N   . PHE A 1 27  ? 5.722   -2.717  3.521   1.00 10.30 ? 41   PHE A N   1 
ATOM   197  C  CA  . PHE A 1 27  ? 6.229   -1.692  4.424   1.00 11.52 ? 41   PHE A CA  1 
ATOM   198  C  C   . PHE A 1 27  ? 6.209   -0.305  3.791   1.00 12.25 ? 41   PHE A C   1 
ATOM   199  O  O   . PHE A 1 27  ? 5.888   0.678   4.462   1.00 12.27 ? 41   PHE A O   1 
ATOM   200  C  CB  . PHE A 1 27  ? 7.643   -2.046  4.910   1.00 10.91 ? 41   PHE A CB  1 
ATOM   201  C  CG  . PHE A 1 27  ? 7.705   -3.308  5.742   1.00 14.36 ? 41   PHE A CG  1 
ATOM   202  C  CD1 . PHE A 1 27  ? 6.627   -3.686  6.542   1.00 14.83 ? 41   PHE A CD1 1 
ATOM   203  C  CD2 . PHE A 1 27  ? 8.846   -4.101  5.746   1.00 15.01 ? 41   PHE A CD2 1 
ATOM   204  C  CE1 . PHE A 1 27  ? 6.686   -4.830  7.329   1.00 16.16 ? 41   PHE A CE1 1 
ATOM   205  C  CE2 . PHE A 1 27  ? 8.917   -5.251  6.532   1.00 16.20 ? 41   PHE A CE2 1 
ATOM   206  C  CZ  . PHE A 1 27  ? 7.830   -5.614  7.327   1.00 15.42 ? 41   PHE A CZ  1 
ATOM   207  N  N   . GLU A 1 28  ? 6.539   -0.209  2.507   1.00 12.39 ? 42   GLU A N   1 
ATOM   208  C  CA  . GLU A 1 28  ? 6.513   1.099   1.862   1.00 12.66 ? 42   GLU A CA  1 
ATOM   209  C  C   . GLU A 1 28  ? 5.100   1.701   1.885   1.00 12.81 ? 42   GLU A C   1 
ATOM   210  O  O   . GLU A 1 28  ? 4.941   2.905   2.102   1.00 12.06 ? 42   GLU A O   1 
ATOM   211  C  CB  . GLU A 1 28  ? 7.021   1.013   0.420   1.00 13.49 ? 42   GLU A CB  1 
ATOM   212  C  CG  . GLU A 1 28  ? 6.836   2.302   -0.355  1.00 15.73 ? 42   GLU A CG  1 
ATOM   213  C  CD  . GLU A 1 28  ? 7.500   3.496   0.314   1.00 18.70 ? 42   GLU A CD  1 
ATOM   214  O  OE1 . GLU A 1 28  ? 6.981   4.625   0.162   1.00 19.34 ? 42   GLU A OE1 1 
ATOM   215  O  OE2 . GLU A 1 28  ? 8.542   3.310   0.983   1.00 16.84 ? 42   GLU A OE2 1 
ATOM   216  N  N   . VAL A 1 29  ? 4.081   0.867   1.675   1.00 12.22 ? 43   VAL A N   1 
ATOM   217  C  CA  . VAL A 1 29  ? 2.693   1.335   1.676   1.00 11.89 ? 43   VAL A CA  1 
ATOM   218  C  C   . VAL A 1 29  ? 2.266   1.739   3.087   1.00 11.58 ? 43   VAL A C   1 
ATOM   219  O  O   . VAL A 1 29  ? 1.581   2.746   3.271   1.00 11.26 ? 43   VAL A O   1 
ATOM   220  C  CB  . VAL A 1 29  ? 1.717   0.245   1.144   1.00 11.43 ? 43   VAL A CB  1 
ATOM   221  C  CG1 . VAL A 1 29  ? 0.283   0.794   1.101   1.00 11.06 ? 43   VAL A CG1 1 
ATOM   222  C  CG2 . VAL A 1 29  ? 2.139   -0.203  -0.241  1.00 10.20 ? 43   VAL A CG2 1 
ATOM   223  N  N   . VAL A 1 30  ? 2.669   0.948   4.079   1.00 11.92 ? 44   VAL A N   1 
ATOM   224  C  CA  . VAL A 1 30  ? 2.349   1.232   5.479   1.00 11.19 ? 44   VAL A CA  1 
ATOM   225  C  C   . VAL A 1 30  ? 2.986   2.565   5.900   1.00 11.76 ? 44   VAL A C   1 
ATOM   226  O  O   . VAL A 1 30  ? 2.340   3.391   6.561   1.00 11.63 ? 44   VAL A O   1 
ATOM   227  C  CB  . VAL A 1 30  ? 2.860   0.097   6.415   1.00 12.00 ? 44   VAL A CB  1 
ATOM   228  C  CG1 . VAL A 1 30  ? 2.730   0.511   7.866   1.00 11.25 ? 44   VAL A CG1 1 
ATOM   229  C  CG2 . VAL A 1 30  ? 2.057   -1.180  6.178   1.00 10.98 ? 44   VAL A CG2 1 
ATOM   230  N  N   . ASP A 1 31  ? 4.246   2.775   5.515   1.00 10.09 ? 45   ASP A N   1 
ATOM   231  C  CA  . ASP A 1 31  ? 4.940   4.016   5.847   1.00 11.03 ? 45   ASP A CA  1 
ATOM   232  C  C   . ASP A 1 31  ? 4.180   5.227   5.291   1.00 10.90 ? 45   ASP A C   1 
ATOM   233  O  O   . ASP A 1 31  ? 4.142   6.281   5.917   1.00 11.64 ? 45   ASP A O   1 
ATOM   234  C  CB  . ASP A 1 31  ? 6.371   4.001   5.297   1.00 12.75 ? 45   ASP A CB  1 
ATOM   235  C  CG  . ASP A 1 31  ? 7.352   3.289   6.218   1.00 13.41 ? 45   ASP A CG  1 
ATOM   236  O  OD1 . ASP A 1 31  ? 8.495   3.045   5.781   1.00 12.33 ? 45   ASP A OD1 1 
ATOM   237  O  OD2 . ASP A 1 31  ? 6.983   2.979   7.372   1.00 14.68 ? 45   ASP A OD2 1 
ATOM   238  N  N   . ASN A 1 32  ? 3.593   5.081   4.107   1.00 10.67 ? 46   ASN A N   1 
ATOM   239  C  CA  . ASN A 1 32  ? 2.823   6.176   3.540   1.00 11.68 ? 46   ASN A CA  1 
ATOM   240  C  C   . ASN A 1 32  ? 1.615   6.411   4.444   1.00 11.94 ? 46   ASN A C   1 
ATOM   241  O  O   . ASN A 1 32  ? 1.234   7.547   4.691   1.00 10.97 ? 46   ASN A O   1 
ATOM   242  C  CB  . ASN A 1 32  ? 2.364   5.855   2.111   1.00 11.64 ? 46   ASN A CB  1 
ATOM   243  C  CG  . ASN A 1 32  ? 3.483   6.008   1.092   1.00 14.78 ? 46   ASN A CG  1 
ATOM   244  O  OD1 . ASN A 1 32  ? 4.449   5.252   1.095   1.00 16.53 ? 46   ASN A OD1 1 
ATOM   245  N  ND2 . ASN A 1 32  ? 3.358   6.998   0.224   1.00 14.92 ? 46   ASN A ND2 1 
ATOM   246  N  N   . ALA A 1 33  ? 1.027   5.326   4.940   1.00 12.49 ? 47   ALA A N   1 
ATOM   247  C  CA  . ALA A 1 33  ? -0.120  5.420   5.836   1.00 13.55 ? 47   ALA A CA  1 
ATOM   248  C  C   . ALA A 1 33  ? 0.320   6.066   7.148   1.00 14.50 ? 47   ALA A C   1 
ATOM   249  O  O   . ALA A 1 33  ? -0.368  6.931   7.679   1.00 14.44 ? 47   ALA A O   1 
ATOM   250  C  CB  . ALA A 1 33  ? -0.693  4.039   6.099   1.00 12.26 ? 47   ALA A CB  1 
ATOM   251  N  N   . ILE A 1 34  ? 1.475   5.646   7.664   1.00 15.31 ? 48   ILE A N   1 
ATOM   252  C  CA  . ILE A 1 34  ? 2.000   6.209   8.906   1.00 16.82 ? 48   ILE A CA  1 
ATOM   253  C  C   . ILE A 1 34  ? 2.121   7.730   8.832   1.00 17.33 ? 48   ILE A C   1 
ATOM   254  O  O   . ILE A 1 34  ? 1.842   8.415   9.812   1.00 17.51 ? 48   ILE A O   1 
ATOM   255  C  CB  . ILE A 1 34  ? 3.385   5.618   9.261   1.00 17.75 ? 48   ILE A CB  1 
ATOM   256  C  CG1 . ILE A 1 34  ? 3.240   4.143   9.652   1.00 18.97 ? 48   ILE A CG1 1 
ATOM   257  C  CG2 . ILE A 1 34  ? 4.012   6.414   10.395  1.00 20.06 ? 48   ILE A CG2 1 
ATOM   258  C  CD1 . ILE A 1 34  ? 2.345   3.907   10.841  1.00 21.06 ? 48   ILE A CD1 1 
ATOM   259  N  N   . ASP A 1 35  ? 2.533   8.262   7.684   1.00 18.58 ? 49   ASP A N   1 
ATOM   260  C  CA  . ASP A 1 35  ? 2.651   9.714   7.534   1.00 19.76 ? 49   ASP A CA  1 
ATOM   261  C  C   . ASP A 1 35  ? 1.342   10.444  7.799   1.00 19.86 ? 49   ASP A C   1 
ATOM   262  O  O   . ASP A 1 35  ? 1.342   11.482  8.447   1.00 19.80 ? 49   ASP A O   1 
ATOM   263  C  CB  . ASP A 1 35  ? 3.143   10.093  6.139   1.00 21.13 ? 49   ASP A CB  1 
ATOM   264  C  CG  . ASP A 1 35  ? 4.632   10.290  6.090   1.00 24.00 ? 49   ASP A CG  1 
ATOM   265  O  OD1 . ASP A 1 35  ? 5.129   10.810  5.068   1.00 27.17 ? 49   ASP A OD1 1 
ATOM   266  O  OD2 . ASP A 1 35  ? 5.308   9.927   7.073   1.00 26.66 ? 49   ASP A OD2 1 
ATOM   267  N  N   . GLU A 1 36  ? 0.236   9.908   7.284   1.00 20.05 ? 50   GLU A N   1 
ATOM   268  C  CA  . GLU A 1 36  ? -1.077  10.517  7.487   1.00 18.62 ? 50   GLU A CA  1 
ATOM   269  C  C   . GLU A 1 36  ? -1.462  10.555  8.957   1.00 19.60 ? 50   GLU A C   1 
ATOM   270  O  O   . GLU A 1 36  ? -2.318  11.342  9.364   1.00 19.10 ? 50   GLU A O   1 
ATOM   271  C  CB  . GLU A 1 36  ? -2.160  9.757   6.720   1.00 18.75 ? 50   GLU A CB  1 
ATOM   272  C  CG  . GLU A 1 36  ? -2.453  10.291  5.351   1.00 19.04 ? 50   GLU A CG  1 
ATOM   273  C  CD  . GLU A 1 36  ? -2.614  11.799  5.341   1.00 19.31 ? 50   GLU A CD  1 
ATOM   274  O  OE1 . GLU A 1 36  ? -1.579  12.500  5.362   1.00 17.53 ? 50   GLU A OE1 1 
ATOM   275  O  OE2 . GLU A 1 36  ? -3.768  12.277  5.328   1.00 16.97 ? 50   GLU A OE2 1 
ATOM   276  N  N   . ALA A 1 37  ? -0.834  9.689   9.748   1.00 19.59 ? 51   ALA A N   1 
ATOM   277  C  CA  . ALA A 1 37  ? -1.099  9.627   11.185  1.00 21.34 ? 51   ALA A CA  1 
ATOM   278  C  C   . ALA A 1 37  ? -0.190  10.607  11.911  1.00 22.12 ? 51   ALA A C   1 
ATOM   279  O  O   . ALA A 1 37  ? -0.569  11.179  12.929  1.00 23.51 ? 51   ALA A O   1 
ATOM   280  C  CB  . ALA A 1 37  ? -0.858  8.208   11.706  1.00 20.15 ? 51   ALA A CB  1 
ATOM   281  N  N   . LEU A 1 38  ? 1.014   10.787  11.379  1.00 22.86 ? 52   LEU A N   1 
ATOM   282  C  CA  . LEU A 1 38  ? 1.998   11.695  11.960  1.00 24.18 ? 52   LEU A CA  1 
ATOM   283  C  C   . LEU A 1 38  ? 1.541   13.123  11.666  1.00 24.49 ? 52   LEU A C   1 
ATOM   284  O  O   . LEU A 1 38  ? 1.887   14.067  12.382  1.00 23.95 ? 52   LEU A O   1 
ATOM   285  C  CB  . LEU A 1 38  ? 3.371   11.442  11.323  1.00 25.83 ? 52   LEU A CB  1 
ATOM   286  C  CG  . LEU A 1 38  ? 4.653   12.024  11.928  1.00 27.79 ? 52   LEU A CG  1 
ATOM   287  C  CD1 . LEU A 1 38  ? 5.828   11.610  11.055  1.00 28.86 ? 52   LEU A CD1 1 
ATOM   288  C  CD2 . LEU A 1 38  ? 4.586   13.540  12.020  1.00 29.28 ? 52   LEU A CD2 1 
ATOM   289  N  N   . ALA A 1 39  ? 0.755   13.266  10.602  1.00 23.56 ? 53   ALA A N   1 
ATOM   290  C  CA  . ALA A 1 39  ? 0.238   14.566  10.193  1.00 22.11 ? 53   ALA A CA  1 
ATOM   291  C  C   . ALA A 1 39  ? -0.928  14.963  11.091  1.00 21.73 ? 53   ALA A C   1 
ATOM   292  O  O   . ALA A 1 39  ? -1.331  16.126  11.127  1.00 21.49 ? 53   ALA A O   1 
ATOM   293  C  CB  . ALA A 1 39  ? -0.207  14.512  8.742   1.00 19.90 ? 53   ALA A CB  1 
ATOM   294  N  N   . GLY A 1 40  ? -1.467  13.979  11.808  1.00 21.87 ? 54   GLY A N   1 
ATOM   295  C  CA  . GLY A 1 40  ? -2.573  14.231  12.714  1.00 21.04 ? 54   GLY A CA  1 
ATOM   296  C  C   . GLY A 1 40  ? -3.946  13.982  12.123  1.00 20.88 ? 54   GLY A C   1 
ATOM   297  O  O   . GLY A 1 40  ? -4.954  14.413  12.685  1.00 20.63 ? 54   GLY A O   1 
ATOM   298  N  N   . HIS A 1 41  ? -3.993  13.275  11.000  1.00 20.73 ? 55   HIS A N   1 
ATOM   299  C  CA  . HIS A 1 41  ? -5.261  12.994  10.335  1.00 21.19 ? 55   HIS A CA  1 
ATOM   300  C  C   . HIS A 1 41  ? -5.697  11.534  10.386  1.00 20.83 ? 55   HIS A C   1 
ATOM   301  O  O   . HIS A 1 41  ? -6.888  11.245  10.307  1.00 21.42 ? 55   HIS A O   1 
ATOM   302  C  CB  . HIS A 1 41  ? -5.181  13.455  8.884   1.00 20.60 ? 55   HIS A CB  1 
ATOM   303  C  CG  . HIS A 1 41  ? -4.916  14.919  8.738   1.00 23.08 ? 55   HIS A CG  1 
ATOM   304  N  ND1 . HIS A 1 41  ? -5.861  15.877  9.034   1.00 23.96 ? 55   HIS A ND1 1 
ATOM   305  C  CD2 . HIS A 1 41  ? -3.802  15.591  8.364   1.00 23.48 ? 55   HIS A CD2 1 
ATOM   306  C  CE1 . HIS A 1 41  ? -5.340  17.077  8.849   1.00 23.07 ? 55   HIS A CE1 1 
ATOM   307  N  NE2 . HIS A 1 41  ? -4.092  16.932  8.443   1.00 22.26 ? 55   HIS A NE2 1 
ATOM   308  N  N   . CYS A 1 42  ? -4.738  10.620  10.524  1.00 20.49 ? 56   CYS A N   1 
ATOM   309  C  CA  . CYS A 1 42  ? -5.027  9.187   10.579  1.00 20.77 ? 56   CYS A CA  1 
ATOM   310  C  C   . CYS A 1 42  ? -4.954  8.663   12.012  1.00 20.98 ? 56   CYS A C   1 
ATOM   311  O  O   . CYS A 1 42  ? -4.038  9.011   12.760  1.00 21.53 ? 56   CYS A O   1 
ATOM   312  C  CB  . CYS A 1 42  ? -4.034  8.432   9.693   1.00 20.09 ? 56   CYS A CB  1 
ATOM   313  S  SG  . CYS A 1 42  ? -3.967  6.641   9.928   1.00 17.83 ? 56   CYS A SG  1 
ATOM   314  N  N   . LYS A 1 43  ? -5.916  7.821   12.383  1.00 20.99 ? 57   LYS A N   1 
ATOM   315  C  CA  . LYS A 1 43  ? -5.976  7.251   13.726  1.00 21.27 ? 57   LYS A CA  1 
ATOM   316  C  C   . LYS A 1 43  ? -5.869  5.723   13.759  1.00 19.88 ? 57   LYS A C   1 
ATOM   317  O  O   . LYS A 1 43  ? -5.488  5.149   14.770  1.00 19.55 ? 57   LYS A O   1 
ATOM   318  C  CB  . LYS A 1 43  ? -7.262  7.717   14.412  1.00 23.53 ? 57   LYS A CB  1 
ATOM   319  C  CG  . LYS A 1 43  ? -7.263  9.205   14.676  1.00 25.88 ? 57   LYS A CG  1 
ATOM   320  C  CD  . LYS A 1 43  ? -8.636  9.756   14.947  1.00 27.93 ? 57   LYS A CD  1 
ATOM   321  C  CE  . LYS A 1 43  ? -8.562  11.256  15.178  1.00 28.53 ? 57   LYS A CE  1 
ATOM   322  N  NZ  . LYS A 1 43  ? -7.794  11.933  14.083  1.00 28.16 ? 57   LYS A NZ  1 
ATOM   323  N  N   . GLU A 1 44  ? -6.211  5.064   12.658  1.00 19.42 ? 58   GLU A N   1 
ATOM   324  C  CA  . GLU A 1 44  ? -6.098  3.607   12.588  1.00 18.11 ? 58   GLU A CA  1 
ATOM   325  C  C   . GLU A 1 44  ? -5.803  3.105   11.186  1.00 16.95 ? 58   GLU A C   1 
ATOM   326  O  O   . GLU A 1 44  ? -6.433  3.525   10.214  1.00 15.01 ? 58   GLU A O   1 
ATOM   327  C  CB  . GLU A 1 44  ? -7.361  2.917   13.089  1.00 19.87 ? 58   GLU A CB  1 
ATOM   328  C  CG  . GLU A 1 44  ? -7.174  1.413   13.181  1.00 21.47 ? 58   GLU A CG  1 
ATOM   329  C  CD  . GLU A 1 44  ? -8.368  0.693   13.779  1.00 21.50 ? 58   GLU A CD  1 
ATOM   330  O  OE1 . GLU A 1 44  ? -9.425  0.623   13.115  1.00 22.12 ? 58   GLU A OE1 1 
ATOM   331  O  OE2 . GLU A 1 44  ? -8.241  0.199   14.917  1.00 21.93 ? 58   GLU A OE2 1 
ATOM   332  N  N   . ILE A 1 45  ? -4.839  2.191   11.105  1.00 16.46 ? 59   ILE A N   1 
ATOM   333  C  CA  . ILE A 1 45  ? -4.417  1.580   9.852   1.00 14.72 ? 59   ILE A CA  1 
ATOM   334  C  C   . ILE A 1 45  ? -4.689  0.080   9.948   1.00 15.60 ? 59   ILE A C   1 
ATOM   335  O  O   . ILE A 1 45  ? -4.394  -0.543  10.975  1.00 15.60 ? 59   ILE A O   1 
ATOM   336  C  CB  . ILE A 1 45  ? -2.902  1.797   9.626   1.00 13.88 ? 59   ILE A CB  1 
ATOM   337  C  CG1 . ILE A 1 45  ? -2.596  3.295   9.584   1.00 11.95 ? 59   ILE A CG1 1 
ATOM   338  C  CG2 . ILE A 1 45  ? -2.455  1.121   8.329   1.00 12.59 ? 59   ILE A CG2 1 
ATOM   339  C  CD1 . ILE A 1 45  ? -1.136  3.638   9.837   1.00 10.76 ? 59   ILE A CD1 1 
ATOM   340  N  N   . ILE A 1 46  ? -5.252  -0.495  8.886   1.00 14.93 ? 60   ILE A N   1 
ATOM   341  C  CA  . ILE A 1 46  ? -5.562  -1.923  8.860   1.00 13.99 ? 60   ILE A CA  1 
ATOM   342  C  C   . ILE A 1 46  ? -4.834  -2.614  7.720   1.00 13.38 ? 60   ILE A C   1 
ATOM   343  O  O   . ILE A 1 46  ? -5.030  -2.275  6.560   1.00 12.99 ? 60   ILE A O   1 
ATOM   344  C  CB  . ILE A 1 46  ? -7.078  -2.167  8.688   1.00 14.28 ? 60   ILE A CB  1 
ATOM   345  C  CG1 . ILE A 1 46  ? -7.847  -1.467  9.810   1.00 14.82 ? 60   ILE A CG1 1 
ATOM   346  C  CG2 . ILE A 1 46  ? -7.371  -3.666  8.694   1.00 13.64 ? 60   ILE A CG2 1 
ATOM   347  C  CD1 . ILE A 1 46  ? -9.352  -1.511  9.635   1.00 16.72 ? 60   ILE A CD1 1 
ATOM   348  N  N   . VAL A 1 47  ? -4.001  -3.592  8.059   1.00 12.76 ? 61   VAL A N   1 
ATOM   349  C  CA  . VAL A 1 47  ? -3.230  -4.340  7.072   1.00 12.48 ? 61   VAL A CA  1 
ATOM   350  C  C   . VAL A 1 47  ? -3.789  -5.760  6.942   1.00 12.96 ? 61   VAL A C   1 
ATOM   351  O  O   . VAL A 1 47  ? -3.909  -6.484  7.935   1.00 14.42 ? 61   VAL A O   1 
ATOM   352  C  CB  . VAL A 1 47  ? -1.749  -4.392  7.490   1.00 11.43 ? 61   VAL A CB  1 
ATOM   353  C  CG1 . VAL A 1 47  ? -0.928  -5.105  6.431   1.00 11.83 ? 61   VAL A CG1 1 
ATOM   354  C  CG2 . VAL A 1 47  ? -1.231  -2.973  7.718   1.00 11.04 ? 61   VAL A CG2 1 
ATOM   355  N  N   . THR A 1 48  ? -4.117  -6.162  5.713   1.00 13.48 ? 62   THR A N   1 
ATOM   356  C  CA  . THR A 1 48  ? -4.709  -7.477  5.474   1.00 14.18 ? 62   THR A CA  1 
ATOM   357  C  C   . THR A 1 48  ? -3.981  -8.337  4.454   1.00 14.07 ? 62   THR A C   1 
ATOM   358  O  O   . THR A 1 48  ? -3.579  -7.861  3.389   1.00 13.47 ? 62   THR A O   1 
ATOM   359  C  CB  . THR A 1 48  ? -6.187  -7.339  4.999   1.00 14.33 ? 62   THR A CB  1 
ATOM   360  O  OG1 . THR A 1 48  ? -6.923  -6.543  5.939   1.00 15.33 ? 62   THR A OG1 1 
ATOM   361  C  CG2 . THR A 1 48  ? -6.854  -8.710  4.885   1.00 14.01 ? 62   THR A CG2 1 
ATOM   362  N  N   . ILE A 1 49  ? -3.804  -9.610  4.799   1.00 13.56 ? 63   ILE A N   1 
ATOM   363  C  CA  . ILE A 1 49  ? -3.175  -10.575 3.902   1.00 12.91 ? 63   ILE A CA  1 
ATOM   364  C  C   . ILE A 1 49  ? -4.317  -11.454 3.394   1.00 13.22 ? 63   ILE A C   1 
ATOM   365  O  O   . ILE A 1 49  ? -4.826  -12.306 4.127   1.00 12.74 ? 63   ILE A O   1 
ATOM   366  C  CB  . ILE A 1 49  ? -2.142  -11.464 4.633   1.00 12.77 ? 63   ILE A CB  1 
ATOM   367  C  CG1 . ILE A 1 49  ? -0.990  -10.607 5.167   1.00 12.71 ? 63   ILE A CG1 1 
ATOM   368  C  CG2 . ILE A 1 49  ? -1.596  -12.508 3.680   1.00 13.48 ? 63   ILE A CG2 1 
ATOM   369  C  CD1 . ILE A 1 49  ? 0.123   -11.414 5.808   1.00 14.55 ? 63   ILE A CD1 1 
ATOM   370  N  N   . HIS A 1 50  ? -4.726  -11.228 2.147   1.00 12.70 ? 64   HIS A N   1 
ATOM   371  C  CA  . HIS A 1 50  ? -5.816  -11.979 1.528   1.00 12.63 ? 64   HIS A CA  1 
ATOM   372  C  C   . HIS A 1 50  ? -5.373  -13.382 1.091   1.00 13.02 ? 64   HIS A C   1 
ATOM   373  O  O   . HIS A 1 50  ? -4.189  -13.614 0.862   1.00 11.87 ? 64   HIS A O   1 
ATOM   374  C  CB  . HIS A 1 50  ? -6.355  -11.170 0.347   1.00 10.71 ? 64   HIS A CB  1 
ATOM   375  C  CG  . HIS A 1 50  ? -6.832  -9.803  0.734   1.00 12.79 ? 64   HIS A CG  1 
ATOM   376  N  ND1 . HIS A 1 50  ? -8.114  -9.559  1.179   1.00 14.09 ? 64   HIS A ND1 1 
ATOM   377  C  CD2 . HIS A 1 50  ? -6.177  -8.619  0.814   1.00 12.82 ? 64   HIS A CD2 1 
ATOM   378  C  CE1 . HIS A 1 50  ? -8.230  -8.286  1.516   1.00 12.99 ? 64   HIS A CE1 1 
ATOM   379  N  NE2 . HIS A 1 50  ? -7.068  -7.693  1.305   1.00 12.93 ? 64   HIS A NE2 1 
ATOM   380  N  N   . ALA A 1 51  ? -6.320  -14.310 0.984   1.00 13.67 ? 65   ALA A N   1 
ATOM   381  C  CA  . ALA A 1 51  ? -6.018  -15.701 0.604   1.00 15.29 ? 65   ALA A CA  1 
ATOM   382  C  C   . ALA A 1 51  ? -5.538  -15.914 -0.840  1.00 16.12 ? 65   ALA A C   1 
ATOM   383  O  O   . ALA A 1 51  ? -5.141  -17.022 -1.210  1.00 18.90 ? 65   ALA A O   1 
ATOM   384  C  CB  . ALA A 1 51  ? -7.240  -16.592 0.880   1.00 13.30 ? 65   ALA A CB  1 
ATOM   385  N  N   . ASP A 1 52  ? -5.577  -14.864 -1.654  1.00 16.70 ? 66   ASP A N   1 
ATOM   386  C  CA  . ASP A 1 52  ? -5.119  -14.956 -3.040  1.00 16.14 ? 66   ASP A CA  1 
ATOM   387  C  C   . ASP A 1 52  ? -3.723  -14.333 -3.144  1.00 15.54 ? 66   ASP A C   1 
ATOM   388  O  O   . ASP A 1 52  ? -3.310  -13.852 -4.196  1.00 14.73 ? 66   ASP A O   1 
ATOM   389  C  CB  . ASP A 1 52  ? -6.097  -14.233 -3.971  1.00 14.97 ? 66   ASP A CB  1 
ATOM   390  C  CG  . ASP A 1 52  ? -6.208  -12.754 -3.668  1.00 15.24 ? 66   ASP A CG  1 
ATOM   391  O  OD1 . ASP A 1 52  ? -5.746  -12.326 -2.589  1.00 15.19 ? 66   ASP A OD1 1 
ATOM   392  O  OD2 . ASP A 1 52  ? -6.760  -12.018 -4.511  1.00 14.31 ? 66   ASP A OD2 1 
ATOM   393  N  N   . ASN A 1 53  ? -3.014  -14.349 -2.023  1.00 15.64 ? 67   ASN A N   1 
ATOM   394  C  CA  . ASN A 1 53  ? -1.663  -13.810 -1.917  1.00 17.19 ? 67   ASN A CA  1 
ATOM   395  C  C   . ASN A 1 53  ? -1.516  -12.335 -2.307  1.00 16.75 ? 67   ASN A C   1 
ATOM   396  O  O   . ASN A 1 53  ? -0.605  -11.950 -3.046  1.00 16.49 ? 67   ASN A O   1 
ATOM   397  C  CB  . ASN A 1 53  ? -0.686  -14.672 -2.727  1.00 19.07 ? 67   ASN A CB  1 
ATOM   398  C  CG  . ASN A 1 53  ? 0.759   -14.398 -2.366  1.00 20.40 ? 67   ASN A CG  1 
ATOM   399  O  OD1 . ASN A 1 53  ? 1.139   -14.447 -1.189  1.00 20.02 ? 67   ASN A OD1 1 
ATOM   400  N  ND2 . ASN A 1 53  ? 1.577   -14.105 -3.373  1.00 19.98 ? 67   ASN A ND2 1 
ATOM   401  N  N   . SER A 1 54  ? -2.420  -11.510 -1.794  1.00 15.98 ? 68   SER A N   1 
ATOM   402  C  CA  . SER A 1 54  ? -2.371  -10.074 -2.037  1.00 14.77 ? 68   SER A CA  1 
ATOM   403  C  C   . SER A 1 54  ? -2.433  -9.421  -0.663  1.00 14.47 ? 68   SER A C   1 
ATOM   404  O  O   . SER A 1 54  ? -2.841  -10.051 0.307   1.00 14.90 ? 68   SER A O   1 
ATOM   405  C  CB  . SER A 1 54  ? -3.562  -9.618  -2.878  1.00 13.38 ? 68   SER A CB  1 
ATOM   406  O  OG  . SER A 1 54  ? -4.766  -9.790  -2.163  1.00 14.92 ? 68   SER A OG  1 
ATOM   407  N  N   . VAL A 1 55  ? -2.011  -8.164  -0.576  1.00 13.29 ? 69   VAL A N   1 
ATOM   408  C  CA  . VAL A 1 55  ? -2.037  -7.451  0.693   1.00 12.52 ? 69   VAL A CA  1 
ATOM   409  C  C   . VAL A 1 55  ? -2.748  -6.126  0.501   1.00 12.25 ? 69   VAL A C   1 
ATOM   410  O  O   . VAL A 1 55  ? -2.569  -5.471  -0.520  1.00 11.49 ? 69   VAL A O   1 
ATOM   411  C  CB  . VAL A 1 55  ? -0.608  -7.179  1.218   1.00 12.81 ? 69   VAL A CB  1 
ATOM   412  C  CG1 . VAL A 1 55  ? -0.670  -6.365  2.508   1.00 13.54 ? 69   VAL A CG1 1 
ATOM   413  C  CG2 . VAL A 1 55  ? 0.126   -8.501  1.460   1.00 11.86 ? 69   VAL A CG2 1 
ATOM   414  N  N   . SER A 1 56  ? -3.568  -5.739  1.472   1.00 11.79 ? 70   SER A N   1 
ATOM   415  C  CA  . SER A 1 56  ? -4.273  -4.475  1.385   1.00 11.44 ? 70   SER A CA  1 
ATOM   416  C  C   . SER A 1 56  ? -3.974  -3.630  2.612   1.00 12.05 ? 70   SER A C   1 
ATOM   417  O  O   . SER A 1 56  ? -3.827  -4.156  3.714   1.00 12.58 ? 70   SER A O   1 
ATOM   418  C  CB  . SER A 1 56  ? -5.781  -4.700  1.279   1.00 12.04 ? 70   SER A CB  1 
ATOM   419  O  OG  . SER A 1 56  ? -6.321  -5.197  2.490   1.00 13.97 ? 70   SER A OG  1 
ATOM   420  N  N   . VAL A 1 57  ? -3.862  -2.323  2.413   1.00 12.31 ? 71   VAL A N   1 
ATOM   421  C  CA  . VAL A 1 57  ? -3.603  -1.407  3.517   1.00 12.20 ? 71   VAL A CA  1 
ATOM   422  C  C   . VAL A 1 57  ? -4.627  -0.278  3.464   1.00 10.95 ? 71   VAL A C   1 
ATOM   423  O  O   . VAL A 1 57  ? -4.750  0.411   2.455   1.00 10.13 ? 71   VAL A O   1 
ATOM   424  C  CB  . VAL A 1 57  ? -2.179  -0.800  3.441   1.00 11.21 ? 71   VAL A CB  1 
ATOM   425  C  CG1 . VAL A 1 57  ? -1.927  0.087   4.655   1.00 12.36 ? 71   VAL A CG1 1 
ATOM   426  C  CG2 . VAL A 1 57  ? -1.139  -1.912  3.380   1.00 12.33 ? 71   VAL A CG2 1 
ATOM   427  N  N   . GLN A 1 58  ? -5.373  -0.100  4.546   1.00 11.10 ? 72   GLN A N   1 
ATOM   428  C  CA  . GLN A 1 58  ? -6.366  0.960   4.596   1.00 12.43 ? 72   GLN A CA  1 
ATOM   429  C  C   . GLN A 1 58  ? -6.196  1.837   5.825   1.00 11.99 ? 72   GLN A C   1 
ATOM   430  O  O   . GLN A 1 58  ? -5.772  1.374   6.880   1.00 11.84 ? 72   GLN A O   1 
ATOM   431  C  CB  . GLN A 1 58  ? -7.781  0.371   4.551   1.00 15.01 ? 72   GLN A CB  1 
ATOM   432  C  CG  . GLN A 1 58  ? -8.020  -0.786  5.476   1.00 19.25 ? 72   GLN A CG  1 
ATOM   433  C  CD  . GLN A 1 58  ? -9.331  -1.504  5.173   1.00 21.54 ? 72   GLN A CD  1 
ATOM   434  O  OE1 . GLN A 1 58  ? -10.398 -0.886  5.151   1.00 22.72 ? 72   GLN A OE1 1 
ATOM   435  N  NE2 . GLN A 1 58  ? -9.254  -2.813  4.936   1.00 20.52 ? 72   GLN A NE2 1 
ATOM   436  N  N   . ASP A 1 59  ? -6.506  3.119   5.673   1.00 12.67 ? 73   ASP A N   1 
ATOM   437  C  CA  . ASP A 1 59  ? -6.398  4.059   6.778   1.00 12.99 ? 73   ASP A CA  1 
ATOM   438  C  C   . ASP A 1 59  ? -7.579  4.998   6.712   1.00 13.25 ? 73   ASP A C   1 
ATOM   439  O  O   . ASP A 1 59  ? -8.371  4.930   5.776   1.00 12.13 ? 73   ASP A O   1 
ATOM   440  C  CB  . ASP A 1 59  ? -5.071  4.844   6.704   1.00 13.86 ? 73   ASP A CB  1 
ATOM   441  C  CG  . ASP A 1 59  ? -5.021  5.856   5.554   1.00 14.91 ? 73   ASP A CG  1 
ATOM   442  O  OD1 . ASP A 1 59  ? -3.898  6.255   5.178   1.00 16.53 ? 73   ASP A OD1 1 
ATOM   443  O  OD2 . ASP A 1 59  ? -6.078  6.276   5.030   1.00 14.34 ? 73   ASP A OD2 1 
ATOM   444  N  N   . ASP A 1 60  ? -7.709  5.861   7.712   1.00 15.19 ? 74   ASP A N   1 
ATOM   445  C  CA  . ASP A 1 60  ? -8.800  6.825   7.746   1.00 16.27 ? 74   ASP A CA  1 
ATOM   446  C  C   . ASP A 1 60  ? -8.272  8.253   7.711   1.00 17.24 ? 74   ASP A C   1 
ATOM   447  O  O   . ASP A 1 60  ? -8.803  9.150   8.374   1.00 18.33 ? 74   ASP A O   1 
ATOM   448  C  CB  . ASP A 1 60  ? -9.680  6.611   8.984   1.00 15.29 ? 74   ASP A CB  1 
ATOM   449  C  CG  . ASP A 1 60  ? -8.884  6.519   10.264  1.00 17.22 ? 74   ASP A CG  1 
ATOM   450  O  OD1 . ASP A 1 60  ? -7.678  6.852   10.260  1.00 18.55 ? 74   ASP A OD1 1 
ATOM   451  O  OD2 . ASP A 1 60  ? -9.471  6.119   11.288  1.00 20.12 ? 74   ASP A OD2 1 
ATOM   452  N  N   . GLY A 1 61  ? -7.217  8.456   6.928   1.00 17.04 ? 75   GLY A N   1 
ATOM   453  C  CA  . GLY A 1 61  ? -6.642  9.777   6.789   1.00 18.01 ? 75   GLY A CA  1 
ATOM   454  C  C   . GLY A 1 61  ? -7.507  10.625  5.875   1.00 18.01 ? 75   GLY A C   1 
ATOM   455  O  O   . GLY A 1 61  ? -8.694  10.351  5.711   1.00 17.87 ? 75   GLY A O   1 
ATOM   456  N  N   . ARG A 1 62  ? -6.913  11.653  5.280   1.00 17.31 ? 76   ARG A N   1 
ATOM   457  C  CA  . ARG A 1 62  ? -7.637  12.555  4.387   1.00 16.77 ? 76   ARG A CA  1 
ATOM   458  C  C   . ARG A 1 62  ? -7.964  11.947  3.033   1.00 15.84 ? 76   ARG A C   1 
ATOM   459  O  O   . ARG A 1 62  ? -8.943  12.333  2.406   1.00 15.09 ? 76   ARG A O   1 
ATOM   460  C  CB  . ARG A 1 62  ? -6.818  13.831  4.151   1.00 17.10 ? 76   ARG A CB  1 
ATOM   461  C  CG  . ARG A 1 62  ? -6.716  14.735  5.343   1.00 15.77 ? 76   ARG A CG  1 
ATOM   462  C  CD  . ARG A 1 62  ? -5.644  15.753  5.151   1.00 17.24 ? 76   ARG A CD  1 
ATOM   463  N  NE  . ARG A 1 62  ? -4.316  15.150  5.098   1.00 17.35 ? 76   ARG A NE  1 
ATOM   464  C  CZ  . ARG A 1 62  ? -3.183  15.848  5.074   1.00 17.89 ? 76   ARG A CZ  1 
ATOM   465  N  NH1 . ARG A 1 62  ? -2.012  15.226  5.025   1.00 16.60 ? 76   ARG A NH1 1 
ATOM   466  N  NH2 . ARG A 1 62  ? -3.224  17.173  5.101   1.00 18.56 ? 76   ARG A NH2 1 
ATOM   467  N  N   . GLY A 1 63  ? -7.144  10.999  2.590   1.00 16.42 ? 77   GLY A N   1 
ATOM   468  C  CA  . GLY A 1 63  ? -7.339  10.400  1.282   1.00 15.16 ? 77   GLY A CA  1 
ATOM   469  C  C   . GLY A 1 63  ? -6.416  11.142  0.331   1.00 15.31 ? 77   GLY A C   1 
ATOM   470  O  O   . GLY A 1 63  ? -6.282  12.360  0.445   1.00 16.28 ? 77   GLY A O   1 
ATOM   471  N  N   . ILE A 1 64  ? -5.768  10.431  -0.590  1.00 14.92 ? 78   ILE A N   1 
ATOM   472  C  CA  . ILE A 1 64  ? -4.847  11.058  -1.541  1.00 14.31 ? 78   ILE A CA  1 
ATOM   473  C  C   . ILE A 1 64  ? -5.590  12.059  -2.424  1.00 15.78 ? 78   ILE A C   1 
ATOM   474  O  O   . ILE A 1 64  ? -6.623  11.733  -3.008  1.00 14.01 ? 78   ILE A O   1 
ATOM   475  C  CB  . ILE A 1 64  ? -4.174  10.003  -2.443  1.00 14.39 ? 78   ILE A CB  1 
ATOM   476  C  CG1 . ILE A 1 64  ? -3.456  8.959   -1.581  1.00 13.49 ? 78   ILE A CG1 1 
ATOM   477  C  CG2 . ILE A 1 64  ? -3.192  10.678  -3.393  1.00 14.69 ? 78   ILE A CG2 1 
ATOM   478  C  CD1 . ILE A 1 64  ? -2.949  7.775   -2.374  1.00 13.13 ? 78   ILE A CD1 1 
ATOM   479  N  N   . PRO A 1 65  ? -5.066  13.292  -2.541  1.00 16.88 ? 79   PRO A N   1 
ATOM   480  C  CA  . PRO A 1 65  ? -5.722  14.317  -3.362  1.00 17.96 ? 79   PRO A CA  1 
ATOM   481  C  C   . PRO A 1 65  ? -6.193  13.808  -4.717  1.00 19.61 ? 79   PRO A C   1 
ATOM   482  O  O   . PRO A 1 65  ? -5.432  13.182  -5.459  1.00 19.20 ? 79   PRO A O   1 
ATOM   483  C  CB  . PRO A 1 65  ? -4.652  15.404  -3.472  1.00 15.63 ? 79   PRO A CB  1 
ATOM   484  C  CG  . PRO A 1 65  ? -3.990  15.327  -2.133  1.00 15.91 ? 79   PRO A CG  1 
ATOM   485  C  CD  . PRO A 1 65  ? -3.821  13.821  -1.954  1.00 15.66 ? 79   PRO A CD  1 
ATOM   486  N  N   . THR A 1 66  ? -7.456  14.081  -5.028  1.00 21.45 ? 80   THR A N   1 
ATOM   487  C  CA  . THR A 1 66  ? -8.048  13.656  -6.286  1.00 24.77 ? 80   THR A CA  1 
ATOM   488  C  C   . THR A 1 66  ? -8.295  14.858  -7.186  1.00 27.58 ? 80   THR A C   1 
ATOM   489  O  O   . THR A 1 66  ? -7.930  15.979  -6.845  1.00 29.10 ? 80   THR A O   1 
ATOM   490  C  CB  . THR A 1 66  ? -9.385  12.910  -6.048  1.00 24.28 ? 80   THR A CB  1 
ATOM   491  O  OG1 . THR A 1 66  ? -10.222 13.683  -5.176  1.00 23.55 ? 80   THR A OG1 1 
ATOM   492  C  CG2 . THR A 1 66  ? -9.128  11.537  -5.423  1.00 22.98 ? 80   THR A CG2 1 
ATOM   493  N  N   . GLY A 1 67  ? -8.905  14.632  -8.342  1.00 30.02 ? 81   GLY A N   1 
ATOM   494  C  CA  . GLY A 1 67  ? -9.172  15.739  -9.239  1.00 33.38 ? 81   GLY A CA  1 
ATOM   495  C  C   . GLY A 1 67  ? -7.924  16.245  -9.933  1.00 36.14 ? 81   GLY A C   1 
ATOM   496  O  O   . GLY A 1 67  ? -6.808  16.098  -9.424  1.00 36.03 ? 81   GLY A O   1 
ATOM   497  N  N   . ILE A 1 68  ? -8.123  16.855  -11.097 1.00 38.43 ? 82   ILE A N   1 
ATOM   498  C  CA  . ILE A 1 68  ? -7.034  17.387  -11.912 1.00 40.34 ? 82   ILE A CA  1 
ATOM   499  C  C   . ILE A 1 68  ? -6.701  18.830  -11.527 1.00 41.21 ? 82   ILE A C   1 
ATOM   500  O  O   . ILE A 1 68  ? -5.897  19.499  -12.185 1.00 42.27 ? 82   ILE A O   1 
ATOM   501  C  CB  . ILE A 1 68  ? -7.426  17.342  -13.401 1.00 40.38 ? 82   ILE A CB  1 
ATOM   502  C  CG1 . ILE A 1 68  ? -8.003  15.961  -13.733 1.00 39.83 ? 82   ILE A CG1 1 
ATOM   503  C  CG2 . ILE A 1 68  ? -6.214  17.632  -14.271 1.00 40.06 ? 82   ILE A CG2 1 
ATOM   504  C  CD1 . ILE A 1 68  ? -8.917  15.950  -14.941 1.00 39.34 ? 82   ILE A CD1 1 
ATOM   505  N  N   . GLY A 1 73  ? -6.791  16.660  -17.580 1.00 35.22 ? 83   GLY A N   1 
ATOM   506  C  CA  . GLY A 1 73  ? -5.596  15.841  -17.457 1.00 34.27 ? 83   GLY A CA  1 
ATOM   507  C  C   . GLY A 1 73  ? -5.701  14.759  -16.395 1.00 33.39 ? 83   GLY A C   1 
ATOM   508  O  O   . GLY A 1 73  ? -6.791  14.251  -16.114 1.00 34.64 ? 83   GLY A O   1 
ATOM   509  N  N   . VAL A 1 74  ? -4.568  14.405  -15.798 1.00 31.12 ? 84   VAL A N   1 
ATOM   510  C  CA  . VAL A 1 74  ? -4.542  13.371  -14.771 1.00 28.08 ? 84   VAL A CA  1 
ATOM   511  C  C   . VAL A 1 74  ? -4.742  13.948  -13.377 1.00 25.66 ? 84   VAL A C   1 
ATOM   512  O  O   . VAL A 1 74  ? -4.411  15.102  -13.116 1.00 25.68 ? 84   VAL A O   1 
ATOM   513  C  CB  . VAL A 1 74  ? -3.210  12.606  -14.800 1.00 29.58 ? 84   VAL A CB  1 
ATOM   514  C  CG1 . VAL A 1 74  ? -2.968  12.053  -16.196 1.00 30.15 ? 84   VAL A CG1 1 
ATOM   515  C  CG2 . VAL A 1 74  ? -2.070  13.523  -14.383 1.00 29.79 ? 84   VAL A CG2 1 
ATOM   516  N  N   . SER A 1 75  ? -5.293  13.141  -12.481 1.00 21.79 ? 85   SER A N   1 
ATOM   517  C  CA  . SER A 1 75  ? -5.519  13.586  -11.116 1.00 19.11 ? 85   SER A CA  1 
ATOM   518  C  C   . SER A 1 75  ? -4.201  13.532  -10.354 1.00 17.91 ? 85   SER A C   1 
ATOM   519  O  O   . SER A 1 75  ? -3.287  12.794  -10.728 1.00 16.39 ? 85   SER A O   1 
ATOM   520  C  CB  . SER A 1 75  ? -6.539  12.692  -10.434 1.00 17.28 ? 85   SER A CB  1 
ATOM   521  O  OG  . SER A 1 75  ? -6.070  11.364  -10.428 1.00 17.57 ? 85   SER A OG  1 
ATOM   522  N  N   . ALA A 1 76  ? -4.109  14.317  -9.289  1.00 15.85 ? 86   ALA A N   1 
ATOM   523  C  CA  . ALA A 1 76  ? -2.899  14.362  -8.484  1.00 15.56 ? 86   ALA A CA  1 
ATOM   524  C  C   . ALA A 1 76  ? -2.550  12.978  -7.948  1.00 14.94 ? 86   ALA A C   1 
ATOM   525  O  O   . ALA A 1 76  ? -1.378  12.687  -7.702  1.00 15.21 ? 86   ALA A O   1 
ATOM   526  C  CB  . ALA A 1 76  ? -3.076  15.341  -7.338  1.00 14.81 ? 86   ALA A CB  1 
ATOM   527  N  N   . ALA A 1 77  ? -3.565  12.131  -7.776  1.00 14.43 ? 87   ALA A N   1 
ATOM   528  C  CA  . ALA A 1 77  ? -3.358  10.780  -7.268  1.00 12.24 ? 87   ALA A CA  1 
ATOM   529  C  C   . ALA A 1 77  ? -2.684  9.885   -8.301  1.00 12.01 ? 87   ALA A C   1 
ATOM   530  O  O   . ALA A 1 77  ? -1.846  9.059   -7.950  1.00 10.30 ? 87   ALA A O   1 
ATOM   531  C  CB  . ALA A 1 77  ? -4.681  10.173  -6.827  1.00 12.03 ? 87   ALA A CB  1 
ATOM   532  N  N   . GLU A 1 78  ? -3.051  10.036  -9.569  1.00 14.66 ? 88   GLU A N   1 
ATOM   533  C  CA  . GLU A 1 78  ? -2.435  9.238   -10.624 1.00 17.10 ? 88   GLU A CA  1 
ATOM   534  C  C   . GLU A 1 78  ? -0.966  9.617   -10.758 1.00 17.15 ? 88   GLU A C   1 
ATOM   535  O  O   . GLU A 1 78  ? -0.120  8.757   -10.994 1.00 17.90 ? 88   GLU A O   1 
ATOM   536  C  CB  . GLU A 1 78  ? -3.145  9.440   -11.969 1.00 19.76 ? 88   GLU A CB  1 
ATOM   537  C  CG  . GLU A 1 78  ? -4.423  8.633   -12.121 1.00 24.66 ? 88   GLU A CG  1 
ATOM   538  C  CD  . GLU A 1 78  ? -4.876  8.494   -13.572 1.00 26.92 ? 88   GLU A CD  1 
ATOM   539  O  OE1 . GLU A 1 78  ? -4.021  8.216   -14.445 1.00 28.62 ? 88   GLU A OE1 1 
ATOM   540  O  OE2 . GLU A 1 78  ? -6.089  8.648   -13.834 1.00 27.17 ? 88   GLU A OE2 1 
ATOM   541  N  N   . VAL A 1 79  ? -0.662  10.904  -10.605 1.00 16.33 ? 89   VAL A N   1 
ATOM   542  C  CA  . VAL A 1 79  ? 0.725   11.359  -10.686 1.00 15.10 ? 89   VAL A CA  1 
ATOM   543  C  C   . VAL A 1 79  ? 1.537   10.678  -9.583  1.00 15.11 ? 89   VAL A C   1 
ATOM   544  O  O   . VAL A 1 79  ? 2.632   10.172  -9.825  1.00 14.38 ? 89   VAL A O   1 
ATOM   545  C  CB  . VAL A 1 79  ? 0.823   12.893  -10.522 1.00 13.58 ? 89   VAL A CB  1 
ATOM   546  C  CG1 . VAL A 1 79  ? 2.281   13.310  -10.359 1.00 12.87 ? 89   VAL A CG1 1 
ATOM   547  C  CG2 . VAL A 1 79  ? 0.196   13.585  -11.740 1.00 11.45 ? 89   VAL A CG2 1 
ATOM   548  N  N   . ILE A 1 80  ? 0.984   10.667  -8.374  1.00 16.27 ? 90   ILE A N   1 
ATOM   549  C  CA  . ILE A 1 80  ? 1.633   10.039  -7.226  1.00 17.14 ? 90   ILE A CA  1 
ATOM   550  C  C   . ILE A 1 80  ? 1.844   8.534   -7.441  1.00 16.50 ? 90   ILE A C   1 
ATOM   551  O  O   . ILE A 1 80  ? 2.849   7.981   -6.999  1.00 16.73 ? 90   ILE A O   1 
ATOM   552  C  CB  . ILE A 1 80  ? 0.793   10.235  -5.928  1.00 18.14 ? 90   ILE A CB  1 
ATOM   553  C  CG1 . ILE A 1 80  ? 0.858   11.694  -5.469  1.00 18.89 ? 90   ILE A CG1 1 
ATOM   554  C  CG2 . ILE A 1 80  ? 1.306   9.307   -4.821  1.00 19.95 ? 90   ILE A CG2 1 
ATOM   555  C  CD1 . ILE A 1 80  ? 2.236   12.142  -4.987  1.00 17.78 ? 90   ILE A CD1 1 
ATOM   556  N  N   . MET A 1 81  ? 0.900   7.886   -8.124  1.00 14.92 ? 91   MET A N   1 
ATOM   557  C  CA  . MET A 1 81  ? 0.966   6.446   -8.385  1.00 15.86 ? 91   MET A CA  1 
ATOM   558  C  C   . MET A 1 81  ? 1.850   6.030   -9.566  1.00 16.65 ? 91   MET A C   1 
ATOM   559  O  O   . MET A 1 81  ? 2.217   4.860   -9.681  1.00 16.55 ? 91   MET A O   1 
ATOM   560  C  CB  . MET A 1 81  ? -0.444  5.888   -8.640  1.00 15.77 ? 91   MET A CB  1 
ATOM   561  C  CG  . MET A 1 81  ? -1.418  5.974   -7.477  1.00 14.39 ? 91   MET A CG  1 
ATOM   562  S  SD  . MET A 1 81  ? -1.001  4.865   -6.123  1.00 19.50 ? 91   MET A SD  1 
ATOM   563  C  CE  . MET A 1 81  ? -1.198  5.911   -4.738  1.00 19.72 ? 91   MET A CE  1 
ATOM   564  N  N   . THR A 1 82  ? 2.205   6.974   -10.432 1.00 16.71 ? 92   THR A N   1 
ATOM   565  C  CA  . THR A 1 82  ? 2.982   6.629   -11.617 1.00 17.87 ? 92   THR A CA  1 
ATOM   566  C  C   . THR A 1 82  ? 4.265   7.407   -11.890 1.00 18.33 ? 92   THR A C   1 
ATOM   567  O  O   . THR A 1 82  ? 4.969   7.110   -12.854 1.00 19.90 ? 92   THR A O   1 
ATOM   568  C  CB  . THR A 1 82  ? 2.097   6.752   -12.871 1.00 18.02 ? 92   THR A CB  1 
ATOM   569  O  OG1 . THR A 1 82  ? 1.734   8.122   -13.057 1.00 19.04 ? 92   THR A OG1 1 
ATOM   570  C  CG2 . THR A 1 82  ? 0.820   5.933   -12.707 1.00 18.67 ? 92   THR A CG2 1 
ATOM   571  N  N   . VAL A 1 83  ? 4.563   8.403   -11.064 1.00 17.44 ? 93   VAL A N   1 
ATOM   572  C  CA  . VAL A 1 83  ? 5.760   9.209   -11.248 1.00 17.89 ? 93   VAL A CA  1 
ATOM   573  C  C   . VAL A 1 83  ? 6.728   8.947   -10.099 1.00 18.15 ? 93   VAL A C   1 
ATOM   574  O  O   . VAL A 1 83  ? 6.398   9.192   -8.937  1.00 18.68 ? 93   VAL A O   1 
ATOM   575  C  CB  . VAL A 1 83  ? 5.407   10.730  -11.312 1.00 16.88 ? 93   VAL A CB  1 
ATOM   576  C  CG1 . VAL A 1 83  ? 6.678   11.573  -11.298 1.00 15.34 ? 93   VAL A CG1 1 
ATOM   577  C  CG2 . VAL A 1 83  ? 4.594   11.030  -12.574 1.00 14.52 ? 93   VAL A CG2 1 
ATOM   578  N  N   . LEU A 1 84  ? 7.916   8.447   -10.437 1.00 18.15 ? 94   LEU A N   1 
ATOM   579  C  CA  . LEU A 1 84  ? 8.947   8.141   -9.453  1.00 19.23 ? 94   LEU A CA  1 
ATOM   580  C  C   . LEU A 1 84  ? 9.210   9.369   -8.582  1.00 20.34 ? 94   LEU A C   1 
ATOM   581  O  O   . LEU A 1 84  ? 9.375   10.468  -9.097  1.00 20.56 ? 94   LEU A O   1 
ATOM   582  C  CB  . LEU A 1 84  ? 10.231  7.720   -10.167 1.00 18.72 ? 94   LEU A CB  1 
ATOM   583  C  CG  . LEU A 1 84  ? 11.341  7.132   -9.305  1.00 19.22 ? 94   LEU A CG  1 
ATOM   584  C  CD1 . LEU A 1 84  ? 10.859  5.833   -8.691  1.00 20.19 ? 94   LEU A CD1 1 
ATOM   585  C  CD2 . LEU A 1 84  ? 12.573  6.885   -10.152 1.00 19.57 ? 94   LEU A CD2 1 
ATOM   586  N  N   . HIS A 1 85  ? 9.259   9.173   -7.268  1.00 20.14 ? 95   HIS A N   1 
ATOM   587  C  CA  . HIS A 1 85  ? 9.461   10.265  -6.321  1.00 22.32 ? 95   HIS A CA  1 
ATOM   588  C  C   . HIS A 1 85  ? 8.756   11.586  -6.705  1.00 22.67 ? 95   HIS A C   1 
ATOM   589  O  O   . HIS A 1 85  ? 9.317   12.671  -6.560  1.00 22.29 ? 95   HIS A O   1 
ATOM   590  C  CB  . HIS A 1 85  ? 10.972  10.492  -6.048  1.00 22.27 ? 95   HIS A CB  1 
ATOM   591  C  CG  . HIS A 1 85  ? 11.789  10.818  -7.263  1.00 22.35 ? 95   HIS A CG  1 
ATOM   592  N  ND1 . HIS A 1 85  ? 12.947  10.140  -7.580  1.00 22.97 ? 95   HIS A ND1 1 
ATOM   593  C  CD2 . HIS A 1 85  ? 11.649  11.779  -8.206  1.00 22.46 ? 95   HIS A CD2 1 
ATOM   594  C  CE1 . HIS A 1 85  ? 13.484  10.668  -8.666  1.00 21.89 ? 95   HIS A CE1 1 
ATOM   595  N  NE2 . HIS A 1 85  ? 12.717  11.664  -9.066  1.00 22.57 ? 95   HIS A NE2 1 
ATOM   596  N  N   . ALA A 1 86  ? 7.512   11.485  -7.177  1.00 22.31 ? 96   ALA A N   1 
ATOM   597  C  CA  . ALA A 1 86  ? 6.740   12.673  -7.555  1.00 21.96 ? 96   ALA A CA  1 
ATOM   598  C  C   . ALA A 1 86  ? 6.695   13.661  -6.391  1.00 22.03 ? 96   ALA A C   1 
ATOM   599  O  O   . ALA A 1 86  ? 5.946   13.477  -5.430  1.00 21.47 ? 96   ALA A O   1 
ATOM   600  C  CB  . ALA A 1 86  ? 5.311   12.276  -7.964  1.00 20.32 ? 96   ALA A CB  1 
ATOM   601  N  N   . HIS A 1 102 ? 14.776  5.660   2.734   1.00 30.82 ? 116  HIS A N   1 
ATOM   602  C  CA  . HIS A 1 102 ? 14.319  4.281   2.644   1.00 29.61 ? 116  HIS A CA  1 
ATOM   603  C  C   . HIS A 1 102 ? 13.015  4.245   1.862   1.00 27.98 ? 116  HIS A C   1 
ATOM   604  O  O   . HIS A 1 102 ? 12.741  3.279   1.155   1.00 27.10 ? 116  HIS A O   1 
ATOM   605  C  CB  . HIS A 1 102 ? 14.112  3.713   4.058   1.00 29.79 ? 116  HIS A CB  1 
ATOM   606  C  CG  . HIS A 1 102 ? 13.666  2.280   4.089   1.00 31.08 ? 116  HIS A CG  1 
ATOM   607  N  ND1 . HIS A 1 102 ? 14.308  1.277   3.388   1.00 30.02 ? 116  HIS A ND1 1 
ATOM   608  C  CD2 . HIS A 1 102 ? 12.661  1.676   4.767   1.00 31.16 ? 116  HIS A CD2 1 
ATOM   609  C  CE1 . HIS A 1 102 ? 13.718  0.122   3.635   1.00 29.83 ? 116  HIS A CE1 1 
ATOM   610  N  NE2 . HIS A 1 102 ? 12.716  0.335   4.469   1.00 30.79 ? 116  HIS A NE2 1 
ATOM   611  N  N   . GLY A 1 103 ? 12.233  5.316   1.975   1.00 25.92 ? 117  GLY A N   1 
ATOM   612  C  CA  . GLY A 1 103 ? 10.937  5.401   1.315   1.00 24.98 ? 117  GLY A CA  1 
ATOM   613  C  C   . GLY A 1 103 ? 10.893  5.627   -0.186  1.00 24.12 ? 117  GLY A C   1 
ATOM   614  O  O   . GLY A 1 103 ? 10.871  6.765   -0.656  1.00 23.75 ? 117  GLY A O   1 
ATOM   615  N  N   . VAL A 1 104 ? 10.828  4.539   -0.943  1.00 22.51 ? 118  VAL A N   1 
ATOM   616  C  CA  . VAL A 1 104 ? 10.798  4.630   -2.395  1.00 22.63 ? 118  VAL A CA  1 
ATOM   617  C  C   . VAL A 1 104 ? 9.421   4.960   -2.992  1.00 22.67 ? 118  VAL A C   1 
ATOM   618  O  O   . VAL A 1 104 ? 9.305   5.160   -4.195  1.00 23.14 ? 118  VAL A O   1 
ATOM   619  C  CB  . VAL A 1 104 ? 11.330  3.324   -3.018  1.00 23.40 ? 118  VAL A CB  1 
ATOM   620  C  CG1 . VAL A 1 104 ? 10.259  2.255   -2.974  1.00 22.74 ? 118  VAL A CG1 1 
ATOM   621  C  CG2 . VAL A 1 104 ? 11.826  3.589   -4.432  1.00 24.82 ? 118  VAL A CG2 1 
ATOM   622  N  N   . GLY A 1 105 ? 8.384   5.007   -2.161  1.00 21.99 ? 119  GLY A N   1 
ATOM   623  C  CA  . GLY A 1 105 ? 7.054   5.347   -2.651  1.00 22.52 ? 119  GLY A CA  1 
ATOM   624  C  C   . GLY A 1 105 ? 6.135   4.244   -3.166  1.00 20.88 ? 119  GLY A C   1 
ATOM   625  O  O   . GLY A 1 105 ? 6.562   3.138   -3.472  1.00 20.45 ? 119  GLY A O   1 
ATOM   626  N  N   . VAL A 1 106 ? 4.850   4.567   -3.265  1.00 19.72 ? 120  VAL A N   1 
ATOM   627  C  CA  . VAL A 1 106 ? 3.853   3.632   -3.767  1.00 19.12 ? 120  VAL A CA  1 
ATOM   628  C  C   . VAL A 1 106 ? 4.016   3.498   -5.283  1.00 18.71 ? 120  VAL A C   1 
ATOM   629  O  O   . VAL A 1 106 ? 3.547   2.532   -5.878  1.00 18.31 ? 120  VAL A O   1 
ATOM   630  C  CB  . VAL A 1 106 ? 2.398   4.112   -3.450  1.00 19.70 ? 120  VAL A CB  1 
ATOM   631  C  CG1 . VAL A 1 106 ? 1.387   3.247   -4.190  1.00 19.68 ? 120  VAL A CG1 1 
ATOM   632  C  CG2 . VAL A 1 106 ? 2.126   4.025   -1.955  1.00 17.80 ? 120  VAL A CG2 1 
ATOM   633  N  N   . SER A 1 107 ? 4.675   4.466   -5.913  1.00 17.27 ? 121  SER A N   1 
ATOM   634  C  CA  . SER A 1 107 ? 4.868   4.396   -7.356  1.00 16.45 ? 121  SER A CA  1 
ATOM   635  C  C   . SER A 1 107 ? 5.720   3.182   -7.698  1.00 15.18 ? 121  SER A C   1 
ATOM   636  O  O   . SER A 1 107 ? 5.460   2.498   -8.684  1.00 14.61 ? 121  SER A O   1 
ATOM   637  C  CB  . SER A 1 107 ? 5.518   5.681   -7.894  1.00 16.29 ? 121  SER A CB  1 
ATOM   638  O  OG  . SER A 1 107 ? 6.778   5.924   -7.296  1.00 16.77 ? 121  SER A OG  1 
ATOM   639  N  N   . VAL A 1 108 ? 6.740   2.914   -6.884  1.00 13.83 ? 122  VAL A N   1 
ATOM   640  C  CA  . VAL A 1 108 ? 7.599   1.753   -7.126  1.00 13.76 ? 122  VAL A CA  1 
ATOM   641  C  C   . VAL A 1 108 ? 6.826   0.466   -6.830  1.00 13.32 ? 122  VAL A C   1 
ATOM   642  O  O   . VAL A 1 108 ? 6.947   -0.519  -7.559  1.00 13.12 ? 122  VAL A O   1 
ATOM   643  C  CB  . VAL A 1 108 ? 8.903   1.820   -6.266  1.00 14.14 ? 122  VAL A CB  1 
ATOM   644  C  CG1 . VAL A 1 108 ? 9.567   0.443   -6.163  1.00 12.25 ? 122  VAL A CG1 1 
ATOM   645  C  CG2 . VAL A 1 108 ? 9.881   2.792   -6.920  1.00 14.38 ? 122  VAL A CG2 1 
ATOM   646  N  N   . VAL A 1 109 ? 6.024   0.482   -5.769  1.00 12.47 ? 123  VAL A N   1 
ATOM   647  C  CA  . VAL A 1 109 ? 5.226   -0.683  -5.392  1.00 11.19 ? 123  VAL A CA  1 
ATOM   648  C  C   . VAL A 1 109 ? 4.250   -1.026  -6.510  1.00 11.17 ? 123  VAL A C   1 
ATOM   649  O  O   . VAL A 1 109 ? 4.014   -2.192  -6.819  1.00 11.45 ? 123  VAL A O   1 
ATOM   650  C  CB  . VAL A 1 109 ? 4.428   -0.404  -4.094  1.00 10.68 ? 123  VAL A CB  1 
ATOM   651  C  CG1 . VAL A 1 109 ? 3.479   -1.556  -3.793  1.00 10.81 ? 123  VAL A CG1 1 
ATOM   652  C  CG2 . VAL A 1 109 ? 5.393   -0.197  -2.933  1.00 6.58  ? 123  VAL A CG2 1 
ATOM   653  N  N   . ASN A 1 110 ? 3.691   0.016   -7.108  1.00 11.38 ? 124  ASN A N   1 
ATOM   654  C  CA  . ASN A 1 110 ? 2.719   -0.100  -8.189  1.00 12.53 ? 124  ASN A CA  1 
ATOM   655  C  C   . ASN A 1 110 ? 3.330   -0.698  -9.460  1.00 11.97 ? 124  ASN A C   1 
ATOM   656  O  O   . ASN A 1 110 ? 2.728   -1.560  -10.104 1.00 12.47 ? 124  ASN A O   1 
ATOM   657  C  CB  . ASN A 1 110 ? 2.138   1.293   -8.475  1.00 15.47 ? 124  ASN A CB  1 
ATOM   658  C  CG  . ASN A 1 110 ? 1.053   1.279   -9.525  1.00 17.35 ? 124  ASN A CG  1 
ATOM   659  O  OD1 . ASN A 1 110 ? 0.370   0.272   -9.719  1.00 20.72 ? 124  ASN A OD1 1 
ATOM   660  N  ND2 . ASN A 1 110 ? 0.870   2.410   -10.199 1.00 19.24 ? 124  ASN A ND2 1 
ATOM   661  N  N   . ALA A 1 111 ? 4.528   -0.243  -9.802  1.00 11.29 ? 125  ALA A N   1 
ATOM   662  C  CA  . ALA A 1 111 ? 5.228   -0.710  -10.993 1.00 11.90 ? 125  ALA A CA  1 
ATOM   663  C  C   . ALA A 1 111 ? 5.689   -2.151  -10.862 1.00 11.59 ? 125  ALA A C   1 
ATOM   664  O  O   . ALA A 1 111 ? 5.919   -2.825  -11.863 1.00 11.95 ? 125  ALA A O   1 
ATOM   665  C  CB  . ALA A 1 111 ? 6.434   0.196   -11.286 1.00 11.46 ? 125  ALA A CB  1 
ATOM   666  N  N   . LEU A 1 112 ? 5.814   -2.620  -9.626  1.00 10.68 ? 126  LEU A N   1 
ATOM   667  C  CA  . LEU A 1 112 ? 6.263   -3.981  -9.364  1.00 11.10 ? 126  LEU A CA  1 
ATOM   668  C  C   . LEU A 1 112 ? 5.114   -4.912  -8.959  1.00 12.37 ? 126  LEU A C   1 
ATOM   669  O  O   . LEU A 1 112 ? 5.333   -6.010  -8.439  1.00 12.79 ? 126  LEU A O   1 
ATOM   670  C  CB  . LEU A 1 112 ? 7.364   -3.945  -8.296  1.00 10.44 ? 126  LEU A CB  1 
ATOM   671  C  CG  . LEU A 1 112 ? 8.850   -4.011  -8.723  1.00 11.17 ? 126  LEU A CG  1 
ATOM   672  C  CD1 . LEU A 1 112 ? 9.053   -3.526  -10.155 1.00 10.70 ? 126  LEU A CD1 1 
ATOM   673  C  CD2 . LEU A 1 112 ? 9.691   -3.198  -7.753  1.00 11.26 ? 126  LEU A CD2 1 
ATOM   674  N  N   . SER A 1 113 ? 3.884   -4.474  -9.219  1.00 11.74 ? 127  SER A N   1 
ATOM   675  C  CA  . SER A 1 113 ? 2.694   -5.263  -8.903  1.00 13.17 ? 127  SER A CA  1 
ATOM   676  C  C   . SER A 1 113 ? 1.957   -5.626  -10.194 1.00 13.96 ? 127  SER A C   1 
ATOM   677  O  O   . SER A 1 113 ? 1.629   -4.751  -10.990 1.00 14.41 ? 127  SER A O   1 
ATOM   678  C  CB  . SER A 1 113 ? 1.755   -4.473  -7.989  1.00 11.95 ? 127  SER A CB  1 
ATOM   679  O  OG  . SER A 1 113 ? 2.367   -4.176  -6.744  1.00 13.66 ? 127  SER A OG  1 
ATOM   680  N  N   . GLN A 1 114 ? 1.693   -6.910  -10.410 1.00 15.26 ? 128  GLN A N   1 
ATOM   681  C  CA  . GLN A 1 114 ? 0.986   -7.301  -11.622 1.00 16.93 ? 128  GLN A CA  1 
ATOM   682  C  C   . GLN A 1 114 ? -0.437  -6.745  -11.604 1.00 17.23 ? 128  GLN A C   1 
ATOM   683  O  O   . GLN A 1 114 ? -1.112  -6.702  -12.625 1.00 17.04 ? 128  GLN A O   1 
ATOM   684  C  CB  . GLN A 1 114 ? 0.980   -8.829  -11.786 1.00 19.45 ? 128  GLN A CB  1 
ATOM   685  C  CG  . GLN A 1 114 ? 0.579   -9.602  -10.580 1.00 24.69 ? 128  GLN A CG  1 
ATOM   686  C  CD  . GLN A 1 114 ? 0.650   -11.104 -10.806 1.00 27.95 ? 128  GLN A CD  1 
ATOM   687  O  OE1 . GLN A 1 114 ? 1.682   -11.637 -11.232 1.00 30.12 ? 128  GLN A OE1 1 
ATOM   688  N  NE2 . GLN A 1 114 ? -0.445  -11.796 -10.518 1.00 28.34 ? 128  GLN A NE2 1 
ATOM   689  N  N   . LYS A 1 115 ? -0.871  -6.292  -10.434 1.00 17.99 ? 129  LYS A N   1 
ATOM   690  C  CA  . LYS A 1 115 ? -2.202  -5.716  -10.272 1.00 17.57 ? 129  LYS A CA  1 
ATOM   691  C  C   . LYS A 1 115 ? -2.265  -4.949  -8.955  1.00 16.74 ? 129  LYS A C   1 
ATOM   692  O  O   . LYS A 1 115 ? -1.803  -5.435  -7.922  1.00 16.19 ? 129  LYS A O   1 
ATOM   693  C  CB  . LYS A 1 115 ? -3.270  -6.817  -10.283 1.00 19.12 ? 129  LYS A CB  1 
ATOM   694  C  CG  . LYS A 1 115 ? -4.680  -6.300  -10.105 1.00 21.00 ? 129  LYS A CG  1 
ATOM   695  C  CD  . LYS A 1 115 ? -5.665  -7.435  -9.947  1.00 21.07 ? 129  LYS A CD  1 
ATOM   696  C  CE  . LYS A 1 115 ? -7.035  -6.908  -9.627  1.00 22.31 ? 129  LYS A CE  1 
ATOM   697  N  NZ  . LYS A 1 115 ? -8.036  -7.984  -9.434  1.00 23.77 ? 129  LYS A NZ  1 
ATOM   698  N  N   . LEU A 1 116 ? -2.833  -3.751  -9.003  1.00 15.48 ? 130  LEU A N   1 
ATOM   699  C  CA  . LEU A 1 116 ? -2.969  -2.914  -7.817  1.00 14.99 ? 130  LEU A CA  1 
ATOM   700  C  C   . LEU A 1 116 ? -4.331  -2.221  -7.868  1.00 15.78 ? 130  LEU A C   1 
ATOM   701  O  O   . LEU A 1 116 ? -4.731  -1.706  -8.906  1.00 15.60 ? 130  LEU A O   1 
ATOM   702  C  CB  . LEU A 1 116 ? -1.832  -1.879  -7.763  1.00 13.07 ? 130  LEU A CB  1 
ATOM   703  C  CG  . LEU A 1 116 ? -1.714  -1.035  -6.485  1.00 11.75 ? 130  LEU A CG  1 
ATOM   704  C  CD1 . LEU A 1 116 ? -0.284  -0.578  -6.296  1.00 11.30 ? 130  LEU A CD1 1 
ATOM   705  C  CD2 . LEU A 1 116 ? -2.659  0.167   -6.549  1.00 13.80 ? 130  LEU A CD2 1 
ATOM   706  N  N   . GLU A 1 117 ? -5.045  -2.234  -6.749  1.00 16.10 ? 131  GLU A N   1 
ATOM   707  C  CA  . GLU A 1 117 ? -6.362  -1.615  -6.664  1.00 16.59 ? 131  GLU A CA  1 
ATOM   708  C  C   . GLU A 1 117 ? -6.301  -0.426  -5.723  1.00 15.04 ? 131  GLU A C   1 
ATOM   709  O  O   . GLU A 1 117 ? -5.873  -0.548  -4.577  1.00 15.50 ? 131  GLU A O   1 
ATOM   710  C  CB  . GLU A 1 117 ? -7.401  -2.630  -6.167  1.00 17.29 ? 131  GLU A CB  1 
ATOM   711  C  CG  . GLU A 1 117 ? -8.771  -2.026  -5.910  1.00 19.15 ? 131  GLU A CG  1 
ATOM   712  C  CD  . GLU A 1 117 ? -9.734  -3.001  -5.258  1.00 21.54 ? 131  GLU A CD  1 
ATOM   713  O  OE1 . GLU A 1 117 ? -9.277  -3.865  -4.480  1.00 23.33 ? 131  GLU A OE1 1 
ATOM   714  O  OE2 . GLU A 1 117 ? -10.953 -2.891  -5.503  1.00 22.33 ? 131  GLU A OE2 1 
ATOM   715  N  N   . LEU A 1 118 ? -6.745  0.720   -6.218  1.00 15.21 ? 132  LEU A N   1 
ATOM   716  C  CA  . LEU A 1 118 ? -6.723  1.969   -5.468  1.00 14.09 ? 132  LEU A CA  1 
ATOM   717  C  C   . LEU A 1 118 ? -8.141  2.503   -5.205  1.00 14.85 ? 132  LEU A C   1 
ATOM   718  O  O   . LEU A 1 118 ? -8.945  2.653   -6.130  1.00 14.34 ? 132  LEU A O   1 
ATOM   719  C  CB  . LEU A 1 118 ? -5.907  2.982   -6.274  1.00 14.62 ? 132  LEU A CB  1 
ATOM   720  C  CG  . LEU A 1 118 ? -5.408  4.334   -5.759  1.00 14.82 ? 132  LEU A CG  1 
ATOM   721  C  CD1 . LEU A 1 118 ? -6.157  5.431   -6.481  1.00 15.67 ? 132  LEU A CD1 1 
ATOM   722  C  CD2 . LEU A 1 118 ? -5.551  4.429   -4.252  1.00 13.61 ? 132  LEU A CD2 1 
ATOM   723  N  N   . VAL A 1 119 ? -8.444  2.778   -3.938  1.00 14.35 ? 133  VAL A N   1 
ATOM   724  C  CA  . VAL A 1 119 ? -9.756  3.307   -3.551  1.00 14.82 ? 133  VAL A CA  1 
ATOM   725  C  C   . VAL A 1 119 ? -9.571  4.462   -2.576  1.00 15.26 ? 133  VAL A C   1 
ATOM   726  O  O   . VAL A 1 119 ? -8.952  4.298   -1.523  1.00 16.43 ? 133  VAL A O   1 
ATOM   727  C  CB  . VAL A 1 119 ? -10.624 2.231   -2.868  1.00 14.13 ? 133  VAL A CB  1 
ATOM   728  C  CG1 . VAL A 1 119 ? -11.926 2.840   -2.388  1.00 13.72 ? 133  VAL A CG1 1 
ATOM   729  C  CG2 . VAL A 1 119 ? -10.896 1.096   -3.845  1.00 15.16 ? 133  VAL A CG2 1 
ATOM   730  N  N   . ILE A 1 120 ? -10.114 5.626   -2.922  1.00 14.68 ? 134  ILE A N   1 
ATOM   731  C  CA  . ILE A 1 120 ? -9.988  6.801   -2.067  1.00 14.44 ? 134  ILE A CA  1 
ATOM   732  C  C   . ILE A 1 120 ? -11.339 7.405   -1.684  1.00 14.34 ? 134  ILE A C   1 
ATOM   733  O  O   . ILE A 1 120 ? -12.222 7.572   -2.523  1.00 14.50 ? 134  ILE A O   1 
ATOM   734  C  CB  . ILE A 1 120 ? -9.157  7.913   -2.770  1.00 14.13 ? 134  ILE A CB  1 
ATOM   735  C  CG1 . ILE A 1 120 ? -7.775  7.378   -3.147  1.00 14.06 ? 134  ILE A CG1 1 
ATOM   736  C  CG2 . ILE A 1 120 ? -9.026  9.130   -1.859  1.00 12.18 ? 134  ILE A CG2 1 
ATOM   737  C  CD1 . ILE A 1 120 ? -7.079  8.191   -4.224  1.00 12.19 ? 134  ILE A CD1 1 
ATOM   738  N  N   . GLN A 1 121 ? -11.496 7.731   -0.410  1.00 14.54 ? 135  GLN A N   1 
ATOM   739  C  CA  . GLN A 1 121 ? -12.718 8.363   0.067   1.00 16.07 ? 135  GLN A CA  1 
ATOM   740  C  C   . GLN A 1 121 ? -12.313 9.780   0.454   1.00 16.32 ? 135  GLN A C   1 
ATOM   741  O  O   . GLN A 1 121 ? -11.595 9.981   1.431   1.00 15.07 ? 135  GLN A O   1 
ATOM   742  C  CB  . GLN A 1 121 ? -13.275 7.632   1.290   1.00 16.52 ? 135  GLN A CB  1 
ATOM   743  C  CG  . GLN A 1 121 ? -13.731 6.230   1.023   1.00 19.95 ? 135  GLN A CG  1 
ATOM   744  C  CD  . GLN A 1 121 ? -14.284 5.561   2.261   1.00 21.96 ? 135  GLN A CD  1 
ATOM   745  O  OE1 . GLN A 1 121 ? -15.372 5.896   2.729   1.00 25.15 ? 135  GLN A OE1 1 
ATOM   746  N  NE2 . GLN A 1 121 ? -13.533 4.619   2.808   1.00 22.07 ? 135  GLN A NE2 1 
ATOM   747  N  N   . ARG A 1 122 ? -12.758 10.755  -0.330  1.00 17.90 ? 136  ARG A N   1 
ATOM   748  C  CA  . ARG A 1 122 ? -12.435 12.158  -0.090  1.00 19.14 ? 136  ARG A CA  1 
ATOM   749  C  C   . ARG A 1 122 ? -13.462 13.083  -0.730  1.00 20.50 ? 136  ARG A C   1 
ATOM   750  O  O   . ARG A 1 122 ? -13.955 12.825  -1.827  1.00 19.47 ? 136  ARG A O   1 
ATOM   751  C  CB  . ARG A 1 122 ? -11.042 12.502  -0.646  1.00 18.57 ? 136  ARG A CB  1 
ATOM   752  C  CG  . ARG A 1 122 ? -10.767 13.995  -0.667  1.00 18.41 ? 136  ARG A CG  1 
ATOM   753  C  CD  . ARG A 1 122 ? -9.494  14.365  -1.385  1.00 18.50 ? 136  ARG A CD  1 
ATOM   754  N  NE  . ARG A 1 122 ? -8.326  14.226  -0.528  1.00 18.17 ? 136  ARG A NE  1 
ATOM   755  C  CZ  . ARG A 1 122 ? -7.514  15.222  -0.193  1.00 16.30 ? 136  ARG A CZ  1 
ATOM   756  N  NH1 . ARG A 1 122 ? -6.477  14.982  0.593   1.00 16.59 ? 136  ARG A NH1 1 
ATOM   757  N  NH2 . ARG A 1 122 ? -7.729  16.454  -0.635  1.00 16.80 ? 136  ARG A NH2 1 
ATOM   758  N  N   . GLU A 1 123 ? -13.763 14.165  -0.022  1.00 22.90 ? 137  GLU A N   1 
ATOM   759  C  CA  . GLU A 1 123 ? -14.716 15.179  -0.458  1.00 25.64 ? 137  GLU A CA  1 
ATOM   760  C  C   . GLU A 1 123 ? -16.093 14.637  -0.825  1.00 25.39 ? 137  GLU A C   1 
ATOM   761  O  O   . GLU A 1 123 ? -16.718 15.086  -1.787  1.00 25.80 ? 137  GLU A O   1 
ATOM   762  C  CB  . GLU A 1 123 ? -14.133 15.986  -1.620  1.00 28.44 ? 137  GLU A CB  1 
ATOM   763  C  CG  . GLU A 1 123 ? -14.291 17.488  -1.435  1.00 34.19 ? 137  GLU A CG  1 
ATOM   764  C  CD  . GLU A 1 123 ? -13.624 18.010  -0.160  1.00 36.36 ? 137  GLU A CD  1 
ATOM   765  O  OE1 . GLU A 1 123 ? -13.865 19.180  0.204   1.00 37.59 ? 137  GLU A OE1 1 
ATOM   766  O  OE2 . GLU A 1 123 ? -12.856 17.253  0.476   1.00 38.64 ? 137  GLU A OE2 1 
ATOM   767  N  N   . GLY A 1 124 ? -16.553 13.664  -0.043  1.00 25.30 ? 138  GLY A N   1 
ATOM   768  C  CA  . GLY A 1 124 ? -17.870 13.081  -0.248  1.00 25.11 ? 138  GLY A CA  1 
ATOM   769  C  C   . GLY A 1 124 ? -18.054 12.104  -1.392  1.00 24.14 ? 138  GLY A C   1 
ATOM   770  O  O   . GLY A 1 124 ? -19.189 11.816  -1.776  1.00 23.59 ? 138  GLY A O   1 
ATOM   771  N  N   . LYS A 1 125 ? -16.965 11.579  -1.938  1.00 23.06 ? 139  LYS A N   1 
ATOM   772  C  CA  . LYS A 1 125 ? -17.088 10.638  -3.045  1.00 23.25 ? 139  LYS A CA  1 
ATOM   773  C  C   . LYS A 1 125 ? -16.159 9.431   -2.934  1.00 22.34 ? 139  LYS A C   1 
ATOM   774  O  O   . LYS A 1 125 ? -15.127 9.479   -2.263  1.00 22.07 ? 139  LYS A O   1 
ATOM   775  C  CB  . LYS A 1 125 ? -16.828 11.364  -4.363  1.00 24.50 ? 139  LYS A CB  1 
ATOM   776  C  CG  . LYS A 1 125 ? -17.748 12.539  -4.614  1.00 26.18 ? 139  LYS A CG  1 
ATOM   777  C  CD  . LYS A 1 125 ? -17.316 13.311  -5.839  1.00 28.84 ? 139  LYS A CD  1 
ATOM   778  C  CE  . LYS A 1 125 ? -15.890 13.812  -5.701  1.00 29.87 ? 139  LYS A CE  1 
ATOM   779  N  NZ  . LYS A 1 125 ? -15.390 14.444  -6.953  1.00 30.90 ? 139  LYS A NZ  1 
ATOM   780  N  N   . ILE A 1 126 ? -16.539 8.342   -3.592  1.00 21.70 ? 140  ILE A N   1 
ATOM   781  C  CA  . ILE A 1 126 ? -15.736 7.125   -3.596  1.00 20.25 ? 140  ILE A CA  1 
ATOM   782  C  C   . ILE A 1 126 ? -15.047 7.053   -4.959  1.00 20.43 ? 140  ILE A C   1 
ATOM   783  O  O   . ILE A 1 126 ? -15.726 7.020   -5.986  1.00 20.73 ? 140  ILE A O   1 
ATOM   784  C  CB  . ILE A 1 126 ? -16.624 5.871   -3.415  1.00 18.97 ? 140  ILE A CB  1 
ATOM   785  C  CG1 . ILE A 1 126 ? -17.407 5.978   -2.103  1.00 18.22 ? 140  ILE A CG1 1 
ATOM   786  C  CG2 . ILE A 1 126 ? -15.762 4.609   -3.438  1.00 18.42 ? 140  ILE A CG2 1 
ATOM   787  C  CD1 . ILE A 1 126 ? -18.375 4.820   -1.860  1.00 18.37 ? 140  ILE A CD1 1 
ATOM   788  N  N   . HIS A 1 127 ? -13.713 7.050   -4.978  1.00 20.13 ? 141  HIS A N   1 
ATOM   789  C  CA  . HIS A 1 127 ? -12.970 6.982   -6.244  1.00 20.39 ? 141  HIS A CA  1 
ATOM   790  C  C   . HIS A 1 127 ? -12.238 5.653   -6.370  1.00 20.78 ? 141  HIS A C   1 
ATOM   791  O  O   . HIS A 1 127 ? -11.618 5.192   -5.416  1.00 20.57 ? 141  HIS A O   1 
ATOM   792  C  CB  . HIS A 1 127 ? -11.946 8.112   -6.342  1.00 18.28 ? 141  HIS A CB  1 
ATOM   793  C  CG  . HIS A 1 127 ? -12.429 9.418   -5.803  1.00 18.36 ? 141  HIS A CG  1 
ATOM   794  N  ND1 . HIS A 1 127 ? -13.048 10.365  -6.593  1.00 18.86 ? 141  HIS A ND1 1 
ATOM   795  C  CD2 . HIS A 1 127 ? -12.415 9.927   -4.548  1.00 19.78 ? 141  HIS A CD2 1 
ATOM   796  C  CE1 . HIS A 1 127 ? -13.395 11.397  -5.847  1.00 19.75 ? 141  HIS A CE1 1 
ATOM   797  N  NE2 . HIS A 1 127 ? -13.024 11.157  -4.603  1.00 20.29 ? 141  HIS A NE2 1 
ATOM   798  N  N   . ARG A 1 128 ? -12.299 5.047   -7.552  1.00 21.08 ? 142  ARG A N   1 
ATOM   799  C  CA  . ARG A 1 128 ? -11.649 3.756   -7.779  1.00 20.74 ? 142  ARG A CA  1 
ATOM   800  C  C   . ARG A 1 128 ? -10.791 3.714   -9.042  1.00 20.31 ? 142  ARG A C   1 
ATOM   801  O  O   . ARG A 1 128 ? -11.108 4.359   -10.042 1.00 20.28 ? 142  ARG A O   1 
ATOM   802  C  CB  . ARG A 1 128 ? -12.703 2.651   -7.866  1.00 19.67 ? 142  ARG A CB  1 
ATOM   803  C  CG  . ARG A 1 128 ? -13.553 2.496   -6.635  1.00 20.64 ? 142  ARG A CG  1 
ATOM   804  C  CD  . ARG A 1 128 ? -14.690 1.516   -6.878  1.00 22.24 ? 142  ARG A CD  1 
ATOM   805  N  NE  . ARG A 1 128 ? -15.491 1.272   -5.683  1.00 22.41 ? 142  ARG A NE  1 
ATOM   806  C  CZ  . ARG A 1 128 ? -15.085 0.543   -4.648  1.00 24.16 ? 142  ARG A CZ  1 
ATOM   807  N  NH1 . ARG A 1 128 ? -15.878 0.370   -3.594  1.00 23.28 ? 142  ARG A NH1 1 
ATOM   808  N  NH2 . ARG A 1 128 ? -13.887 -0.024  -4.671  1.00 24.94 ? 142  ARG A NH2 1 
ATOM   809  N  N   . GLN A 1 129 ? -9.702  2.951   -8.982  1.00 20.38 ? 143  GLN A N   1 
ATOM   810  C  CA  . GLN A 1 129 ? -8.818  2.786   -10.125 1.00 19.60 ? 143  GLN A CA  1 
ATOM   811  C  C   . GLN A 1 129 ? -8.018  1.497   -10.018 1.00 19.39 ? 143  GLN A C   1 
ATOM   812  O  O   . GLN A 1 129 ? -7.611  1.088   -8.928  1.00 20.16 ? 143  GLN A O   1 
ATOM   813  C  CB  . GLN A 1 129 ? -7.871  3.974   -10.265 1.00 19.47 ? 143  GLN A CB  1 
ATOM   814  C  CG  . GLN A 1 129 ? -7.354  4.142   -11.683 1.00 19.17 ? 143  GLN A CG  1 
ATOM   815  C  CD  . GLN A 1 129 ? -6.474  5.356   -11.856 1.00 19.03 ? 143  GLN A CD  1 
ATOM   816  O  OE1 . GLN A 1 129 ? -6.232  5.807   -12.976 1.00 19.49 ? 143  GLN A OE1 1 
ATOM   817  N  NE2 . GLN A 1 129 ? -5.983  5.892   -10.749 1.00 20.12 ? 143  GLN A NE2 1 
ATOM   818  N  N   . ILE A 1 130 ? -7.811  0.859   -11.165 1.00 18.75 ? 144  ILE A N   1 
ATOM   819  C  CA  . ILE A 1 130 ? -7.070  -0.389  -11.256 1.00 18.56 ? 144  ILE A CA  1 
ATOM   820  C  C   . ILE A 1 130 ? -5.785  -0.148  -12.038 1.00 18.73 ? 144  ILE A C   1 
ATOM   821  O  O   . ILE A 1 130 ? -5.772  0.625   -12.994 1.00 19.03 ? 144  ILE A O   1 
ATOM   822  C  CB  . ILE A 1 130 ? -7.916  -1.482  -11.980 1.00 19.34 ? 144  ILE A CB  1 
ATOM   823  C  CG1 . ILE A 1 130 ? -9.160  -1.811  -11.151 1.00 18.47 ? 144  ILE A CG1 1 
ATOM   824  C  CG2 . ILE A 1 130 ? -7.086  -2.753  -12.208 1.00 18.46 ? 144  ILE A CG2 1 
ATOM   825  C  CD1 . ILE A 1 130 ? -10.129 -2.760  -11.844 1.00 20.32 ? 144  ILE A CD1 1 
ATOM   826  N  N   . TYR A 1 131 ? -4.707  -0.801  -11.623 1.00 17.61 ? 145  TYR A N   1 
ATOM   827  C  CA  . TYR A 1 131 ? -3.419  -0.671  -12.295 1.00 17.10 ? 145  TYR A CA  1 
ATOM   828  C  C   . TYR A 1 131 ? -2.896  -2.058  -12.628 1.00 16.89 ? 145  TYR A C   1 
ATOM   829  O  O   . TYR A 1 131 ? -3.225  -3.031  -11.952 1.00 14.98 ? 145  TYR A O   1 
ATOM   830  C  CB  . TYR A 1 131 ? -2.396  0.033   -11.395 1.00 16.43 ? 145  TYR A CB  1 
ATOM   831  C  CG  . TYR A 1 131 ? -2.619  1.518   -11.210 1.00 15.55 ? 145  TYR A CG  1 
ATOM   832  C  CD1 . TYR A 1 131 ? -2.060  2.447   -12.095 1.00 13.83 ? 145  TYR A CD1 1 
ATOM   833  C  CD2 . TYR A 1 131 ? -3.395  1.997   -10.150 1.00 15.80 ? 145  TYR A CD2 1 
ATOM   834  C  CE1 . TYR A 1 131 ? -2.264  3.818   -11.923 1.00 13.22 ? 145  TYR A CE1 1 
ATOM   835  C  CE2 . TYR A 1 131 ? -3.608  3.362   -9.973  1.00 15.11 ? 145  TYR A CE2 1 
ATOM   836  C  CZ  . TYR A 1 131 ? -3.037  4.264   -10.865 1.00 15.39 ? 145  TYR A CZ  1 
ATOM   837  O  OH  . TYR A 1 131 ? -3.246  5.612   -10.692 1.00 14.85 ? 145  TYR A OH  1 
ATOM   838  N  N   . GLU A 1 132 ? -2.094  -2.140  -13.684 1.00 18.25 ? 146  GLU A N   1 
ATOM   839  C  CA  . GLU A 1 132 ? -1.480  -3.394  -14.095 1.00 19.04 ? 146  GLU A CA  1 
ATOM   840  C  C   . GLU A 1 132 ? -0.030  -3.097  -14.442 1.00 17.89 ? 146  GLU A C   1 
ATOM   841  O  O   . GLU A 1 132 ? 0.249   -2.419  -15.429 1.00 16.39 ? 146  GLU A O   1 
ATOM   842  C  CB  . GLU A 1 132 ? -2.198  -3.988  -15.305 1.00 21.33 ? 146  GLU A CB  1 
ATOM   843  C  CG  . GLU A 1 132 ? -3.527  -4.588  -14.980 1.00 26.13 ? 146  GLU A CG  1 
ATOM   844  C  CD  . GLU A 1 132 ? -4.198  -5.172  -16.200 1.00 28.59 ? 146  GLU A CD  1 
ATOM   845  O  OE1 . GLU A 1 132 ? -4.552  -4.396  -17.112 1.00 31.06 ? 146  GLU A OE1 1 
ATOM   846  O  OE2 . GLU A 1 132 ? -4.366  -6.405  -16.249 1.00 31.48 ? 146  GLU A OE2 1 
ATOM   847  N  N   . HIS A 1 133 ? 0.885   -3.601  -13.615 1.00 17.39 ? 147  HIS A N   1 
ATOM   848  C  CA  . HIS A 1 133 ? 2.310   -3.370  -13.817 1.00 17.48 ? 147  HIS A CA  1 
ATOM   849  C  C   . HIS A 1 133 ? 2.576   -1.866  -13.887 1.00 18.73 ? 147  HIS A C   1 
ATOM   850  O  O   . HIS A 1 133 ? 3.446   -1.415  -14.634 1.00 19.32 ? 147  HIS A O   1 
ATOM   851  C  CB  . HIS A 1 133 ? 2.782   -4.049  -15.105 1.00 16.91 ? 147  HIS A CB  1 
ATOM   852  C  CG  . HIS A 1 133 ? 2.751   -5.547  -15.042 1.00 16.64 ? 147  HIS A CG  1 
ATOM   853  N  ND1 . HIS A 1 133 ? 3.612   -6.276  -14.250 1.00 16.00 ? 147  HIS A ND1 1 
ATOM   854  C  CD2 . HIS A 1 133 ? 1.931   -6.448  -15.634 1.00 16.13 ? 147  HIS A CD2 1 
ATOM   855  C  CE1 . HIS A 1 133 ? 3.321   -7.562  -14.355 1.00 15.69 ? 147  HIS A CE1 1 
ATOM   856  N  NE2 . HIS A 1 133 ? 2.305   -7.692  -15.187 1.00 15.16 ? 147  HIS A NE2 1 
ATOM   857  N  N   . GLY A 1 134 ? 1.804   -1.096  -13.119 1.00 18.70 ? 148  GLY A N   1 
ATOM   858  C  CA  . GLY A 1 134 ? 1.972   0.345   -13.093 1.00 16.65 ? 148  GLY A CA  1 
ATOM   859  C  C   . GLY A 1 134 ? 1.145   1.161   -14.076 1.00 16.63 ? 148  GLY A C   1 
ATOM   860  O  O   . GLY A 1 134 ? 1.068   2.383   -13.947 1.00 15.91 ? 148  GLY A O   1 
ATOM   861  N  N   . VAL A 1 135 ? 0.528   0.506   -15.055 1.00 16.88 ? 149  VAL A N   1 
ATOM   862  C  CA  . VAL A 1 135 ? -0.282  1.209   -16.050 1.00 17.20 ? 149  VAL A CA  1 
ATOM   863  C  C   . VAL A 1 135 ? -1.766  1.162   -15.695 1.00 17.54 ? 149  VAL A C   1 
ATOM   864  O  O   . VAL A 1 135 ? -2.344  0.089   -15.527 1.00 16.82 ? 149  VAL A O   1 
ATOM   865  C  CB  . VAL A 1 135 ? -0.090  0.607   -17.469 1.00 17.39 ? 149  VAL A CB  1 
ATOM   866  C  CG1 . VAL A 1 135 ? -0.876  1.412   -18.500 1.00 15.21 ? 149  VAL A CG1 1 
ATOM   867  C  CG2 . VAL A 1 135 ? 1.400   0.586   -17.827 1.00 17.95 ? 149  VAL A CG2 1 
ATOM   868  N  N   . PRO A 1 136 ? -2.404  2.337   -15.575 1.00 18.35 ? 150  PRO A N   1 
ATOM   869  C  CA  . PRO A 1 136 ? -3.829  2.412   -15.236 1.00 18.97 ? 150  PRO A CA  1 
ATOM   870  C  C   . PRO A 1 136 ? -4.717  1.915   -16.379 1.00 21.05 ? 150  PRO A C   1 
ATOM   871  O  O   . PRO A 1 136 ? -4.552  2.338   -17.523 1.00 20.11 ? 150  PRO A O   1 
ATOM   872  C  CB  . PRO A 1 136 ? -4.031  3.894   -14.947 1.00 16.93 ? 150  PRO A CB  1 
ATOM   873  C  CG  . PRO A 1 136 ? -3.083  4.546   -15.901 1.00 17.86 ? 150  PRO A CG  1 
ATOM   874  C  CD  . PRO A 1 136 ? -1.843  3.682   -15.802 1.00 16.58 ? 150  PRO A CD  1 
ATOM   875  N  N   . GLN A 1 137 ? -5.635  1.005   -16.063 1.00 23.22 ? 151  GLN A N   1 
ATOM   876  C  CA  . GLN A 1 137 ? -6.554  0.486   -17.086 1.00 25.00 ? 151  GLN A CA  1 
ATOM   877  C  C   . GLN A 1 137 ? -7.477  1.607   -17.578 1.00 24.82 ? 151  GLN A C   1 
ATOM   878  O  O   . GLN A 1 137 ? -7.937  1.598   -18.706 1.00 25.49 ? 151  GLN A O   1 
ATOM   879  C  CB  . GLN A 1 137 ? -7.403  -0.644  -16.503 1.00 26.62 ? 151  GLN A CB  1 
ATOM   880  C  CG  . GLN A 1 137 ? -6.741  -2.015  -16.630 1.00 29.77 ? 151  GLN A CG  1 
ATOM   881  C  CD  . GLN A 1 137 ? -7.640  -3.159  -16.158 1.00 31.11 ? 151  GLN A CD  1 
ATOM   882  O  OE1 . GLN A 1 137 ? -8.858  -3.001  -16.101 1.00 31.30 ? 151  GLN A OE1 1 
ATOM   883  N  NE2 . GLN A 1 137 ? -7.111  -4.312  -15.797 1.00 31.47 ? 151  GLN A NE2 1 
ATOM   884  N  N   . ALA A 1 138 ? -7.713  2.566   -16.675 1.00 24.80 ? 152  ALA A N   1 
ATOM   885  C  CA  . ALA A 1 138 ? -8.562  3.716   -16.972 1.00 25.06 ? 152  ALA A CA  1 
ATOM   886  C  C   . ALA A 1 138 ? -8.342  4.840   -15.952 1.00 25.49 ? 152  ALA A C   1 
ATOM   887  O  O   . ALA A 1 138 ? -7.716  4.630   -14.913 1.00 25.77 ? 152  ALA A O   1 
ATOM   888  C  CB  . ALA A 1 138 ? -10.021 3.291   -16.974 1.00 24.76 ? 152  ALA A CB  1 
ATOM   889  N  N   . PRO A 1 139 ? -8.835  6.055   -16.251 1.00 26.27 ? 153  PRO A N   1 
ATOM   890  C  CA  . PRO A 1 139 ? -8.696  7.213   -15.355 1.00 26.47 ? 153  PRO A CA  1 
ATOM   891  C  C   . PRO A 1 139 ? -9.441  7.040   -14.023 1.00 27.32 ? 153  PRO A C   1 
ATOM   892  O  O   . PRO A 1 139 ? -10.409 6.281   -13.939 1.00 28.35 ? 153  PRO A O   1 
ATOM   893  C  CB  . PRO A 1 139 ? -9.275  8.361   -16.183 1.00 25.93 ? 153  PRO A CB  1 
ATOM   894  C  CG  . PRO A 1 139 ? -8.963  7.960   -17.584 1.00 25.40 ? 153  PRO A CG  1 
ATOM   895  C  CD  . PRO A 1 139 ? -9.314  6.485   -17.579 1.00 27.14 ? 153  PRO A CD  1 
ATOM   896  N  N   . LEU A 1 140 ? -8.986  7.745   -12.988 1.00 26.91 ? 154  LEU A N   1 
ATOM   897  C  CA  . LEU A 1 140 ? -9.619  7.673   -11.671 1.00 27.15 ? 154  LEU A CA  1 
ATOM   898  C  C   . LEU A 1 140 ? -11.101 8.018   -11.800 1.00 27.55 ? 154  LEU A C   1 
ATOM   899  O  O   . LEU A 1 140 ? -11.456 9.163   -12.093 1.00 28.28 ? 154  LEU A O   1 
ATOM   900  C  CB  . LEU A 1 140 ? -8.942  8.645   -10.698 1.00 27.20 ? 154  LEU A CB  1 
ATOM   901  C  CG  . LEU A 1 140 ? -9.508  8.707   -9.272  1.00 28.03 ? 154  LEU A CG  1 
ATOM   902  C  CD1 . LEU A 1 140 ? -9.396  7.337   -8.610  1.00 27.94 ? 154  LEU A CD1 1 
ATOM   903  C  CD2 . LEU A 1 140 ? -8.751  9.758   -8.465  1.00 27.66 ? 154  LEU A CD2 1 
ATOM   904  N  N   . ALA A 1 141 ? -11.961 7.032   -11.569 1.00 26.72 ? 155  ALA A N   1 
ATOM   905  C  CA  . ALA A 1 141 ? -13.398 7.238   -11.699 1.00 25.70 ? 155  ALA A CA  1 
ATOM   906  C  C   . ALA A 1 141 ? -14.161 7.317   -10.384 1.00 24.64 ? 155  ALA A C   1 
ATOM   907  O  O   . ALA A 1 141 ? -13.792 6.687   -9.393  1.00 24.13 ? 155  ALA A O   1 
ATOM   908  C  CB  . ALA A 1 141 ? -13.990 6.132   -12.569 1.00 26.90 ? 155  ALA A CB  1 
ATOM   909  N  N   . VAL A 1 142 ? -15.231 8.106   -10.393 1.00 24.15 ? 156  VAL A N   1 
ATOM   910  C  CA  . VAL A 1 142 ? -16.101 8.267   -9.236  1.00 23.13 ? 156  VAL A CA  1 
ATOM   911  C  C   . VAL A 1 142 ? -17.202 7.217   -9.379  1.00 22.75 ? 156  VAL A C   1 
ATOM   912  O  O   . VAL A 1 142 ? -17.837 7.114   -10.429 1.00 22.68 ? 156  VAL A O   1 
ATOM   913  C  CB  . VAL A 1 142 ? -16.752 9.666   -9.199  1.00 21.96 ? 156  VAL A CB  1 
ATOM   914  C  CG1 . VAL A 1 142 ? -17.692 9.765   -8.008  1.00 23.20 ? 156  VAL A CG1 1 
ATOM   915  C  CG2 . VAL A 1 142 ? -15.683 10.737  -9.108  1.00 21.05 ? 156  VAL A CG2 1 
ATOM   916  N  N   . THR A 1 143 ? -17.426 6.440   -8.325  1.00 22.26 ? 157  THR A N   1 
ATOM   917  C  CA  . THR A 1 143 ? -18.433 5.394   -8.358  1.00 23.34 ? 157  THR A CA  1 
ATOM   918  C  C   . THR A 1 143 ? -19.489 5.497   -7.261  1.00 24.47 ? 157  THR A C   1 
ATOM   919  O  O   . THR A 1 143 ? -20.306 4.592   -7.094  1.00 25.12 ? 157  THR A O   1 
ATOM   920  C  CB  . THR A 1 143 ? -17.769 4.016   -8.266  1.00 23.70 ? 157  THR A CB  1 
ATOM   921  O  OG1 . THR A 1 143 ? -16.967 3.948   -7.080  1.00 21.80 ? 157  THR A OG1 1 
ATOM   922  C  CG2 . THR A 1 143 ? -16.882 3.782   -9.485  1.00 25.21 ? 157  THR A CG2 1 
ATOM   923  N  N   . GLY A 1 144 ? -19.487 6.596   -6.515  1.00 24.32 ? 158  GLY A N   1 
ATOM   924  C  CA  . GLY A 1 144 ? -20.478 6.734   -5.466  1.00 24.06 ? 158  GLY A CA  1 
ATOM   925  C  C   . GLY A 1 144 ? -20.242 7.870   -4.495  1.00 23.47 ? 158  GLY A C   1 
ATOM   926  O  O   . GLY A 1 144 ? -19.289 8.639   -4.633  1.00 21.50 ? 158  GLY A O   1 
ATOM   927  N  N   . GLU A 1 145 ? -21.130 7.960   -3.508  1.00 23.79 ? 159  GLU A N   1 
ATOM   928  C  CA  . GLU A 1 145 ? -21.071 8.989   -2.479  1.00 24.56 ? 159  GLU A CA  1 
ATOM   929  C  C   . GLU A 1 145 ? -20.674 8.363   -1.151  1.00 23.69 ? 159  GLU A C   1 
ATOM   930  O  O   . GLU A 1 145 ? -20.925 7.185   -0.912  1.00 24.53 ? 159  GLU A O   1 
ATOM   931  C  CB  . GLU A 1 145 ? -22.431 9.670   -2.345  1.00 26.95 ? 159  GLU A CB  1 
ATOM   932  C  CG  . GLU A 1 145 ? -22.926 10.302  -3.620  1.00 30.85 ? 159  GLU A CG  1 
ATOM   933  C  CD  . GLU A 1 145 ? -22.957 11.820  -3.549  1.00 34.37 ? 159  GLU A CD  1 
ATOM   934  O  OE1 . GLU A 1 145 ? -21.879 12.434  -3.390  1.00 36.63 ? 159  GLU A OE1 1 
ATOM   935  O  OE2 . GLU A 1 145 ? -24.060 12.399  -3.651  1.00 34.48 ? 159  GLU A OE2 1 
ATOM   936  N  N   . THR A 1 146 ? -20.053 9.157   -0.289  1.00 23.44 ? 160  THR A N   1 
ATOM   937  C  CA  . THR A 1 146 ? -19.609 8.673   1.009   1.00 23.33 ? 160  THR A CA  1 
ATOM   938  C  C   . THR A 1 146 ? -19.411 9.887   1.904   1.00 24.96 ? 160  THR A C   1 
ATOM   939  O  O   . THR A 1 146 ? -19.229 10.998  1.403   1.00 25.49 ? 160  THR A O   1 
ATOM   940  C  CB  . THR A 1 146 ? -18.267 7.906   0.875   1.00 20.86 ? 160  THR A CB  1 
ATOM   941  O  OG1 . THR A 1 146 ? -17.888 7.355   2.140   1.00 20.91 ? 160  THR A OG1 1 
ATOM   942  C  CG2 . THR A 1 146 ? -17.171 8.838   0.383   1.00 20.10 ? 160  THR A CG2 1 
ATOM   943  N  N   . GLU A 1 147 ? -19.471 9.692   3.219   1.00 26.83 ? 161  GLU A N   1 
ATOM   944  C  CA  . GLU A 1 147 ? -19.256 10.806  4.135   1.00 28.60 ? 161  GLU A CA  1 
ATOM   945  C  C   . GLU A 1 147 ? -18.059 10.511  5.033   1.00 28.54 ? 161  GLU A C   1 
ATOM   946  O  O   . GLU A 1 147 ? -17.917 11.065  6.124   1.00 29.41 ? 161  GLU A O   1 
ATOM   947  C  CB  . GLU A 1 147 ? -20.515 11.108  4.966   1.00 30.97 ? 161  GLU A CB  1 
ATOM   948  C  CG  . GLU A 1 147 ? -20.896 10.086  6.006   1.00 33.93 ? 161  GLU A CG  1 
ATOM   949  C  CD  . GLU A 1 147 ? -21.871 10.657  7.029   1.00 35.42 ? 161  GLU A CD  1 
ATOM   950  O  OE1 . GLU A 1 147 ? -22.926 11.189  6.615   1.00 34.85 ? 161  GLU A OE1 1 
ATOM   951  O  OE2 . GLU A 1 147 ? -21.578 10.578  8.246   1.00 36.08 ? 161  GLU A OE2 1 
ATOM   952  N  N   . LYS A 1 148 ? -17.195 9.628   4.544   1.00 27.53 ? 162  LYS A N   1 
ATOM   953  C  CA  . LYS A 1 148 ? -15.974 9.256   5.245   1.00 25.91 ? 162  LYS A CA  1 
ATOM   954  C  C   . LYS A 1 148 ? -14.782 9.530   4.330   1.00 23.67 ? 162  LYS A C   1 
ATOM   955  O  O   . LYS A 1 148 ? -14.945 9.665   3.114   1.00 22.12 ? 162  LYS A O   1 
ATOM   956  C  CB  . LYS A 1 148 ? -16.015 7.777   5.636   1.00 27.69 ? 162  LYS A CB  1 
ATOM   957  C  CG  . LYS A 1 148 ? -16.622 7.538   6.998   1.00 31.33 ? 162  LYS A CG  1 
ATOM   958  C  CD  . LYS A 1 148 ? -17.007 6.090   7.210   1.00 34.60 ? 162  LYS A CD  1 
ATOM   959  C  CE  . LYS A 1 148 ? -17.392 5.845   8.658   1.00 35.99 ? 162  LYS A CE  1 
ATOM   960  N  NZ  . LYS A 1 148 ? -18.287 6.913   9.198   1.00 36.68 ? 162  LYS A NZ  1 
ATOM   961  N  N   . THR A 1 149 ? -13.595 9.629   4.924   1.00 20.85 ? 163  THR A N   1 
ATOM   962  C  CA  . THR A 1 149 ? -12.369 9.879   4.175   1.00 18.48 ? 163  THR A CA  1 
ATOM   963  C  C   . THR A 1 149 ? -11.327 8.804   4.511   1.00 17.37 ? 163  THR A C   1 
ATOM   964  O  O   . THR A 1 149 ? -11.384 8.189   5.581   1.00 15.44 ? 163  THR A O   1 
ATOM   965  C  CB  . THR A 1 149 ? -11.786 11.270  4.508   1.00 18.77 ? 163  THR A CB  1 
ATOM   966  O  OG1 . THR A 1 149 ? -11.563 11.367  5.921   1.00 19.91 ? 163  THR A OG1 1 
ATOM   967  C  CG2 . THR A 1 149 ? -12.750 12.377  4.083   1.00 17.43 ? 163  THR A CG2 1 
ATOM   968  N  N   . GLY A 1 150 ? -10.387 8.580   3.592   1.00 16.23 ? 164  GLY A N   1 
ATOM   969  C  CA  . GLY A 1 150 ? -9.351  7.577   3.801   1.00 14.29 ? 164  GLY A CA  1 
ATOM   970  C  C   . GLY A 1 150 ? -8.854  6.939   2.508   1.00 14.32 ? 164  GLY A C   1 
ATOM   971  O  O   . GLY A 1 150 ? -9.484  7.072   1.461   1.00 13.16 ? 164  GLY A O   1 
ATOM   972  N  N   . THR A 1 151 ? -7.728  6.230   2.582   1.00 13.73 ? 165  THR A N   1 
ATOM   973  C  CA  . THR A 1 151 ? -7.145  5.590   1.402   1.00 13.28 ? 165  THR A CA  1 
ATOM   974  C  C   . THR A 1 151 ? -6.969  4.076   1.552   1.00 12.78 ? 165  THR A C   1 
ATOM   975  O  O   . THR A 1 151 ? -6.621  3.583   2.629   1.00 11.60 ? 165  THR A O   1 
ATOM   976  C  CB  . THR A 1 151 ? -5.768  6.195   1.071   1.00 14.19 ? 165  THR A CB  1 
ATOM   977  O  OG1 . THR A 1 151 ? -5.894  7.610   0.886   1.00 13.40 ? 165  THR A OG1 1 
ATOM   978  C  CG2 . THR A 1 151 ? -5.202  5.560   -0.193  1.00 13.09 ? 165  THR A CG2 1 
ATOM   979  N  N   . MET A 1 152 ? -7.195  3.348   0.458   1.00 12.22 ? 166  MET A N   1 
ATOM   980  C  CA  . MET A 1 152 ? -7.063  1.897   0.456   1.00 13.08 ? 166  MET A CA  1 
ATOM   981  C  C   . MET A 1 152 ? -6.327  1.413   -0.796  1.00 12.77 ? 166  MET A C   1 
ATOM   982  O  O   . MET A 1 152 ? -6.763  1.669   -1.921  1.00 13.31 ? 166  MET A O   1 
ATOM   983  C  CB  . MET A 1 152 ? -8.451  1.248   0.522   1.00 13.77 ? 166  MET A CB  1 
ATOM   984  C  CG  . MET A 1 152 ? -8.474  -0.198  0.956   1.00 15.07 ? 166  MET A CG  1 
ATOM   985  S  SD  . MET A 1 152 ? -7.533  -1.283  -0.113  1.00 19.08 ? 166  MET A SD  1 
ATOM   986  C  CE  . MET A 1 152 ? -8.557  -1.309  -1.605  1.00 15.02 ? 166  MET A CE  1 
ATOM   987  N  N   . VAL A 1 153 ? -5.210  0.718   -0.591  1.00 12.24 ? 167  VAL A N   1 
ATOM   988  C  CA  . VAL A 1 153 ? -4.413  0.173   -1.689  1.00 12.08 ? 167  VAL A CA  1 
ATOM   989  C  C   . VAL A 1 153 ? -4.215  -1.325  -1.473  1.00 11.96 ? 167  VAL A C   1 
ATOM   990  O  O   . VAL A 1 153 ? -3.798  -1.759  -0.395  1.00 11.76 ? 167  VAL A O   1 
ATOM   991  C  CB  . VAL A 1 153 ? -3.012  0.838   -1.771  1.00 11.74 ? 167  VAL A CB  1 
ATOM   992  C  CG1 . VAL A 1 153 ? -2.117  0.061   -2.732  1.00 8.25  ? 167  VAL A CG1 1 
ATOM   993  C  CG2 . VAL A 1 153 ? -3.142  2.279   -2.223  1.00 9.90  ? 167  VAL A CG2 1 
ATOM   994  N  N   . ARG A 1 154 ? -4.507  -2.107  -2.505  1.00 12.36 ? 168  ARG A N   1 
ATOM   995  C  CA  . ARG A 1 154 ? -4.365  -3.558  -2.456  1.00 12.16 ? 168  ARG A CA  1 
ATOM   996  C  C   . ARG A 1 154 ? -3.517  -3.969  -3.659  1.00 12.82 ? 168  ARG A C   1 
ATOM   997  O  O   . ARG A 1 154 ? -3.840  -3.618  -4.793  1.00 12.72 ? 168  ARG A O   1 
ATOM   998  C  CB  . ARG A 1 154 ? -5.753  -4.203  -2.521  1.00 12.42 ? 168  ARG A CB  1 
ATOM   999  C  CG  . ARG A 1 154 ? -5.775  -5.706  -2.363  1.00 12.91 ? 168  ARG A CG  1 
ATOM   1000 C  CD  . ARG A 1 154 ? -7.204  -6.208  -2.235  1.00 13.46 ? 168  ARG A CD  1 
ATOM   1001 N  NE  . ARG A 1 154 ? -7.284  -7.658  -2.380  1.00 15.23 ? 168  ARG A NE  1 
ATOM   1002 C  CZ  . ARG A 1 154 ? -8.411  -8.359  -2.323  1.00 15.68 ? 168  ARG A CZ  1 
ATOM   1003 N  NH1 . ARG A 1 154 ? -8.380  -9.677  -2.473  1.00 17.15 ? 168  ARG A NH1 1 
ATOM   1004 N  NH2 . ARG A 1 154 ? -9.569  -7.749  -2.109  1.00 16.13 ? 168  ARG A NH2 1 
ATOM   1005 N  N   . PHE A 1 155 ? -2.436  -4.710  -3.428  1.00 12.52 ? 169  PHE A N   1 
ATOM   1006 C  CA  . PHE A 1 155 ? -1.570  -5.102  -4.538  1.00 12.54 ? 169  PHE A CA  1 
ATOM   1007 C  C   . PHE A 1 155 ? -1.200  -6.577  -4.605  1.00 12.11 ? 169  PHE A C   1 
ATOM   1008 O  O   . PHE A 1 155 ? -1.011  -7.236  -3.583  1.00 10.85 ? 169  PHE A O   1 
ATOM   1009 C  CB  . PHE A 1 155 ? -0.284  -4.260  -4.516  1.00 10.45 ? 169  PHE A CB  1 
ATOM   1010 C  CG  . PHE A 1 155 ? 0.624   -4.568  -3.354  1.00 10.42 ? 169  PHE A CG  1 
ATOM   1011 C  CD1 . PHE A 1 155 ? 1.557   -5.596  -3.437  1.00 8.72  ? 169  PHE A CD1 1 
ATOM   1012 C  CD2 . PHE A 1 155 ? 0.517   -3.856  -2.160  1.00 10.72 ? 169  PHE A CD2 1 
ATOM   1013 C  CE1 . PHE A 1 155 ? 2.371   -5.915  -2.351  1.00 9.59  ? 169  PHE A CE1 1 
ATOM   1014 C  CE2 . PHE A 1 155 ? 1.326   -4.170  -1.067  1.00 9.75  ? 169  PHE A CE2 1 
ATOM   1015 C  CZ  . PHE A 1 155 ? 2.254   -5.205  -1.164  1.00 9.85  ? 169  PHE A CZ  1 
ATOM   1016 N  N   . TRP A 1 156 ? -1.090  -7.069  -5.834  1.00 11.50 ? 170  TRP A N   1 
ATOM   1017 C  CA  . TRP A 1 156 ? -0.712  -8.450  -6.128  1.00 12.25 ? 170  TRP A CA  1 
ATOM   1018 C  C   . TRP A 1 156 ? 0.705   -8.364  -6.715  1.00 12.30 ? 170  TRP A C   1 
ATOM   1019 O  O   . TRP A 1 156 ? 0.900   -7.846  -7.816  1.00 10.44 ? 170  TRP A O   1 
ATOM   1020 C  CB  . TRP A 1 156 ? -1.677  -9.043  -7.160  1.00 12.21 ? 170  TRP A CB  1 
ATOM   1021 C  CG  . TRP A 1 156 ? -3.086  -9.317  -6.660  1.00 12.36 ? 170  TRP A CG  1 
ATOM   1022 C  CD1 . TRP A 1 156 ? -3.623  -10.538 -6.383  1.00 13.86 ? 170  TRP A CD1 1 
ATOM   1023 C  CD2 . TRP A 1 156 ? -4.141  -8.359  -6.447  1.00 12.69 ? 170  TRP A CD2 1 
ATOM   1024 N  NE1 . TRP A 1 156 ? -4.942  -10.411 -6.016  1.00 15.12 ? 170  TRP A NE1 1 
ATOM   1025 C  CE2 . TRP A 1 156 ? -5.286  -9.088  -6.043  1.00 13.91 ? 170  TRP A CE2 1 
ATOM   1026 C  CE3 . TRP A 1 156 ? -4.228  -6.966  -6.552  1.00 13.57 ? 170  TRP A CE3 1 
ATOM   1027 C  CZ2 . TRP A 1 156 ? -6.509  -8.466  -5.753  1.00 11.83 ? 170  TRP A CZ2 1 
ATOM   1028 C  CZ3 . TRP A 1 156 ? -5.451  -6.346  -6.260  1.00 13.86 ? 170  TRP A CZ3 1 
ATOM   1029 C  CH2 . TRP A 1 156 ? -6.572  -7.102  -5.863  1.00 12.73 ? 170  TRP A CH2 1 
ATOM   1030 N  N   . PRO A 1 157 ? 1.710   -8.870  -5.987  1.00 14.09 ? 171  PRO A N   1 
ATOM   1031 C  CA  . PRO A 1 157 ? 3.109   -8.839  -6.429  1.00 15.92 ? 171  PRO A CA  1 
ATOM   1032 C  C   . PRO A 1 157 ? 3.384   -9.522  -7.757  1.00 17.69 ? 171  PRO A C   1 
ATOM   1033 O  O   . PRO A 1 157 ? 2.909   -10.623 -8.006  1.00 19.21 ? 171  PRO A O   1 
ATOM   1034 C  CB  . PRO A 1 157 ? 3.847   -9.518  -5.279  1.00 15.76 ? 171  PRO A CB  1 
ATOM   1035 C  CG  . PRO A 1 157 ? 2.837   -10.539 -4.822  1.00 17.73 ? 171  PRO A CG  1 
ATOM   1036 C  CD  . PRO A 1 157 ? 1.569   -9.713  -4.784  1.00 15.60 ? 171  PRO A CD  1 
ATOM   1037 N  N   . SER A 1 158 ? 4.165   -8.863  -8.605  1.00 18.78 ? 172  SER A N   1 
ATOM   1038 C  CA  . SER A 1 158 ? 4.511   -9.410  -9.910  1.00 19.91 ? 172  SER A CA  1 
ATOM   1039 C  C   . SER A 1 158 ? 5.424   -10.622 -9.759  1.00 19.81 ? 172  SER A C   1 
ATOM   1040 O  O   . SER A 1 158 ? 6.520   -10.519 -9.214  1.00 19.07 ? 172  SER A O   1 
ATOM   1041 C  CB  . SER A 1 158 ? 5.209   -8.343  -10.755 1.00 20.13 ? 172  SER A CB  1 
ATOM   1042 O  OG  . SER A 1 158 ? 5.666   -8.878  -11.982 1.00 23.85 ? 172  SER A OG  1 
ATOM   1043 N  N   . LEU A 1 159 ? 4.967   -11.775 -10.234 1.00 22.07 ? 173  LEU A N   1 
ATOM   1044 C  CA  . LEU A 1 159 ? 5.760   -12.995 -10.150 1.00 21.82 ? 173  LEU A CA  1 
ATOM   1045 C  C   . LEU A 1 159 ? 6.815   -13.075 -11.253 1.00 22.69 ? 173  LEU A C   1 
ATOM   1046 O  O   . LEU A 1 159 ? 7.449   -14.109 -11.436 1.00 22.82 ? 173  LEU A O   1 
ATOM   1047 C  CB  . LEU A 1 159 ? 4.858   -14.232 -10.207 1.00 22.23 ? 173  LEU A CB  1 
ATOM   1048 C  CG  . LEU A 1 159 ? 4.043   -14.566 -8.952  1.00 22.35 ? 173  LEU A CG  1 
ATOM   1049 C  CD1 . LEU A 1 159 ? 3.182   -15.802 -9.198  1.00 22.50 ? 173  LEU A CD1 1 
ATOM   1050 C  CD2 . LEU A 1 159 ? 4.983   -14.810 -7.793  1.00 25.05 ? 173  LEU A CD2 1 
ATOM   1051 N  N   . GLU A 1 160 ? 6.990   -11.986 -11.993 1.00 22.90 ? 174  GLU A N   1 
ATOM   1052 C  CA  . GLU A 1 160 ? 8.006   -11.937 -13.041 1.00 24.08 ? 174  GLU A CA  1 
ATOM   1053 C  C   . GLU A 1 160 ? 9.194   -11.208 -12.418 1.00 22.91 ? 174  GLU A C   1 
ATOM   1054 O  O   . GLU A 1 160 ? 10.304  -11.226 -12.953 1.00 24.56 ? 174  GLU A O   1 
ATOM   1055 C  CB  . GLU A 1 160 ? 7.510   -11.170 -14.271 1.00 26.48 ? 174  GLU A CB  1 
ATOM   1056 C  CG  . GLU A 1 160 ? 7.586   -11.955 -15.580 1.00 32.62 ? 174  GLU A CG  1 
ATOM   1057 C  CD  . GLU A 1 160 ? 8.981   -12.514 -15.877 1.00 34.56 ? 174  GLU A CD  1 
ATOM   1058 O  OE1 . GLU A 1 160 ? 9.950   -11.726 -15.928 1.00 35.70 ? 174  GLU A OE1 1 
ATOM   1059 O  OE2 . GLU A 1 160 ? 9.113   -13.746 -16.056 1.00 35.87 ? 174  GLU A OE2 1 
ATOM   1060 N  N   . THR A 1 161 ? 8.942   -10.562 -11.279 1.00 19.84 ? 175  THR A N   1 
ATOM   1061 C  CA  . THR A 1 161 ? 9.981   -9.843  -10.546 1.00 16.78 ? 175  THR A CA  1 
ATOM   1062 C  C   . THR A 1 161 ? 10.407  -10.660 -9.326  1.00 16.60 ? 175  THR A C   1 
ATOM   1063 O  O   . THR A 1 161 ? 11.596  -10.919 -9.120  1.00 14.86 ? 175  THR A O   1 
ATOM   1064 C  CB  . THR A 1 161 ? 9.487   -8.464  -10.039 1.00 16.62 ? 175  THR A CB  1 
ATOM   1065 O  OG1 . THR A 1 161 ? 9.222   -7.600  -11.150 1.00 17.18 ? 175  THR A OG1 1 
ATOM   1066 C  CG2 . THR A 1 161 ? 10.541  -7.818  -9.143  1.00 13.96 ? 175  THR A CG2 1 
ATOM   1067 N  N   . PHE A 1 162 ? 9.425   -11.073 -8.527  1.00 15.99 ? 176  PHE A N   1 
ATOM   1068 C  CA  . PHE A 1 162 ? 9.685   -11.830 -7.303  1.00 16.57 ? 176  PHE A CA  1 
ATOM   1069 C  C   . PHE A 1 162 ? 9.741   -13.349 -7.480  1.00 17.81 ? 176  PHE A C   1 
ATOM   1070 O  O   . PHE A 1 162 ? 8.812   -13.962 -8.010  1.00 18.50 ? 176  PHE A O   1 
ATOM   1071 C  CB  . PHE A 1 162 ? 8.643   -11.455 -6.244  1.00 15.85 ? 176  PHE A CB  1 
ATOM   1072 C  CG  . PHE A 1 162 ? 8.630   -9.989  -5.906  1.00 13.50 ? 176  PHE A CG  1 
ATOM   1073 C  CD1 . PHE A 1 162 ? 7.719   -9.129  -6.508  1.00 13.15 ? 176  PHE A CD1 1 
ATOM   1074 C  CD2 . PHE A 1 162 ? 9.556   -9.461  -5.008  1.00 13.48 ? 176  PHE A CD2 1 
ATOM   1075 C  CE1 . PHE A 1 162 ? 7.729   -7.760  -6.222  1.00 10.35 ? 176  PHE A CE1 1 
ATOM   1076 C  CE2 . PHE A 1 162 ? 9.573   -8.092  -4.717  1.00 12.47 ? 176  PHE A CE2 1 
ATOM   1077 C  CZ  . PHE A 1 162 ? 8.659   -7.246  -5.327  1.00 9.61  ? 176  PHE A CZ  1 
ATOM   1078 N  N   . THR A 1 163 ? 10.838  -13.945 -7.013  1.00 18.55 ? 177  THR A N   1 
ATOM   1079 C  CA  . THR A 1 163 ? 11.059  -15.384 -7.124  1.00 19.15 ? 177  THR A CA  1 
ATOM   1080 C  C   . THR A 1 163 ? 11.337  -16.080 -5.791  1.00 19.48 ? 177  THR A C   1 
ATOM   1081 O  O   . THR A 1 163 ? 11.597  -15.426 -4.774  1.00 19.93 ? 177  THR A O   1 
ATOM   1082 C  CB  . THR A 1 163 ? 12.230  -15.671 -8.086  1.00 18.04 ? 177  THR A CB  1 
ATOM   1083 O  OG1 . THR A 1 163 ? 13.397  -14.950 -7.657  1.00 18.16 ? 177  THR A OG1 1 
ATOM   1084 C  CG2 . THR A 1 163 ? 11.868  -15.235 -9.502  1.00 18.32 ? 177  THR A CG2 1 
ATOM   1085 N  N   . ASN A 1 164 ? 11.271  -17.413 -5.807  1.00 20.30 ? 178  ASN A N   1 
ATOM   1086 C  CA  . ASN A 1 164 ? 11.521  -18.227 -4.619  1.00 20.27 ? 178  ASN A CA  1 
ATOM   1087 C  C   . ASN A 1 164 ? 10.491  -17.945 -3.524  1.00 20.52 ? 178  ASN A C   1 
ATOM   1088 O  O   . ASN A 1 164 ? 9.484   -18.648 -3.414  1.00 19.66 ? 178  ASN A O   1 
ATOM   1089 C  CB  . ASN A 1 164 ? 12.932  -17.957 -4.095  1.00 21.77 ? 178  ASN A CB  1 
ATOM   1090 C  CG  . ASN A 1 164 ? 13.303  -18.851 -2.936  1.00 22.73 ? 178  ASN A CG  1 
ATOM   1091 O  OD1 . ASN A 1 164 ? 14.243  -18.564 -2.202  1.00 25.12 ? 178  ASN A OD1 1 
ATOM   1092 N  ND2 . ASN A 1 164 ? 12.576  -19.951 -2.773  1.00 24.13 ? 178  ASN A ND2 1 
ATOM   1093 N  N   . VAL A 1 165 ? 10.751  -16.933 -2.698  1.00 19.94 ? 179  VAL A N   1 
ATOM   1094 C  CA  . VAL A 1 165 ? 9.806   -16.569 -1.649  1.00 20.04 ? 179  VAL A CA  1 
ATOM   1095 C  C   . VAL A 1 165 ? 8.805   -15.646 -2.328  1.00 20.83 ? 179  VAL A C   1 
ATOM   1096 O  O   . VAL A 1 165 ? 9.107   -14.477 -2.596  1.00 21.40 ? 179  VAL A O   1 
ATOM   1097 C  CB  . VAL A 1 165 ? 10.479  -15.809 -0.495  1.00 18.48 ? 179  VAL A CB  1 
ATOM   1098 C  CG1 . VAL A 1 165 ? 9.455   -15.522 0.594   1.00 19.37 ? 179  VAL A CG1 1 
ATOM   1099 C  CG2 . VAL A 1 165 ? 11.629  -16.627 0.067   1.00 18.29 ? 179  VAL A CG2 1 
ATOM   1100 N  N   . THR A 1 166 ? 7.622   -16.182 -2.621  1.00 19.97 ? 180  THR A N   1 
ATOM   1101 C  CA  . THR A 1 166 ? 6.594   -15.420 -3.307  1.00 20.04 ? 180  THR A CA  1 
ATOM   1102 C  C   . THR A 1 166 ? 5.322   -15.262 -2.490  1.00 20.06 ? 180  THR A C   1 
ATOM   1103 O  O   . THR A 1 166 ? 4.368   -14.631 -2.940  1.00 20.99 ? 180  THR A O   1 
ATOM   1104 C  CB  . THR A 1 166 ? 6.246   -16.077 -4.664  1.00 20.25 ? 180  THR A CB  1 
ATOM   1105 O  OG1 . THR A 1 166 ? 5.718   -17.395 -4.447  1.00 22.94 ? 180  THR A OG1 1 
ATOM   1106 C  CG2 . THR A 1 166 ? 7.490   -16.181 -5.540  1.00 20.96 ? 180  THR A CG2 1 
ATOM   1107 N  N   . GLU A 1 167 ? 5.308   -15.831 -1.289  1.00 20.72 ? 181  GLU A N   1 
ATOM   1108 C  CA  . GLU A 1 167 ? 4.137   -15.731 -0.427  1.00 20.74 ? 181  GLU A CA  1 
ATOM   1109 C  C   . GLU A 1 167 ? 4.446   -14.995 0.870   1.00 20.44 ? 181  GLU A C   1 
ATOM   1110 O  O   . GLU A 1 167 ? 5.447   -15.267 1.540   1.00 19.54 ? 181  GLU A O   1 
ATOM   1111 C  CB  . GLU A 1 167 ? 3.574   -17.122 -0.127  1.00 22.92 ? 181  GLU A CB  1 
ATOM   1112 C  CG  . GLU A 1 167 ? 3.214   -17.900 -1.382  1.00 25.17 ? 181  GLU A CG  1 
ATOM   1113 C  CD  . GLU A 1 167 ? 2.210   -19.000 -1.120  1.00 26.33 ? 181  GLU A CD  1 
ATOM   1114 O  OE1 . GLU A 1 167 ? 2.362   -19.718 -0.116  1.00 28.59 ? 181  GLU A OE1 1 
ATOM   1115 O  OE2 . GLU A 1 167 ? 1.268   -19.154 -1.922  1.00 29.76 ? 181  GLU A OE2 1 
ATOM   1116 N  N   . PHE A 1 168 ? 3.574   -14.045 1.199   1.00 19.86 ? 182  PHE A N   1 
ATOM   1117 C  CA  . PHE A 1 168 ? 3.699   -13.217 2.394   1.00 19.36 ? 182  PHE A CA  1 
ATOM   1118 C  C   . PHE A 1 168 ? 3.660   -14.009 3.693   1.00 20.37 ? 182  PHE A C   1 
ATOM   1119 O  O   . PHE A 1 168 ? 2.775   -14.839 3.902   1.00 20.40 ? 182  PHE A O   1 
ATOM   1120 C  CB  . PHE A 1 168 ? 2.592   -12.159 2.394   1.00 18.20 ? 182  PHE A CB  1 
ATOM   1121 C  CG  . PHE A 1 168 ? 2.685   -11.199 1.246   1.00 16.77 ? 182  PHE A CG  1 
ATOM   1122 C  CD1 . PHE A 1 168 ? 3.610   -10.158 1.268   1.00 14.61 ? 182  PHE A CD1 1 
ATOM   1123 C  CD2 . PHE A 1 168 ? 1.881   -11.356 0.120   1.00 14.67 ? 182  PHE A CD2 1 
ATOM   1124 C  CE1 . PHE A 1 168 ? 3.734   -9.294  0.184   1.00 14.12 ? 182  PHE A CE1 1 
ATOM   1125 C  CE2 . PHE A 1 168 ? 2.000   -10.499 -0.963  1.00 14.33 ? 182  PHE A CE2 1 
ATOM   1126 C  CZ  . PHE A 1 168 ? 2.927   -9.465  -0.934  1.00 14.68 ? 182  PHE A CZ  1 
ATOM   1127 N  N   . GLU A 1 169 ? 4.631   -13.728 4.559   1.00 21.17 ? 183  GLU A N   1 
ATOM   1128 C  CA  . GLU A 1 169 ? 4.755   -14.374 5.859   1.00 20.76 ? 183  GLU A CA  1 
ATOM   1129 C  C   . GLU A 1 169 ? 4.267   -13.428 6.955   1.00 18.77 ? 183  GLU A C   1 
ATOM   1130 O  O   . GLU A 1 169 ? 4.802   -12.336 7.135   1.00 17.07 ? 183  GLU A O   1 
ATOM   1131 C  CB  . GLU A 1 169 ? 6.216   -14.750 6.121   1.00 23.24 ? 183  GLU A CB  1 
ATOM   1132 C  CG  . GLU A 1 169 ? 6.406   -15.653 7.311   1.00 27.75 ? 183  GLU A CG  1 
ATOM   1133 C  CD  . GLU A 1 169 ? 7.863   -15.855 7.660   1.00 29.67 ? 183  GLU A CD  1 
ATOM   1134 O  OE1 . GLU A 1 169 ? 8.667   -16.084 6.733   1.00 31.30 ? 183  GLU A OE1 1 
ATOM   1135 O  OE2 . GLU A 1 169 ? 8.205   -15.791 8.860   1.00 31.64 ? 183  GLU A OE2 1 
ATOM   1136 N  N   . TYR A 1 170 ? 3.255   -13.869 7.693   1.00 17.64 ? 184  TYR A N   1 
ATOM   1137 C  CA  . TYR A 1 170 ? 2.658   -13.077 8.765   1.00 17.23 ? 184  TYR A CA  1 
ATOM   1138 C  C   . TYR A 1 170 ? 3.615   -12.563 9.849   1.00 17.32 ? 184  TYR A C   1 
ATOM   1139 O  O   . TYR A 1 170 ? 3.521   -11.399 10.250  1.00 17.28 ? 184  TYR A O   1 
ATOM   1140 C  CB  . TYR A 1 170 ? 1.520   -13.888 9.412   1.00 15.95 ? 184  TYR A CB  1 
ATOM   1141 C  CG  . TYR A 1 170 ? 0.621   -13.114 10.355  1.00 12.86 ? 184  TYR A CG  1 
ATOM   1142 C  CD1 . TYR A 1 170 ? 0.998   -12.870 11.671  1.00 12.32 ? 184  TYR A CD1 1 
ATOM   1143 C  CD2 . TYR A 1 170 ? -0.629  -12.649 9.933   1.00 12.99 ? 184  TYR A CD2 1 
ATOM   1144 C  CE1 . TYR A 1 170 ? 0.153   -12.187 12.548  1.00 11.19 ? 184  TYR A CE1 1 
ATOM   1145 C  CE2 . TYR A 1 170 ? -1.474  -11.966 10.798  1.00 11.53 ? 184  TYR A CE2 1 
ATOM   1146 C  CZ  . TYR A 1 170 ? -1.078  -11.739 12.104  1.00 11.19 ? 184  TYR A CZ  1 
ATOM   1147 O  OH  . TYR A 1 170 ? -1.916  -11.065 12.968  1.00 14.04 ? 184  TYR A OH  1 
ATOM   1148 N  N   . GLU A 1 171 ? 4.533   -13.409 10.318  1.00 17.67 ? 185  GLU A N   1 
ATOM   1149 C  CA  . GLU A 1 171 ? 5.469   -13.020 11.384  1.00 17.97 ? 185  GLU A CA  1 
ATOM   1150 C  C   . GLU A 1 171 ? 6.377   -11.859 11.026  1.00 15.91 ? 185  GLU A C   1 
ATOM   1151 O  O   . GLU A 1 171 ? 6.733   -11.049 11.884  1.00 15.27 ? 185  GLU A O   1 
ATOM   1152 C  CB  . GLU A 1 171 ? 6.350   -14.198 11.784  1.00 20.04 ? 185  GLU A CB  1 
ATOM   1153 C  CG  . GLU A 1 171 ? 5.621   -15.463 11.911  1.00 24.08 ? 185  GLU A CG  1 
ATOM   1154 C  CD  . GLU A 1 171 ? 6.553   -16.647 11.843  1.00 25.28 ? 185  GLU A CD  1 
ATOM   1155 O  OE1 . GLU A 1 171 ? 6.153   -17.668 11.247  1.00 26.25 ? 185  GLU A OE1 1 
ATOM   1156 O  OE2 . GLU A 1 171 ? 7.678   -16.549 12.390  1.00 22.75 ? 185  GLU A OE2 1 
ATOM   1157 N  N   . ILE A 1 172 ? 6.791   -11.803 9.770   1.00 15.58 ? 186  ILE A N   1 
ATOM   1158 C  CA  . ILE A 1 172 ? 7.650   -10.721 9.329   1.00 15.30 ? 186  ILE A CA  1 
ATOM   1159 C  C   . ILE A 1 172 ? 6.849   -9.418  9.408   1.00 14.54 ? 186  ILE A C   1 
ATOM   1160 O  O   . ILE A 1 172 ? 7.340   -8.406  9.907   1.00 14.47 ? 186  ILE A O   1 
ATOM   1161 C  CB  . ILE A 1 172 ? 8.163   -10.992 7.898   1.00 15.85 ? 186  ILE A CB  1 
ATOM   1162 C  CG1 . ILE A 1 172 ? 9.189   -12.133 7.950   1.00 15.09 ? 186  ILE A CG1 1 
ATOM   1163 C  CG2 . ILE A 1 172 ? 8.765   -9.725  7.295   1.00 15.73 ? 186  ILE A CG2 1 
ATOM   1164 C  CD1 . ILE A 1 172 ? 9.757   -12.524 6.608   1.00 15.96 ? 186  ILE A CD1 1 
ATOM   1165 N  N   . LEU A 1 173 ? 5.606   -9.458  8.942   1.00 14.20 ? 187  LEU A N   1 
ATOM   1166 C  CA  . LEU A 1 173 ? 4.731   -8.292  8.993   1.00 15.19 ? 187  LEU A CA  1 
ATOM   1167 C  C   . LEU A 1 173 ? 4.439   -7.884  10.441  1.00 15.68 ? 187  LEU A C   1 
ATOM   1168 O  O   . LEU A 1 173 ? 4.524   -6.707  10.790  1.00 15.15 ? 187  LEU A O   1 
ATOM   1169 C  CB  . LEU A 1 173 ? 3.421   -8.586  8.247   1.00 15.62 ? 187  LEU A CB  1 
ATOM   1170 C  CG  . LEU A 1 173 ? 3.296   -8.055  6.809   1.00 15.62 ? 187  LEU A CG  1 
ATOM   1171 C  CD1 . LEU A 1 173 ? 4.599   -8.243  6.052   1.00 15.10 ? 187  LEU A CD1 1 
ATOM   1172 C  CD2 . LEU A 1 173 ? 2.146   -8.751  6.100   1.00 14.39 ? 187  LEU A CD2 1 
ATOM   1173 N  N   . ALA A 1 174 ? 4.103   -8.859  11.283  1.00 14.77 ? 188  ALA A N   1 
ATOM   1174 C  CA  . ALA A 1 174 ? 3.806   -8.593  12.694  1.00 14.44 ? 188  ALA A CA  1 
ATOM   1175 C  C   . ALA A 1 174 ? 4.986   -7.950  13.445  1.00 12.80 ? 188  ALA A C   1 
ATOM   1176 O  O   . ALA A 1 174 ? 4.796   -7.067  14.275  1.00 11.22 ? 188  ALA A O   1 
ATOM   1177 C  CB  . ALA A 1 174 ? 3.395   -9.890  13.386  1.00 13.86 ? 188  ALA A CB  1 
ATOM   1178 N  N   . LYS A 1 175 ? 6.198   -8.403  13.149  1.00 12.94 ? 189  LYS A N   1 
ATOM   1179 C  CA  . LYS A 1 175 ? 7.412   -7.887  13.786  1.00 15.27 ? 189  LYS A CA  1 
ATOM   1180 C  C   . LYS A 1 175 ? 7.653   -6.391  13.539  1.00 15.60 ? 189  LYS A C   1 
ATOM   1181 O  O   . LYS A 1 175 ? 7.955   -5.644  14.469  1.00 15.71 ? 189  LYS A O   1 
ATOM   1182 C  CB  . LYS A 1 175 ? 8.620   -8.697  13.298  1.00 15.66 ? 189  LYS A CB  1 
ATOM   1183 C  CG  . LYS A 1 175 ? 9.975   -8.186  13.746  1.00 18.49 ? 189  LYS A CG  1 
ATOM   1184 C  CD  . LYS A 1 175 ? 11.065  -9.101  13.262  1.00 20.86 ? 189  LYS A CD  1 
ATOM   1185 C  CE  . LYS A 1 175 ? 12.429  -8.480  13.405  1.00 22.50 ? 189  LYS A CE  1 
ATOM   1186 N  NZ  . LYS A 1 175 ? 12.742  -8.093  14.803  1.00 24.59 ? 189  LYS A NZ  1 
ATOM   1187 N  N   . ARG A 1 176 ? 7.526   -5.953  12.289  1.00 16.80 ? 190  ARG A N   1 
ATOM   1188 C  CA  . ARG A 1 176 ? 7.735   -4.547  11.959  1.00 16.73 ? 190  ARG A CA  1 
ATOM   1189 C  C   . ARG A 1 176 ? 6.554   -3.681  12.392  1.00 16.52 ? 190  ARG A C   1 
ATOM   1190 O  O   . ARG A 1 176 ? 6.741   -2.564  12.881  1.00 15.51 ? 190  ARG A O   1 
ATOM   1191 C  CB  . ARG A 1 176 ? 7.978   -4.391  10.457  1.00 18.14 ? 190  ARG A CB  1 
ATOM   1192 C  CG  . ARG A 1 176 ? 8.237   -2.965  10.006  1.00 20.83 ? 190  ARG A CG  1 
ATOM   1193 C  CD  . ARG A 1 176 ? 9.412   -2.351  10.731  1.00 22.76 ? 190  ARG A CD  1 
ATOM   1194 N  NE  . ARG A 1 176 ? 9.650   -0.969  10.321  1.00 25.56 ? 190  ARG A NE  1 
ATOM   1195 C  CZ  . ARG A 1 176 ? 10.463  -0.130  10.958  1.00 26.43 ? 190  ARG A CZ  1 
ATOM   1196 N  NH1 . ARG A 1 176 ? 11.117  -0.530  12.042  1.00 27.36 ? 190  ARG A NH1 1 
ATOM   1197 N  NH2 . ARG A 1 176 ? 10.624  1.111   10.512  1.00 26.41 ? 190  ARG A NH2 1 
ATOM   1198 N  N   . LEU A 1 177 ? 5.337   -4.200  12.226  1.00 16.41 ? 191  LEU A N   1 
ATOM   1199 C  CA  . LEU A 1 177 ? 4.142   -3.456  12.616  1.00 16.32 ? 191  LEU A CA  1 
ATOM   1200 C  C   . LEU A 1 177 ? 4.115   -3.142  14.104  1.00 17.18 ? 191  LEU A C   1 
ATOM   1201 O  O   . LEU A 1 177 ? 3.496   -2.160  14.519  1.00 17.06 ? 191  LEU A O   1 
ATOM   1202 C  CB  . LEU A 1 177 ? 2.868   -4.216  12.226  1.00 16.43 ? 191  LEU A CB  1 
ATOM   1203 C  CG  . LEU A 1 177 ? 2.526   -4.210  10.728  1.00 17.46 ? 191  LEU A CG  1 
ATOM   1204 C  CD1 . LEU A 1 177 ? 1.146   -4.826  10.500  1.00 15.21 ? 191  LEU A CD1 1 
ATOM   1205 C  CD2 . LEU A 1 177 ? 2.542   -2.777  10.210  1.00 15.97 ? 191  LEU A CD2 1 
ATOM   1206 N  N   . ARG A 1 178 ? 4.777   -3.975  14.906  1.00 18.18 ? 192  ARG A N   1 
ATOM   1207 C  CA  . ARG A 1 178 ? 4.836   -3.756  16.349  1.00 19.50 ? 192  ARG A CA  1 
ATOM   1208 C  C   . ARG A 1 178 ? 5.828   -2.639  16.657  1.00 20.57 ? 192  ARG A C   1 
ATOM   1209 O  O   . ARG A 1 178 ? 5.555   -1.762  17.473  1.00 20.39 ? 192  ARG A O   1 
ATOM   1210 C  CB  . ARG A 1 178 ? 5.261   -5.027  17.090  1.00 21.59 ? 192  ARG A CB  1 
ATOM   1211 C  CG  . ARG A 1 178 ? 5.402   -4.812  18.584  1.00 22.99 ? 192  ARG A CG  1 
ATOM   1212 C  CD  . ARG A 1 178 ? 5.886   -6.038  19.340  1.00 25.64 ? 192  ARG A CD  1 
ATOM   1213 N  NE  . ARG A 1 178 ? 4.922   -7.135  19.342  1.00 26.42 ? 192  ARG A NE  1 
ATOM   1214 C  CZ  . ARG A 1 178 ? 4.866   -8.083  18.411  1.00 28.40 ? 192  ARG A CZ  1 
ATOM   1215 N  NH1 . ARG A 1 178 ? 5.724   -8.074  17.396  1.00 26.70 ? 192  ARG A NH1 1 
ATOM   1216 N  NH2 . ARG A 1 178 ? 3.948   -9.045  18.496  1.00 28.54 ? 192  ARG A NH2 1 
ATOM   1217 N  N   . GLU A 1 179 ? 6.986   -2.679  16.010  1.00 21.95 ? 193  GLU A N   1 
ATOM   1218 C  CA  . GLU A 1 179 ? 7.995   -1.645  16.214  1.00 22.36 ? 193  GLU A CA  1 
ATOM   1219 C  C   . GLU A 1 179 ? 7.429   -0.282  15.795  1.00 22.28 ? 193  GLU A C   1 
ATOM   1220 O  O   . GLU A 1 179 ? 7.689   0.732   16.442  1.00 21.37 ? 193  GLU A O   1 
ATOM   1221 C  CB  . GLU A 1 179 ? 9.247   -1.972  15.399  1.00 22.41 ? 193  GLU A CB  1 
ATOM   1222 C  CG  . GLU A 1 179 ? 9.974   -3.214  15.863  1.00 23.57 ? 193  GLU A CG  1 
ATOM   1223 C  CD  . GLU A 1 179 ? 10.877  -3.791  14.789  1.00 25.95 ? 193  GLU A CD  1 
ATOM   1224 O  OE1 . GLU A 1 179 ? 11.635  -4.746  15.079  1.00 25.75 ? 193  GLU A OE1 1 
ATOM   1225 O  OE2 . GLU A 1 179 ? 10.820  -3.292  13.647  1.00 26.73 ? 193  GLU A OE2 1 
ATOM   1226 N  N   . LEU A 1 180 ? 6.652   -0.268  14.711  1.00 23.02 ? 194  LEU A N   1 
ATOM   1227 C  CA  . LEU A 1 180 ? 6.041   0.965   14.215  1.00 22.82 ? 194  LEU A CA  1 
ATOM   1228 C  C   . LEU A 1 180 ? 4.993   1.483   15.193  1.00 23.78 ? 194  LEU A C   1 
ATOM   1229 O  O   . LEU A 1 180 ? 4.763   2.690   15.288  1.00 24.65 ? 194  LEU A O   1 
ATOM   1230 C  CB  . LEU A 1 180 ? 5.377   0.736   12.850  1.00 22.31 ? 194  LEU A CB  1 
ATOM   1231 C  CG  . LEU A 1 180 ? 6.235   0.616   11.590  1.00 21.47 ? 194  LEU A CG  1 
ATOM   1232 C  CD1 . LEU A 1 180 ? 5.338   0.284   10.397  1.00 21.12 ? 194  LEU A CD1 1 
ATOM   1233 C  CD2 . LEU A 1 180 ? 6.976   1.919   11.344  1.00 20.62 ? 194  LEU A CD2 1 
ATOM   1234 N  N   . SER A 1 181 ? 4.352   0.565   15.911  1.00 22.75 ? 195  SER A N   1 
ATOM   1235 C  CA  . SER A 1 181 ? 3.334   0.933   16.888  1.00 24.04 ? 195  SER A CA  1 
ATOM   1236 C  C   . SER A 1 181 ? 3.975   1.651   18.067  1.00 25.33 ? 195  SER A C   1 
ATOM   1237 O  O   . SER A 1 181 ? 3.468   2.664   18.545  1.00 26.47 ? 195  SER A O   1 
ATOM   1238 C  CB  . SER A 1 181 ? 2.603   -0.313  17.392  1.00 23.53 ? 195  SER A CB  1 
ATOM   1239 O  OG  . SER A 1 181 ? 1.588   0.041   18.321  1.00 26.61 ? 195  SER A OG  1 
ATOM   1240 N  N   . PHE A 1 182 ? 5.092   1.116   18.538  1.00 26.69 ? 196  PHE A N   1 
ATOM   1241 C  CA  . PHE A 1 182 ? 5.805   1.707   19.663  1.00 28.02 ? 196  PHE A CA  1 
ATOM   1242 C  C   . PHE A 1 182 ? 6.407   3.071   19.323  1.00 29.07 ? 196  PHE A C   1 
ATOM   1243 O  O   . PHE A 1 182 ? 6.527   3.932   20.191  1.00 31.04 ? 196  PHE A O   1 
ATOM   1244 C  CB  . PHE A 1 182 ? 6.895   0.743   20.148  1.00 28.70 ? 196  PHE A CB  1 
ATOM   1245 C  CG  . PHE A 1 182 ? 8.049   1.416   20.841  1.00 30.68 ? 196  PHE A CG  1 
ATOM   1246 C  CD1 . PHE A 1 182 ? 9.258   1.605   20.175  1.00 31.07 ? 196  PHE A CD1 1 
ATOM   1247 C  CD2 . PHE A 1 182 ? 7.932   1.858   22.155  1.00 31.69 ? 196  PHE A CD2 1 
ATOM   1248 C  CE1 . PHE A 1 182 ? 10.337  2.222   20.808  1.00 31.68 ? 196  PHE A CE1 1 
ATOM   1249 C  CE2 . PHE A 1 182 ? 9.008   2.480   22.798  1.00 32.35 ? 196  PHE A CE2 1 
ATOM   1250 C  CZ  . PHE A 1 182 ? 10.211  2.660   22.122  1.00 31.43 ? 196  PHE A CZ  1 
ATOM   1251 N  N   . LEU A 1 183 ? 6.776   3.271   18.062  1.00 29.30 ? 197  LEU A N   1 
ATOM   1252 C  CA  . LEU A 1 183 ? 7.357   4.538   17.635  1.00 28.56 ? 197  LEU A CA  1 
ATOM   1253 C  C   . LEU A 1 183 ? 6.294   5.574   17.289  1.00 28.70 ? 197  LEU A C   1 
ATOM   1254 O  O   . LEU A 1 183 ? 6.611   6.743   17.058  1.00 29.48 ? 197  LEU A O   1 
ATOM   1255 C  CB  . LEU A 1 183 ? 8.282   4.319   16.436  1.00 28.42 ? 197  LEU A CB  1 
ATOM   1256 C  CG  . LEU A 1 183 ? 9.567   3.540   16.736  1.00 29.26 ? 197  LEU A CG  1 
ATOM   1257 C  CD1 . LEU A 1 183 ? 10.362  3.347   15.455  1.00 28.83 ? 197  LEU A CD1 1 
ATOM   1258 C  CD2 . LEU A 1 183 ? 10.391  4.293   17.777  1.00 29.67 ? 197  LEU A CD2 1 
ATOM   1259 N  N   . ASN A 1 184 ? 5.035   5.147   17.254  1.00 27.54 ? 198  ASN A N   1 
ATOM   1260 C  CA  . ASN A 1 184 ? 3.933   6.055   16.948  1.00 27.27 ? 198  ASN A CA  1 
ATOM   1261 C  C   . ASN A 1 184 ? 2.790   5.877   17.934  1.00 27.44 ? 198  ASN A C   1 
ATOM   1262 O  O   . ASN A 1 184 ? 1.665   5.558   17.544  1.00 27.14 ? 198  ASN A O   1 
ATOM   1263 C  CB  . ASN A 1 184 ? 3.408   5.825   15.527  1.00 26.28 ? 198  ASN A CB  1 
ATOM   1264 C  CG  . ASN A 1 184 ? 4.469   6.019   14.478  1.00 24.27 ? 198  ASN A CG  1 
ATOM   1265 O  OD1 . ASN A 1 184 ? 5.323   5.126   14.331  1.00 25.23 ? 198  ASN A OD1 1 
ATOM   1266 N  ND2 . ASN A 1 184 ? 4.458   7.063   13.802  1.00 26.26 ? 198  ASN A ND2 1 
ATOM   1267 N  N   . SER A 1 185 ? 3.085   6.068   19.217  1.00 28.01 ? 199  SER A N   1 
ATOM   1268 C  CA  . SER A 1 185 ? 2.068   5.935   20.252  1.00 29.03 ? 199  SER A CA  1 
ATOM   1269 C  C   . SER A 1 185 ? 0.851   6.764   19.848  1.00 29.29 ? 199  SER A C   1 
ATOM   1270 O  O   . SER A 1 185 ? 0.984   7.924   19.455  1.00 29.83 ? 199  SER A O   1 
ATOM   1271 C  CB  . SER A 1 185 ? 2.617   6.428   21.593  1.00 29.50 ? 199  SER A CB  1 
ATOM   1272 O  OG  . SER A 1 185 ? 3.801   5.726   21.939  1.00 32.52 ? 199  SER A OG  1 
ATOM   1273 N  N   . GLY A 1 186 ? -0.332  6.166   19.932  1.00 29.22 ? 200  GLY A N   1 
ATOM   1274 C  CA  . GLY A 1 186 ? -1.536  6.881   19.558  1.00 29.74 ? 200  GLY A CA  1 
ATOM   1275 C  C   . GLY A 1 186 ? -2.237  6.290   18.348  1.00 30.08 ? 200  GLY A C   1 
ATOM   1276 O  O   . GLY A 1 186 ? -3.470  6.270   18.288  1.00 31.09 ? 200  GLY A O   1 
ATOM   1277 N  N   . VAL A 1 187 ? -1.463  5.810   17.375  1.00 28.82 ? 201  VAL A N   1 
ATOM   1278 C  CA  . VAL A 1 187 ? -2.052  5.223   16.178  1.00 26.87 ? 201  VAL A CA  1 
ATOM   1279 C  C   . VAL A 1 187 ? -2.321  3.732   16.355  1.00 24.88 ? 201  VAL A C   1 
ATOM   1280 O  O   . VAL A 1 187 ? -1.449  2.966   16.770  1.00 24.70 ? 201  VAL A O   1 
ATOM   1281 C  CB  . VAL A 1 187 ? -1.154  5.432   14.930  1.00 27.83 ? 201  VAL A CB  1 
ATOM   1282 C  CG1 . VAL A 1 187 ? 0.187   4.758   15.123  1.00 27.91 ? 201  VAL A CG1 1 
ATOM   1283 C  CG2 . VAL A 1 187 ? -1.842  4.873   13.701  1.00 27.48 ? 201  VAL A CG2 1 
ATOM   1284 N  N   . SER A 1 188 ? -3.548  3.336   16.045  1.00 22.82 ? 202  SER A N   1 
ATOM   1285 C  CA  . SER A 1 188 ? -3.965  1.947   16.145  1.00 21.45 ? 202  SER A CA  1 
ATOM   1286 C  C   . SER A 1 188 ? -3.591  1.185   14.863  1.00 19.76 ? 202  SER A C   1 
ATOM   1287 O  O   . SER A 1 188 ? -3.854  1.659   13.757  1.00 19.37 ? 202  SER A O   1 
ATOM   1288 C  CB  . SER A 1 188 ? -5.477  1.891   16.370  1.00 20.80 ? 202  SER A CB  1 
ATOM   1289 O  OG  . SER A 1 188 ? -5.939  0.555   16.450  1.00 21.92 ? 202  SER A OG  1 
ATOM   1290 N  N   . ILE A 1 189 ? -2.964  0.021   15.018  1.00 18.02 ? 203  ILE A N   1 
ATOM   1291 C  CA  . ILE A 1 189 ? -2.577  -0.806  13.874  1.00 17.86 ? 203  ILE A CA  1 
ATOM   1292 C  C   . ILE A 1 189 ? -3.073  -2.239  14.048  1.00 16.83 ? 203  ILE A C   1 
ATOM   1293 O  O   . ILE A 1 189 ? -2.752  -2.905  15.036  1.00 14.99 ? 203  ILE A O   1 
ATOM   1294 C  CB  . ILE A 1 189 ? -1.039  -0.879  13.672  1.00 17.08 ? 203  ILE A CB  1 
ATOM   1295 C  CG1 . ILE A 1 189 ? -0.435  0.523   13.631  1.00 16.40 ? 203  ILE A CG1 1 
ATOM   1296 C  CG2 . ILE A 1 189 ? -0.729  -1.601  12.370  1.00 15.93 ? 203  ILE A CG2 1 
ATOM   1297 C  CD1 . ILE A 1 189 ? 1.057   0.523   13.426  1.00 16.45 ? 203  ILE A CD1 1 
ATOM   1298 N  N   . ARG A 1 190 ? -3.846  -2.708  13.074  1.00 17.12 ? 204  ARG A N   1 
ATOM   1299 C  CA  . ARG A 1 190 ? -4.395  -4.060  13.095  1.00 18.11 ? 204  ARG A CA  1 
ATOM   1300 C  C   . ARG A 1 190 ? -3.841  -4.911  11.948  1.00 16.71 ? 204  ARG A C   1 
ATOM   1301 O  O   . ARG A 1 190 ? -3.681  -4.428  10.820  1.00 17.24 ? 204  ARG A O   1 
ATOM   1302 C  CB  . ARG A 1 190 ? -5.924  -3.998  13.003  1.00 19.14 ? 204  ARG A CB  1 
ATOM   1303 C  CG  . ARG A 1 190 ? -6.604  -3.326  14.185  1.00 20.77 ? 204  ARG A CG  1 
ATOM   1304 C  CD  . ARG A 1 190 ? -8.092  -3.294  13.987  1.00 20.75 ? 204  ARG A CD  1 
ATOM   1305 N  NE  . ARG A 1 190 ? -8.822  -2.732  15.122  1.00 23.73 ? 204  ARG A NE  1 
ATOM   1306 C  CZ  . ARG A 1 190 ? -8.988  -3.347  16.290  1.00 25.82 ? 204  ARG A CZ  1 
ATOM   1307 N  NH1 . ARG A 1 190 ? -9.672  -2.756  17.261  1.00 26.21 ? 204  ARG A NH1 1 
ATOM   1308 N  NH2 . ARG A 1 190 ? -8.472  -4.554  16.492  1.00 26.59 ? 204  ARG A NH2 1 
ATOM   1309 N  N   . LEU A 1 191 ? -3.544  -6.172  12.250  1.00 15.33 ? 205  LEU A N   1 
ATOM   1310 C  CA  . LEU A 1 191 ? -3.015  -7.126  11.274  1.00 13.89 ? 205  LEU A CA  1 
ATOM   1311 C  C   . LEU A 1 191 ? -4.008  -8.289  11.184  1.00 14.35 ? 205  LEU A C   1 
ATOM   1312 O  O   . LEU A 1 191 ? -4.425  -8.833  12.206  1.00 13.08 ? 205  LEU A O   1 
ATOM   1313 C  CB  . LEU A 1 191 ? -1.670  -7.684  11.737  1.00 11.65 ? 205  LEU A CB  1 
ATOM   1314 C  CG  . LEU A 1 191 ? -0.457  -7.812  10.807  1.00 12.96 ? 205  LEU A CG  1 
ATOM   1315 C  CD1 . LEU A 1 191 ? 0.481   -8.864  11.391  1.00 10.59 ? 205  LEU A CD1 1 
ATOM   1316 C  CD2 . LEU A 1 191 ? -0.861  -8.182  9.386   1.00 9.70  ? 205  LEU A CD2 1 
ATOM   1317 N  N   . ARG A 1 192 ? -4.363  -8.676  9.965   1.00 14.98 ? 206  ARG A N   1 
ATOM   1318 C  CA  . ARG A 1 192 ? -5.303  -9.769  9.750   1.00 16.16 ? 206  ARG A CA  1 
ATOM   1319 C  C   . ARG A 1 192 ? -4.831  -10.728 8.661   1.00 16.31 ? 206  ARG A C   1 
ATOM   1320 O  O   . ARG A 1 192 ? -4.429  -10.301 7.578   1.00 16.52 ? 206  ARG A O   1 
ATOM   1321 C  CB  . ARG A 1 192 ? -6.669  -9.205  9.352   1.00 16.14 ? 206  ARG A CB  1 
ATOM   1322 C  CG  . ARG A 1 192 ? -7.247  -8.239  10.341  1.00 17.41 ? 206  ARG A CG  1 
ATOM   1323 C  CD  . ARG A 1 192 ? -8.418  -7.498  9.775   1.00 19.68 ? 206  ARG A CD  1 
ATOM   1324 N  NE  . ARG A 1 192 ? -8.994  -6.589  10.765  1.00 23.87 ? 206  ARG A NE  1 
ATOM   1325 C  CZ  . ARG A 1 192 ? -9.961  -5.713  10.513  1.00 25.54 ? 206  ARG A CZ  1 
ATOM   1326 N  NH1 . ARG A 1 192 ? -10.417 -4.936  11.484  1.00 25.43 ? 206  ARG A NH1 1 
ATOM   1327 N  NH2 . ARG A 1 192 ? -10.469 -5.606  9.292   1.00 27.65 ? 206  ARG A NH2 1 
ATOM   1328 N  N   . ASP A 1 193 ? -4.887  -12.024 8.949   1.00 16.94 ? 207  ASP A N   1 
ATOM   1329 C  CA  . ASP A 1 193 ? -4.505  -13.041 7.975   1.00 16.24 ? 207  ASP A CA  1 
ATOM   1330 C  C   . ASP A 1 193 ? -5.779  -13.814 7.622   1.00 17.02 ? 207  ASP A C   1 
ATOM   1331 O  O   . ASP A 1 193 ? -6.334  -14.537 8.448   1.00 16.34 ? 207  ASP A O   1 
ATOM   1332 C  CB  . ASP A 1 193 ? -3.461  -13.994 8.560   1.00 15.93 ? 207  ASP A CB  1 
ATOM   1333 C  CG  . ASP A 1 193 ? -2.785  -14.820 7.497   1.00 16.61 ? 207  ASP A CG  1 
ATOM   1334 O  OD1 . ASP A 1 193 ? -3.495  -15.317 6.597   1.00 16.28 ? 207  ASP A OD1 1 
ATOM   1335 O  OD2 . ASP A 1 193 ? -1.548  -14.976 7.547   1.00 16.87 ? 207  ASP A OD2 1 
ATOM   1336 N  N   . LYS A 1 194 ? -6.253  -13.646 6.395   1.00 17.85 ? 208  LYS A N   1 
ATOM   1337 C  CA  . LYS A 1 194 ? -7.474  -14.316 5.980   1.00 19.89 ? 208  LYS A CA  1 
ATOM   1338 C  C   . LYS A 1 194 ? -7.246  -15.765 5.565   1.00 19.99 ? 208  LYS A C   1 
ATOM   1339 O  O   . LYS A 1 194 ? -8.190  -16.502 5.316   1.00 20.39 ? 208  LYS A O   1 
ATOM   1340 C  CB  . LYS A 1 194 ? -8.148  -13.514 4.861   1.00 19.35 ? 208  LYS A CB  1 
ATOM   1341 C  CG  . LYS A 1 194 ? -8.490  -12.099 5.299   1.00 20.99 ? 208  LYS A CG  1 
ATOM   1342 C  CD  . LYS A 1 194 ? -9.347  -11.364 4.314   1.00 20.71 ? 208  LYS A CD  1 
ATOM   1343 C  CE  . LYS A 1 194 ? -10.723 -11.952 4.251   1.00 20.79 ? 208  LYS A CE  1 
ATOM   1344 N  NZ  . LYS A 1 194 ? -11.557 -11.248 3.242   1.00 22.72 ? 208  LYS A NZ  1 
ATOM   1345 N  N   . ARG A 1 195 ? -5.990  -16.179 5.514   1.00 20.65 ? 209  ARG A N   1 
ATOM   1346 C  CA  . ARG A 1 195 ? -5.679  -17.553 5.147   1.00 21.78 ? 209  ARG A CA  1 
ATOM   1347 C  C   . ARG A 1 195 ? -5.933  -18.517 6.317   1.00 22.74 ? 209  ARG A C   1 
ATOM   1348 O  O   . ARG A 1 195 ? -6.159  -19.707 6.105   1.00 22.13 ? 209  ARG A O   1 
ATOM   1349 C  CB  . ARG A 1 195 ? -4.217  -17.662 4.696   1.00 20.77 ? 209  ARG A CB  1 
ATOM   1350 C  CG  . ARG A 1 195 ? -3.900  -16.894 3.439   1.00 20.40 ? 209  ARG A CG  1 
ATOM   1351 C  CD  . ARG A 1 195 ? -2.409  -16.790 3.214   1.00 19.80 ? 209  ARG A CD  1 
ATOM   1352 N  NE  . ARG A 1 195 ? -1.739  -16.206 4.376   1.00 19.19 ? 209  ARG A NE  1 
ATOM   1353 C  CZ  . ARG A 1 195 ? -0.454  -15.873 4.418   1.00 18.44 ? 209  ARG A CZ  1 
ATOM   1354 N  NH1 . ARG A 1 195 ? 0.057   -15.353 5.530   1.00 16.38 ? 209  ARG A NH1 1 
ATOM   1355 N  NH2 . ARG A 1 195 ? 0.317   -16.046 3.351   1.00 16.99 ? 209  ARG A NH2 1 
ATOM   1356 N  N   . ASP A 1 196 ? -5.922  -17.997 7.544   1.00 23.54 ? 210  ASP A N   1 
ATOM   1357 C  CA  . ASP A 1 196 ? -6.119  -18.840 8.722   1.00 25.48 ? 210  ASP A CA  1 
ATOM   1358 C  C   . ASP A 1 196 ? -6.769  -18.147 9.921   1.00 25.33 ? 210  ASP A C   1 
ATOM   1359 O  O   . ASP A 1 196 ? -6.807  -18.711 11.016  1.00 25.96 ? 210  ASP A O   1 
ATOM   1360 C  CB  . ASP A 1 196 ? -4.774  -19.414 9.156   1.00 27.58 ? 210  ASP A CB  1 
ATOM   1361 C  CG  . ASP A 1 196 ? -3.844  -18.346 9.695   1.00 30.40 ? 210  ASP A CG  1 
ATOM   1362 O  OD1 . ASP A 1 196 ? -3.844  -17.220 9.146   1.00 32.59 ? 210  ASP A OD1 1 
ATOM   1363 O  OD2 . ASP A 1 196 ? -3.107  -18.634 10.660  1.00 33.45 ? 210  ASP A OD2 1 
ATOM   1364 N  N   . GLY A 1 197 ? -7.252  -16.923 9.734   1.00 23.91 ? 211  GLY A N   1 
ATOM   1365 C  CA  . GLY A 1 197 ? -7.904  -16.221 10.826  1.00 22.57 ? 211  GLY A CA  1 
ATOM   1366 C  C   . GLY A 1 197 ? -7.046  -15.543 11.888  1.00 21.17 ? 211  GLY A C   1 
ATOM   1367 O  O   . GLY A 1 197 ? -7.581  -15.059 12.887  1.00 20.68 ? 211  GLY A O   1 
ATOM   1368 N  N   . LYS A 1 198 ? -5.730  -15.503 11.707  1.00 21.06 ? 212  LYS A N   1 
ATOM   1369 C  CA  . LYS A 1 198 ? -4.886  -14.837 12.692  1.00 21.45 ? 212  LYS A CA  1 
ATOM   1370 C  C   . LYS A 1 198 ? -5.165  -13.342 12.664  1.00 21.78 ? 212  LYS A C   1 
ATOM   1371 O  O   . LYS A 1 198 ? -5.505  -12.783 11.618  1.00 20.66 ? 212  LYS A O   1 
ATOM   1372 C  CB  . LYS A 1 198 ? -3.403  -15.076 12.410  1.00 22.19 ? 212  LYS A CB  1 
ATOM   1373 C  CG  . LYS A 1 198 ? -2.934  -16.461 12.762  1.00 21.88 ? 212  LYS A CG  1 
ATOM   1374 C  CD  . LYS A 1 198 ? -1.430  -16.560 12.745  1.00 24.47 ? 212  LYS A CD  1 
ATOM   1375 C  CE  . LYS A 1 198 ? -0.852  -16.232 11.393  1.00 24.39 ? 212  LYS A CE  1 
ATOM   1376 N  NZ  . LYS A 1 198 ? 0.618   -16.493 11.385  1.00 26.62 ? 212  LYS A NZ  1 
ATOM   1377 N  N   . GLU A 1 199 ? -5.030  -12.699 13.818  1.00 22.95 ? 213  GLU A N   1 
ATOM   1378 C  CA  . GLU A 1 199 ? -5.268  -11.266 13.905  1.00 24.06 ? 213  GLU A CA  1 
ATOM   1379 C  C   . GLU A 1 199 ? -4.567  -10.665 15.117  1.00 23.81 ? 213  GLU A C   1 
ATOM   1380 O  O   . GLU A 1 199 ? -4.476  -11.298 16.172  1.00 23.61 ? 213  GLU A O   1 
ATOM   1381 C  CB  . GLU A 1 199 ? -6.770  -10.980 13.967  1.00 25.85 ? 213  GLU A CB  1 
ATOM   1382 C  CG  . GLU A 1 199 ? -7.088  -9.513  13.894  1.00 30.36 ? 213  GLU A CG  1 
ATOM   1383 C  CD  . GLU A 1 199 ? -8.573  -9.220  13.966  1.00 33.12 ? 213  GLU A CD  1 
ATOM   1384 O  OE1 . GLU A 1 199 ? -8.935  -8.022  13.946  1.00 34.50 ? 213  GLU A OE1 1 
ATOM   1385 O  OE2 . GLU A 1 199 ? -9.372  -10.180 14.038  1.00 35.13 ? 213  GLU A OE2 1 
ATOM   1386 N  N   . ASP A 1 200 ? -4.069  -9.443  14.951  1.00 22.62 ? 214  ASP A N   1 
ATOM   1387 C  CA  . ASP A 1 200 ? -3.353  -8.737  16.011  1.00 22.98 ? 214  ASP A CA  1 
ATOM   1388 C  C   . ASP A 1 200 ? -3.724  -7.259  16.041  1.00 22.13 ? 214  ASP A C   1 
ATOM   1389 O  O   . ASP A 1 200 ? -4.134  -6.694  15.028  1.00 21.21 ? 214  ASP A O   1 
ATOM   1390 C  CB  . ASP A 1 200 ? -1.845  -8.863  15.795  1.00 23.93 ? 214  ASP A CB  1 
ATOM   1391 C  CG  . ASP A 1 200 ? -1.327  -10.255 16.082  1.00 25.92 ? 214  ASP A CG  1 
ATOM   1392 O  OD1 . ASP A 1 200 ? -1.249  -10.628 17.267  1.00 28.04 ? 214  ASP A OD1 1 
ATOM   1393 O  OD2 . ASP A 1 200 ? -1.000  -10.982 15.127  1.00 27.25 ? 214  ASP A OD2 1 
ATOM   1394 N  N   . HIS A 1 201 ? -3.590  -6.648  17.213  1.00 22.28 ? 215  HIS A N   1 
ATOM   1395 C  CA  . HIS A 1 201 ? -3.882  -5.232  17.376  1.00 22.77 ? 215  HIS A CA  1 
ATOM   1396 C  C   . HIS A 1 201 ? -2.760  -4.587  18.173  1.00 22.50 ? 215  HIS A C   1 
ATOM   1397 O  O   . HIS A 1 201 ? -2.590  -4.851  19.362  1.00 22.46 ? 215  HIS A O   1 
ATOM   1398 C  CB  . HIS A 1 201 ? -5.209  -5.020  18.103  1.00 22.92 ? 215  HIS A CB  1 
ATOM   1399 C  CG  . HIS A 1 201 ? -5.654  -3.589  18.140  1.00 24.20 ? 215  HIS A CG  1 
ATOM   1400 N  ND1 . HIS A 1 201 ? -6.794  -3.181  18.803  1.00 25.36 ? 215  HIS A ND1 1 
ATOM   1401 C  CD2 . HIS A 1 201 ? -5.119  -2.472  17.594  1.00 24.61 ? 215  HIS A CD2 1 
ATOM   1402 C  CE1 . HIS A 1 201 ? -6.940  -1.876  18.663  1.00 24.59 ? 215  HIS A CE1 1 
ATOM   1403 N  NE2 . HIS A 1 201 ? -5.937  -1.420  17.933  1.00 23.47 ? 215  HIS A NE2 1 
ATOM   1404 N  N   . PHE A 1 202 ? -1.988  -3.742  17.505  1.00 22.65 ? 216  PHE A N   1 
ATOM   1405 C  CA  . PHE A 1 202 ? -0.878  -3.064  18.149  1.00 23.15 ? 216  PHE A CA  1 
ATOM   1406 C  C   . PHE A 1 202 ? -1.286  -1.637  18.481  1.00 24.99 ? 216  PHE A C   1 
ATOM   1407 O  O   . PHE A 1 202 ? -1.824  -0.915  17.640  1.00 24.70 ? 216  PHE A O   1 
ATOM   1408 C  CB  . PHE A 1 202 ? 0.338   -3.096  17.221  1.00 21.18 ? 216  PHE A CB  1 
ATOM   1409 C  CG  . PHE A 1 202 ? 0.709   -4.482  16.766  1.00 17.97 ? 216  PHE A CG  1 
ATOM   1410 C  CD1 . PHE A 1 202 ? 1.236   -5.407  17.664  1.00 19.00 ? 216  PHE A CD1 1 
ATOM   1411 C  CD2 . PHE A 1 202 ? 0.491   -4.879  15.454  1.00 17.14 ? 216  PHE A CD2 1 
ATOM   1412 C  CE1 . PHE A 1 202 ? 1.540   -6.714  17.256  1.00 19.10 ? 216  PHE A CE1 1 
ATOM   1413 C  CE2 . PHE A 1 202 ? 0.788   -6.176  15.036  1.00 16.42 ? 216  PHE A CE2 1 
ATOM   1414 C  CZ  . PHE A 1 202 ? 1.314   -7.094  15.936  1.00 17.16 ? 216  PHE A CZ  1 
ATOM   1415 N  N   . HIS A 1 203 ? -1.040  -1.248  19.725  1.00 27.12 ? 217  HIS A N   1 
ATOM   1416 C  CA  . HIS A 1 203 ? -1.371  0.081   20.219  1.00 30.37 ? 217  HIS A CA  1 
ATOM   1417 C  C   . HIS A 1 203 ? -0.574  0.239   21.515  1.00 32.06 ? 217  HIS A C   1 
ATOM   1418 O  O   . HIS A 1 203 ? -1.148  0.456   22.582  1.00 33.21 ? 217  HIS A O   1 
ATOM   1419 C  CB  . HIS A 1 203 ? -2.872  0.164   20.520  1.00 30.86 ? 217  HIS A CB  1 
ATOM   1420 C  CG  . HIS A 1 203 ? -3.449  1.542   20.400  1.00 33.48 ? 217  HIS A CG  1 
ATOM   1421 N  ND1 . HIS A 1 203 ? -2.808  2.669   20.872  1.00 33.87 ? 217  HIS A ND1 1 
ATOM   1422 C  CD2 . HIS A 1 203 ? -4.621  1.972   19.874  1.00 34.40 ? 217  HIS A CD2 1 
ATOM   1423 C  CE1 . HIS A 1 203 ? -3.558  3.730   20.641  1.00 34.40 ? 217  HIS A CE1 1 
ATOM   1424 N  NE2 . HIS A 1 203 ? -4.666  3.336   20.036  1.00 34.04 ? 217  HIS A NE2 1 
ATOM   1425 N  N   . TYR A 1 204 ? 0.748   0.128   21.422  1.00 33.48 ? 218  TYR A N   1 
ATOM   1426 C  CA  . TYR A 1 204 ? 1.608   0.218   22.602  1.00 35.34 ? 218  TYR A CA  1 
ATOM   1427 C  C   . TYR A 1 204 ? 1.789   1.589   23.259  1.00 36.87 ? 218  TYR A C   1 
ATOM   1428 O  O   . TYR A 1 204 ? 2.374   2.501   22.674  1.00 36.98 ? 218  TYR A O   1 
ATOM   1429 C  CB  . TYR A 1 204 ? 2.991   -0.374  22.293  1.00 36.25 ? 218  TYR A CB  1 
ATOM   1430 C  CG  . TYR A 1 204 ? 2.972   -1.866  22.030  1.00 36.11 ? 218  TYR A CG  1 
ATOM   1431 C  CD1 . TYR A 1 204 ? 3.002   -2.366  20.728  1.00 35.47 ? 218  TYR A CD1 1 
ATOM   1432 C  CD2 . TYR A 1 204 ? 2.902   -2.779  23.085  1.00 36.75 ? 218  TYR A CD2 1 
ATOM   1433 C  CE1 . TYR A 1 204 ? 2.962   -3.739  20.481  1.00 34.96 ? 218  TYR A CE1 1 
ATOM   1434 C  CE2 . TYR A 1 204 ? 2.860   -4.157  22.848  1.00 36.02 ? 218  TYR A CE2 1 
ATOM   1435 C  CZ  . TYR A 1 204 ? 2.891   -4.628  21.544  1.00 35.49 ? 218  TYR A CZ  1 
ATOM   1436 O  OH  . TYR A 1 204 ? 2.854   -5.984  21.306  1.00 33.45 ? 218  TYR A OH  1 
ATOM   1437 N  N   . GLU A 1 205 ? 1.284   1.695   24.488  1.00 37.82 ? 219  GLU A N   1 
ATOM   1438 C  CA  . GLU A 1 205 ? 1.360   2.888   25.333  1.00 39.13 ? 219  GLU A CA  1 
ATOM   1439 C  C   . GLU A 1 205 ? 1.128   4.220   24.620  1.00 41.17 ? 219  GLU A C   1 
ATOM   1440 O  O   . GLU A 1 205 ? 1.011   4.233   23.370  1.00 43.26 ? 219  GLU A O   1 
ATOM   1441 C  CB  . GLU A 1 205 ? 2.718   2.908   26.049  1.00 38.65 ? 219  GLU A CB  1 
ATOM   1442 C  CG  . GLU A 1 205 ? 2.810   3.787   27.293  1.00 37.98 ? 219  GLU A CG  1 
ATOM   1443 C  CD  . GLU A 1 205 ? 4.177   3.681   27.980  1.00 38.42 ? 219  GLU A CD  1 
ATOM   1444 O  OE1 . GLU A 1 205 ? 4.236   3.257   29.159  1.00 37.52 ? 219  GLU A OE1 1 
ATOM   1445 O  OE2 . GLU A 1 205 ? 5.193   4.017   27.335  1.00 36.62 ? 219  GLU A OE2 1 
ATOM   1446 O  OXT . GLU A 1 205 ? 1.065   5.250   25.336  1.00 19.87 ? 219  GLU A OXT 1 
HETATM 1447 C  C7  . CBN B 2 .   ? 0.831   7.791   -1.587  1.00 14.73 ? 1    CBN A C7  1 
HETATM 1448 C  C8  . CBN B 2 .   ? -0.279  11.967  -0.944  1.00 10.60 ? 1    CBN A C8  1 
HETATM 1449 C  C12 . CBN B 2 .   ? 2.029   11.548  -1.449  1.00 9.90  ? 1    CBN A C12 1 
HETATM 1450 C  C13 . CBN B 2 .   ? 0.809   9.717   -0.101  1.00 11.81 ? 1    CBN A C13 1 
HETATM 1451 C  C21 . CBN B 2 .   ? -0.090  9.478   1.134   1.00 12.52 ? 1    CBN A C21 1 
HETATM 1452 C  C22 . CBN B 2 .   ? 0.567   10.086  2.387   1.00 12.52 ? 1    CBN A C22 1 
HETATM 1453 C  C23 . CBN B 2 .   ? 0.808   11.595  2.080   1.00 11.51 ? 1    CBN A C23 1 
HETATM 1454 C  C24 . CBN B 2 .   ? 0.967   11.253  -0.394  1.00 11.50 ? 1    CBN A C24 1 
HETATM 1455 CL CL1 . CBN B 2 .   ? -3.370  12.839  1.679   1.00 14.40 ? 1    CBN A CL1 1 
HETATM 1456 C  C27 . CBN B 2 .   ? -0.676  13.562  1.976   1.00 14.16 ? 1    CBN A C27 1 
HETATM 1457 C  C28 . CBN B 2 .   ? -2.045  13.971  1.749   1.00 15.46 ? 1    CBN A C28 1 
HETATM 1458 C  C4  . CBN B 2 .   ? -2.331  15.372  1.606   1.00 15.74 ? 1    CBN A C4  1 
HETATM 1459 C  C11 . CBN B 2 .   ? -4.035  17.214  1.581   1.00 15.62 ? 1    CBN A C11 1 
HETATM 1460 C  C31 . CBN B 2 .   ? -2.950  18.237  1.589   1.00 15.37 ? 1    CBN A C31 1 
HETATM 1461 C  C9  . CBN B 2 .   ? -1.638  17.827  1.646   1.00 15.24 ? 1    CBN A C9  1 
HETATM 1462 C  C32 . CBN B 2 .   ? -1.264  16.377  1.682   1.00 15.04 ? 1    CBN A C32 1 
HETATM 1463 C  C33 . CBN B 2 .   ? 0.114   15.950  1.886   1.00 14.52 ? 1    CBN A C33 1 
HETATM 1464 C  C35 . CBN B 2 .   ? 0.414   14.564  2.035   1.00 14.17 ? 1    CBN A C35 1 
HETATM 1465 C  C14 . CBN B 2 .   ? -4.050  20.088  0.340   1.00 13.59 ? 1    CBN A C14 1 
HETATM 1466 C  C15 . CBN B 2 .   ? -3.945  19.585  -1.041  1.00 14.08 ? 1    CBN A C15 1 
HETATM 1467 C  C16 . CBN B 2 .   ? -2.644  19.179  -1.591  1.00 12.02 ? 1    CBN A C16 1 
HETATM 1468 C  C17 . CBN B 2 .   ? -2.521  18.870  -2.991  1.00 13.67 ? 1    CBN A C17 1 
HETATM 1469 C  C18 . CBN B 2 .   ? -3.706  18.979  -3.832  1.00 14.39 ? 1    CBN A C18 1 
HETATM 1470 C  C19 . CBN B 2 .   ? -5.005  19.353  -3.293  1.00 14.28 ? 1    CBN A C19 1 
HETATM 1471 C  C20 . CBN B 2 .   ? -5.130  19.638  -1.895  1.00 13.17 ? 1    CBN A C20 1 
HETATM 1472 C  C25 . CBN B 2 .   ? -1.195  18.420  -3.559  1.00 11.38 ? 1    CBN A C25 1 
HETATM 1473 C  C26 . CBN B 2 .   ? -1.093  16.886  -3.800  1.00 11.48 ? 1    CBN A C26 1 
HETATM 1474 C  C29 . CBN B 2 .   ? -0.396  15.946  -3.139  1.00 11.17 ? 1    CBN A C29 1 
HETATM 1475 C  C30 . CBN B 2 .   ? -0.517  14.544  -3.559  1.00 11.94 ? 1    CBN A C30 1 
HETATM 1476 C  C34 . CBN B 2 .   ? 0.382   16.307  -1.961  1.00 11.16 ? 1    CBN A C34 1 
HETATM 1477 N  N1  . CBN B 2 .   ? -3.311  19.639  1.356   1.00 14.10 ? 1    CBN A N1  1 
HETATM 1478 O  O1  . CBN B 2 .   ? 0.210   9.004   -1.176  1.00 13.57 ? 1    CBN A O1  1 
HETATM 1479 O  O2  . CBN B 2 .   ? -0.309  8.078   1.326   1.00 11.77 ? 1    CBN A O2  1 
HETATM 1480 O  O3  . CBN B 2 .   ? 1.397   11.879  0.810   1.00 10.46 ? 1    CBN A O3  1 
HETATM 1481 O  O4  . CBN B 2 .   ? -0.472  12.195  2.147   1.00 13.05 ? 1    CBN A O4  1 
HETATM 1482 O  O5  . CBN B 2 .   ? -0.619  18.727  1.691   1.00 14.28 ? 1    CBN A O5  1 
HETATM 1483 O  O6  . CBN B 2 .   ? -3.682  15.835  1.515   1.00 16.33 ? 1    CBN A O6  1 
HETATM 1484 O  O7  . CBN B 2 .   ? -5.181  17.510  1.426   1.00 18.12 ? 1    CBN A O7  1 
HETATM 1485 O  O8  . CBN B 2 .   ? -4.757  20.994  0.554   1.00 15.86 ? 1    CBN A O8  1 
HETATM 1486 O  O9  . CBN B 2 .   ? -3.623  18.663  -5.164  1.00 17.44 ? 1    CBN A O9  1 
HETATM 1487 C  C1  . CBN B 2 .   ? -1.602  4.065   1.237   1.00 10.59 ? 1    CBN A C1  1 
HETATM 1488 C  C2  . CBN B 2 .   ? -1.164  5.270   0.909   1.00 10.84 ? 1    CBN A C2  1 
HETATM 1489 C  C3  . CBN B 2 .   ? -1.716  6.231   1.847   1.00 10.57 ? 1    CBN A C3  1 
HETATM 1490 N  N2  . CBN B 2 .   ? -2.554  5.531   2.818   1.00 12.06 ? 1    CBN A N2  1 
HETATM 1491 C  C5  . CBN B 2 .   ? -2.525  4.139   2.357   1.00 10.81 ? 1    CBN A C5  1 
HETATM 1492 C  C6  . CBN B 2 .   ? -3.569  3.262   2.896   1.00 12.08 ? 1    CBN A C6  1 
HETATM 1493 C  C10 . CBN B 2 .   ? -1.437  7.643   1.985   1.00 10.88 ? 1    CBN A C10 1 
HETATM 1494 O  O10 . CBN B 2 .   ? -2.144  8.394   2.629   1.00 12.61 ? 1    CBN A O10 1 
HETATM 1495 O  O11 . CBN B 2 .   ? 1.756   9.333   2.653   1.00 11.75 ? 1    CBN A O11 1 
HETATM 1496 O  O   . HOH C 3 .   ? -5.208  8.594   3.388   1.00 5.93  ? 1001 HOH A O   1 
HETATM 1497 O  O   . HOH C 3 .   ? -3.443  21.489  6.259   1.00 26.75 ? 1002 HOH A O   1 
HETATM 1498 O  O   . HOH C 3 .   ? 9.745   0.569   3.886   1.00 13.37 ? 1003 HOH A O   1 
HETATM 1499 O  O   . HOH C 3 .   ? 10.461  1.300   1.167   1.00 28.81 ? 1004 HOH A O   1 
HETATM 1500 O  O   . HOH C 3 .   ? 12.222  -13.934 4.041   1.00 40.25 ? 1006 HOH A O   1 
HETATM 1501 O  O   . HOH C 3 .   ? 7.058   4.829   9.298   1.00 16.29 ? 1007 HOH A O   1 
HETATM 1502 O  O   . HOH C 3 .   ? 10.102  10.390  -11.938 1.00 30.70 ? 1008 HOH A O   1 
HETATM 1503 O  O   . HOH C 3 .   ? 5.511   9.035   -6.523  1.00 7.45  ? 1009 HOH A O   1 
HETATM 1504 O  O   . HOH C 3 .   ? -8.816  2.565   8.762   1.00 12.52 ? 1010 HOH A O   1 
HETATM 1505 O  O   . HOH C 3 .   ? -4.511  -1.212  22.624  1.00 42.42 ? 1011 HOH A O   1 
HETATM 1506 O  O   . HOH C 3 .   ? -3.545  -10.082 -12.372 1.00 32.68 ? 1012 HOH A O   1 
HETATM 1507 O  O   . HOH C 3 .   ? -7.582  -14.268 16.043  1.00 33.99 ? 1013 HOH A O   1 
HETATM 1508 O  O   . HOH C 3 .   ? -0.042  -20.360 -4.469  1.00 38.94 ? 1014 HOH A O   1 
HETATM 1509 O  O   . HOH C 3 .   ? -10.874 4.088   1.307   1.00 13.01 ? 1015 HOH A O   1 
HETATM 1510 O  O   . HOH C 3 .   ? -17.022 14.190  -10.215 1.00 34.18 ? 1016 HOH A O   1 
HETATM 1511 O  O   . HOH C 3 .   ? -0.293  8.323   -15.885 1.00 33.92 ? 1017 HOH A O   1 
HETATM 1512 O  O   . HOH C 3 .   ? -12.166 -10.211 -9.326  1.00 31.46 ? 1018 HOH A O   1 
HETATM 1513 O  O   . HOH C 3 .   ? 0.589   2.500   18.669  1.00 17.42 ? 1019 HOH A O   1 
HETATM 1514 O  O   . HOH C 3 .   ? 10.934  8.117   16.535  1.00 45.52 ? 1020 HOH A O   1 
HETATM 1515 O  O   . HOH C 3 .   ? 2.524   -16.614 7.632   1.00 14.28 ? 1021 HOH A O   1 
HETATM 1516 O  O   . HOH C 3 .   ? 4.137   -16.202 9.912   1.00 22.21 ? 1022 HOH A O   1 
HETATM 1517 O  O   . HOH C 3 .   ? -3.029  -10.563 -9.780  1.00 41.24 ? 1023 HOH A O   1 
HETATM 1518 O  O   . HOH C 3 .   ? 2.877   -17.128 -4.856  1.00 21.75 ? 1024 HOH A O   1 
HETATM 1519 O  O   . HOH C 3 .   ? 17.854  -6.765  -10.957 1.00 28.68 ? 1025 HOH A O   1 
HETATM 1520 O  O   . HOH C 3 .   ? -13.701 2.338   5.630   1.00 34.30 ? 1026 HOH A O   1 
HETATM 1521 O  O   . HOH C 3 .   ? 7.635   -16.245 -9.531  1.00 22.61 ? 1027 HOH A O   1 
HETATM 1522 O  O   . HOH C 3 .   ? 9.355   -7.525  -14.849 1.00 26.18 ? 1028 HOH A O   1 
HETATM 1523 O  O   . HOH C 3 .   ? 7.271   -7.334  -13.163 1.00 17.38 ? 1029 HOH A O   1 
HETATM 1524 O  O   . HOH C 3 .   ? -10.319 -5.167  -1.829  1.00 16.73 ? 1030 HOH A O   1 
HETATM 1525 O  O   . HOH C 3 .   ? -7.839  -4.024  -15.916 1.00 31.36 ? 1031 HOH A O   1 
HETATM 1526 O  O   . HOH C 3 .   ? -15.760 12.035  1.958   1.00 14.49 ? 1032 HOH A O   1 
HETATM 1527 O  O   . HOH C 3 .   ? -6.994  10.509  -13.252 1.00 22.31 ? 1033 HOH A O   1 
HETATM 1528 O  O   . HOH C 3 .   ? -11.133 3.851   -12.916 1.00 18.04 ? 1034 HOH A O   1 
HETATM 1529 O  O   . HOH C 3 .   ? 7.259   -5.207  -20.636 1.00 31.28 ? 1036 HOH A O   1 
HETATM 1530 O  O   . HOH C 3 .   ? 0.303   -2.226  -11.017 1.00 10.31 ? 1037 HOH A O   1 
HETATM 1531 O  O   . HOH C 3 .   ? 12.141  -1.132  0.448   1.00 25.74 ? 1039 HOH A O   1 
HETATM 1532 O  O   . HOH C 3 .   ? 17.724  -5.991  -0.055  1.00 18.39 ? 1040 HOH A O   1 
HETATM 1533 O  O   . HOH C 3 .   ? 14.453  -19.121 0.339   1.00 34.42 ? 1041 HOH A O   1 
HETATM 1534 O  O   . HOH C 3 .   ? 18.977  -15.130 4.044   1.00 49.31 ? 1043 HOH A O   1 
HETATM 1535 O  O   . HOH C 3 .   ? 22.186  -10.626 0.848   1.00 53.97 ? 1044 HOH A O   1 
HETATM 1536 O  O   . HOH C 3 .   ? 20.439  -5.204  -1.319  1.00 14.66 ? 1046 HOH A O   1 
HETATM 1537 O  O   . HOH C 3 .   ? 7.414   5.599   11.872  1.00 25.85 ? 1047 HOH A O   1 
HETATM 1538 O  O   . HOH C 3 .   ? 8.887   8.644   -3.786  1.00 25.58 ? 1049 HOH A O   1 
HETATM 1539 O  O   . HOH C 3 .   ? 11.963  -1.677  -19.203 1.00 40.44 ? 1050 HOH A O   1 
HETATM 1540 O  O   . HOH C 3 .   ? 8.857   6.540   -6.325  1.00 35.77 ? 1053 HOH A O   1 
HETATM 1541 O  O   . HOH C 3 .   ? -5.957  17.419  12.590  1.00 35.71 ? 1054 HOH A O   1 
HETATM 1542 O  O   . HOH C 3 .   ? -0.989  20.094  7.413   1.00 39.72 ? 1057 HOH A O   1 
HETATM 1543 O  O   . HOH C 3 .   ? 20.333  2.902   0.254   1.00 23.59 ? 1058 HOH A O   1 
HETATM 1544 O  O   . HOH C 3 .   ? 21.068  0.410   0.632   1.00 25.24 ? 1059 HOH A O   1 
HETATM 1545 O  O   . HOH C 3 .   ? 5.153   4.170   -12.879 1.00 48.12 ? 1061 HOH A O   1 
HETATM 1546 O  O   . HOH C 3 .   ? 14.860  1.583   -18.183 1.00 36.97 ? 1063 HOH A O   1 
HETATM 1547 O  O   . HOH C 3 .   ? 4.160   16.119  8.546   1.00 40.18 ? 1064 HOH A O   1 
HETATM 1548 O  O   . HOH C 3 .   ? 2.212   15.177  4.642   1.00 22.99 ? 1065 HOH A O   1 
HETATM 1549 O  O   . HOH C 3 .   ? 0.999   12.621  5.114   1.00 14.13 ? 1066 HOH A O   1 
HETATM 1550 O  O   . HOH C 3 .   ? 0.287   17.079  -10.287 1.00 23.75 ? 1068 HOH A O   1 
HETATM 1551 O  O   . HOH C 3 .   ? -3.811  11.404  14.107  1.00 36.61 ? 1070 HOH A O   1 
HETATM 1552 O  O   . HOH C 3 .   ? 17.075  1.206   -12.897 1.00 33.43 ? 1071 HOH A O   1 
HETATM 1553 O  O   . HOH C 3 .   ? -6.903  -4.100  5.028   1.00 10.39 ? 1072 HOH A O   1 
HETATM 1554 O  O   . HOH C 3 .   ? -12.101 -2.045  2.739   1.00 34.13 ? 1073 HOH A O   1 
HETATM 1555 O  O   . HOH C 3 .   ? -2.919  23.903  -0.757  1.00 22.72 ? 1074 HOH A O   1 
HETATM 1556 O  O   . HOH C 3 .   ? -15.307 17.601  -8.841  1.00 34.19 ? 1075 HOH A O   1 
HETATM 1557 O  O   . HOH C 3 .   ? -11.373 15.082  -11.720 1.00 60.21 ? 1076 HOH A O   1 
HETATM 1558 O  O   . HOH C 3 .   ? -5.746  6.951   -18.426 1.00 26.93 ? 1078 HOH A O   1 
HETATM 1559 O  O   . HOH C 3 .   ? 9.905   -4.237  -20.572 1.00 52.26 ? 1081 HOH A O   1 
HETATM 1560 O  O   . HOH C 3 .   ? 8.404   -6.937  16.936  1.00 14.93 ? 1082 HOH A O   1 
HETATM 1561 O  O   . HOH C 3 .   ? -8.758  12.550  8.500   1.00 17.69 ? 1084 HOH A O   1 
HETATM 1562 O  O   . HOH C 3 .   ? 16.992  0.449   -0.612  1.00 13.35 ? 1087 HOH A O   1 
HETATM 1563 O  O   . HOH C 3 .   ? -15.940 20.602  -9.178  1.00 51.42 ? 1088 HOH A O   1 
HETATM 1564 O  O   . HOH C 3 .   ? -12.503 12.286  13.787  1.00 48.31 ? 1089 HOH A O   1 
HETATM 1565 O  O   . HOH C 3 .   ? -8.134  -6.476  -14.504 1.00 33.69 ? 1090 HOH A O   1 
HETATM 1566 O  O   . HOH C 3 .   ? -10.940 -1.141  19.805  1.00 26.79 ? 1092 HOH A O   1 
HETATM 1567 O  O   . HOH C 3 .   ? -11.063 -6.675  14.819  1.00 39.73 ? 1093 HOH A O   1 
HETATM 1568 O  O   . HOH C 3 .   ? 3.546   -0.573  26.796  1.00 28.06 ? 1097 HOH A O   1 
HETATM 1569 O  O   . HOH C 3 .   ? -12.427 8.028   10.362  1.00 19.90 ? 1099 HOH A O   1 
HETATM 1570 O  O   . HOH C 3 .   ? 11.714  -10.608 -1.954  1.00 13.24 ? 1100 HOH A O   1 
HETATM 1571 O  O   . HOH C 3 .   ? 14.643  -17.148 2.377   1.00 32.95 ? 1101 HOH A O   1 
HETATM 1572 O  O   . HOH C 3 .   ? -3.957  -7.984  19.717  1.00 28.55 ? 1102 HOH A O   1 
HETATM 1573 O  O   . HOH C 3 .   ? -1.115  -3.127  24.128  1.00 36.34 ? 1103 HOH A O   1 
HETATM 1574 O  O   . HOH C 3 .   ? 7.048   -18.288 -0.622  1.00 23.89 ? 1104 HOH A O   1 
HETATM 1575 O  O   . HOH C 3 .   ? -12.879 -2.350  -3.297  1.00 32.47 ? 1105 HOH A O   1 
HETATM 1576 O  O   . HOH C 3 .   ? -14.218 -3.733  1.171   1.00 40.48 ? 1106 HOH A O   1 
HETATM 1577 O  O   . HOH C 3 .   ? 9.606   -20.339 11.588  1.00 39.92 ? 1107 HOH A O   1 
HETATM 1578 O  O   . HOH C 3 .   ? 2.621   -20.275 10.479  1.00 47.88 ? 1108 HOH A O   1 
HETATM 1579 O  O   . HOH C 3 .   ? -1.321  -14.274 16.122  1.00 20.06 ? 1109 HOH A O   1 
HETATM 1580 O  O   . HOH C 3 .   ? 1.421   -10.009 19.454  1.00 36.56 ? 1110 HOH A O   1 
HETATM 1581 O  O   . HOH C 3 .   ? 7.958   9.249   13.922  1.00 42.79 ? 1111 HOH A O   1 
HETATM 1582 O  O   . HOH C 3 .   ? 3.603   9.739   18.499  1.00 36.23 ? 1113 HOH A O   1 
HETATM 1583 O  O   . HOH C 3 .   ? -1.987  4.958   23.688  1.00 48.10 ? 1114 HOH A O   1 
HETATM 1584 O  O   . HOH C 3 .   ? 6.146   -0.124  25.854  1.00 57.50 ? 1118 HOH A O   1 
HETATM 1585 O  O   . HOH C 3 .   ? -4.107  -3.833  22.064  1.00 37.67 ? 1119 HOH A O   1 
HETATM 1586 O  O   . HOH C 3 .   ? 19.805  -3.584  -3.812  1.00 24.04 ? 1121 HOH A O   1 
HETATM 1587 O  O   . HOH C 3 .   ? 14.091  6.126   -13.243 1.00 29.44 ? 1122 HOH A O   1 
HETATM 1588 O  O   . HOH C 3 .   ? 17.977  -8.783  -5.857  1.00 29.58 ? 1123 HOH A O   1 
HETATM 1589 O  O   . HOH C 3 .   ? 13.979  -7.283  10.836  1.00 35.28 ? 1124 HOH A O   1 
HETATM 1590 O  O   . HOH C 3 .   ? 11.288  -13.095 -3.043  1.00 17.25 ? 1126 HOH A O   1 
HETATM 1591 O  O   . HOH C 3 .   ? 15.185  -11.784 4.182   1.00 41.98 ? 1127 HOH A O   1 
HETATM 1592 O  O   . HOH C 3 .   ? 5.289   -12.684 -5.143  1.00 33.22 ? 1128 HOH A O   1 
HETATM 1593 O  O   . HOH C 3 .   ? 11.384  -1.415  6.188   1.00 31.76 ? 1129 HOH A O   1 
HETATM 1594 O  O   . HOH C 3 .   ? 7.198   8.875   0.020   1.00 38.26 ? 1130 HOH A O   1 
HETATM 1595 O  O   . HOH C 3 .   ? 6.657   7.644   4.125   1.00 25.20 ? 1131 HOH A O   1 
HETATM 1596 O  O   . HOH C 3 .   ? 4.097   13.508  8.226   1.00 30.79 ? 1132 HOH A O   1 
HETATM 1597 O  O   . HOH C 3 .   ? -8.966  10.043  11.674  1.00 28.99 ? 1134 HOH A O   1 
HETATM 1598 O  O   . HOH C 3 .   ? -9.085  4.270   16.276  1.00 47.20 ? 1135 HOH A O   1 
HETATM 1599 O  O   . HOH C 3 .   ? -12.067 -1.491  13.244  1.00 41.17 ? 1136 HOH A O   1 
HETATM 1600 O  O   . HOH C 3 .   ? -12.898 0.271   8.693   1.00 34.43 ? 1137 HOH A O   1 
HETATM 1601 O  O   . HOH C 3 .   ? -12.567 -1.874  7.088   1.00 52.33 ? 1138 HOH A O   1 
HETATM 1602 O  O   . HOH C 3 .   ? -11.548 -4.319  6.448   1.00 25.26 ? 1139 HOH A O   1 
HETATM 1603 O  O   . HOH C 3 .   ? -13.041 -3.139  11.245  1.00 25.83 ? 1140 HOH A O   1 
HETATM 1604 O  O   . HOH C 3 .   ? -11.206 -6.532  3.874   1.00 26.47 ? 1141 HOH A O   1 
HETATM 1605 O  O   . HOH C 3 .   ? -9.339  -4.287  0.690   1.00 37.31 ? 1142 HOH A O   1 
HETATM 1606 O  O   . HOH C 3 .   ? 4.150   -18.737 6.174   1.00 35.58 ? 1143 HOH A O   1 
HETATM 1607 O  O   . HOH C 3 .   ? -8.704  -13.419 1.404   1.00 19.58 ? 1144 HOH A O   1 
HETATM 1608 O  O   . HOH C 3 .   ? -11.726 -15.747 3.830   1.00 24.76 ? 1145 HOH A O   1 
HETATM 1609 O  O   . HOH C 3 .   ? -0.600  -16.323 0.064   1.00 24.20 ? 1146 HOH A O   1 
HETATM 1610 O  O   . HOH C 3 .   ? -7.018  -6.543  15.352  1.00 28.45 ? 1147 HOH A O   1 
HETATM 1611 O  O   . HOH C 3 .   ? -14.706 -9.083  -9.867  1.00 47.53 ? 1148 HOH A O   1 
HETATM 1612 O  O   . HOH C 3 .   ? 0.168   -0.435  9.683   1.00 63.39 ? 1149 HOH A O   1 
HETATM 1613 O  O   . HOH C 3 .   ? -12.218 5.506   5.824   1.00 26.72 ? 1150 HOH A O   1 
HETATM 1614 O  O   . HOH C 3 .   ? -9.865  3.729   3.749   1.00 13.23 ? 1151 HOH A O   1 
HETATM 1615 O  O   . HOH C 3 .   ? 0.744   17.140  6.020   1.00 21.02 ? 1152 HOH A O   1 
HETATM 1616 O  O   . HOH C 3 .   ? -6.899  19.178  2.211   1.00 42.16 ? 1154 HOH A O   1 
HETATM 1617 O  O   . HOH C 3 .   ? -10.348 15.326  6.436   1.00 25.68 ? 1155 HOH A O   1 
HETATM 1618 O  O   . HOH C 3 .   ? -12.784 15.261  2.112   1.00 28.77 ? 1156 HOH A O   1 
HETATM 1619 O  O   . HOH C 3 .   ? -8.521  18.304  -3.423  1.00 22.56 ? 1157 HOH A O   1 
HETATM 1620 O  O   . HOH C 3 .   ? -11.910 18.766  3.815   1.00 41.10 ? 1158 HOH A O   1 
HETATM 1621 O  O   . HOH C 3 .   ? -9.708  12.779  -10.769 1.00 47.84 ? 1159 HOH A O   1 
HETATM 1622 O  O   . HOH C 3 .   ? -5.742  18.052  -6.475  1.00 20.35 ? 1160 HOH A O   1 
HETATM 1623 O  O   . HOH C 3 .   ? 17.396  5.676   1.901   1.00 18.00 ? 1161 HOH A O   1 
HETATM 1624 O  O   . HOH C 3 .   ? 4.701   7.621   -2.042  1.00 19.15 ? 1162 HOH A O   1 
HETATM 1625 O  O   . HOH C 3 .   ? -2.894  2.719   -5.252  1.00 59.25 ? 1164 HOH A O   1 
HETATM 1626 O  O   . HOH C 3 .   ? 7.583   7.317   -13.913 1.00 38.06 ? 1165 HOH A O   1 
HETATM 1627 O  O   . HOH C 3 .   ? 7.610   4.491   -11.468 1.00 27.13 ? 1166 HOH A O   1 
HETATM 1628 O  O   . HOH C 3 .   ? -18.339 0.091   -8.647  1.00 29.73 ? 1167 HOH A O   1 
HETATM 1629 O  O   . HOH C 3 .   ? -16.878 2.062   0.957   1.00 35.59 ? 1168 HOH A O   1 
HETATM 1630 O  O   . HOH C 3 .   ? -12.469 -1.183  -7.759  1.00 34.10 ? 1169 HOH A O   1 
HETATM 1631 O  O   . HOH C 3 .   ? -8.421  -7.912  17.288  1.00 30.72 ? 1171 HOH A O   1 
HETATM 1632 O  O   . HOH C 3 .   ? 4.441   10.123  2.730   1.00 20.03 ? 1172 HOH A O   1 
HETATM 1633 O  O   . HOH C 3 .   ? -0.820  18.658  -8.368  1.00 23.53 ? 1173 HOH A O   1 
HETATM 1634 O  O   . HOH C 3 .   ? -3.442  17.321  -10.115 1.00 25.31 ? 1174 HOH A O   1 
HETATM 1635 O  O   . HOH C 3 .   ? -9.346  17.320  2.623   1.00 20.70 ? 1175 HOH A O   1 
HETATM 1636 O  O   . HOH C 3 .   ? -7.249  21.588  1.226   1.00 20.90 ? 1176 HOH A O   1 
HETATM 1637 O  O   . HOH C 3 .   ? -11.920 1.242   1.300   1.00 26.63 ? 1177 HOH A O   1 
HETATM 1638 O  O   . HOH C 3 .   ? -2.036  -5.505  21.773  1.00 32.76 ? 1178 HOH A O   1 
HETATM 1639 O  O   . HOH C 3 .   ? 12.242  -8.838  5.273   1.00 21.09 ? 1179 HOH A O   1 
HETATM 1640 O  O   . HOH C 3 .   ? 0.199   9.996   16.343  1.00 25.20 ? 1180 HOH A O   1 
HETATM 1641 O  O   . HOH C 3 .   ? -3.075  19.147  9.201   1.00 35.57 ? 1181 HOH A O   1 
HETATM 1642 O  O   . HOH C 3 .   ? -12.326 17.632  6.401   1.00 33.18 ? 1182 HOH A O   1 
HETATM 1643 O  O   . HOH C 3 .   ? 4.094   -2.854  7.191   1.00 32.87 ? 1183 HOH A O   1 
HETATM 1644 O  O   . HOH C 3 .   ? -10.877 -15.989 6.818   1.00 23.93 ? 1184 HOH A O   1 
HETATM 1645 O  O   . HOH C 3 .   ? -9.084  -4.552  19.481  1.00 19.79 ? 1185 HOH A O   1 
HETATM 1646 O  O   . HOH C 3 .   ? 5.560   -5.514  -12.374 1.00 28.02 ? 1186 HOH A O   1 
HETATM 1647 O  O   . HOH C 3 .   ? 3.133   -4.542  -19.668 1.00 44.17 ? 1187 HOH A O   1 
HETATM 1648 O  O   . HOH C 3 .   ? -2.934  -5.118  -19.071 1.00 32.06 ? 1188 HOH A O   1 
HETATM 1649 O  O   . HOH C 3 .   ? -11.126 -6.987  -15.466 1.00 27.72 ? 1189 HOH A O   1 
HETATM 1650 O  O   . HOH C 3 .   ? 5.727   -8.536  -16.724 1.00 28.57 ? 1190 HOH A O   1 
HETATM 1651 O  O   . HOH C 3 .   ? -17.720 5.282   -12.437 1.00 26.67 ? 1191 HOH A O   1 
HETATM 1652 O  O   . HOH C 3 .   ? -10.158 14.781  3.053   1.00 28.48 ? 1192 HOH A O   1 
HETATM 1653 O  O   . HOH C 3 .   ? 14.389  -20.954 2.289   1.00 40.20 ? 1193 HOH A O   1 
HETATM 1654 O  O   . HOH C 3 .   ? 7.011   -17.496 2.184   1.00 32.13 ? 1194 HOH A O   1 
HETATM 1655 O  O   . HOH C 3 .   ? -7.923  -12.648 10.065  1.00 31.81 ? 1195 HOH A O   1 
HETATM 1656 O  O   . HOH C 3 .   ? 11.052  -19.116 9.587   1.00 39.82 ? 1196 HOH A O   1 
HETATM 1657 O  O   . HOH C 3 .   ? 9.291   0.134   7.532   1.00 21.62 ? 1197 HOH A O   1 
HETATM 1658 O  O   . HOH C 3 .   ? 10.035  -7.732  10.141  1.00 19.75 ? 1198 HOH A O   1 
HETATM 1659 O  O   . HOH C 3 .   ? -2.763  -12.705 17.877  1.00 33.05 ? 1199 HOH A O   1 
# 
